data_5L3N
#
_entry.id   5L3N
#
_entity_poly.entity_id   1
_entity_poly.type   'polypeptide(L)'
_entity_poly.pdbx_seq_one_letter_code
;AYRPSETLCGGELVDTLQFVCGDRGFYFNRPASRVSRRSPQRGIVEECCFRSCDLALLETYCATPAKSE
;
_entity_poly.pdbx_strand_id   A
#
# COMPACT_ATOMS: atom_id res chain seq x y z
N ALA A 1 14.62 0.98 -12.57
CA ALA A 1 16.03 1.01 -12.07
C ALA A 1 16.05 0.77 -10.56
N TYR A 2 17.17 0.32 -10.03
CA TYR A 2 17.29 0.05 -8.59
C TYR A 2 17.06 1.33 -7.79
N ARG A 3 16.39 1.21 -6.65
CA ARG A 3 16.20 2.33 -5.74
C ARG A 3 16.76 1.87 -4.39
N PRO A 4 17.42 2.78 -3.65
CA PRO A 4 17.94 2.36 -2.34
C PRO A 4 16.82 2.06 -1.35
N SER A 5 15.65 2.64 -1.60
CA SER A 5 14.46 2.40 -0.80
C SER A 5 13.41 1.76 -1.69
N GLU A 6 13.68 0.54 -2.14
CA GLU A 6 12.76 -0.21 -3.00
C GLU A 6 11.85 -1.10 -2.14
N THR A 7 11.97 -0.96 -0.83
CA THR A 7 11.16 -1.69 0.13
C THR A 7 10.64 -0.69 1.16
N LEU A 8 9.48 -0.97 1.73
CA LEU A 8 8.86 -0.14 2.76
C LEU A 8 8.25 -1.03 3.79
N CYS A 9 8.17 -0.53 4.99
CA CYS A 9 7.48 -1.26 6.06
C CYS A 9 6.93 -0.31 7.12
N GLY A 10 5.95 -0.78 7.87
CA GLY A 10 5.36 0.04 8.92
C GLY A 10 4.79 1.34 8.38
N GLY A 11 5.09 2.43 9.08
CA GLY A 11 4.62 3.74 8.69
C GLY A 11 5.17 4.23 7.36
N GLU A 12 6.31 3.71 6.91
CA GLU A 12 6.87 4.12 5.62
C GLU A 12 5.94 3.69 4.51
N LEU A 13 5.38 2.50 4.66
CA LEU A 13 4.52 1.94 3.64
C LEU A 13 3.21 2.71 3.62
N VAL A 14 2.70 3.03 4.80
CA VAL A 14 1.49 3.83 4.93
C VAL A 14 1.69 5.21 4.30
N ASP A 15 2.82 5.85 4.59
CA ASP A 15 3.07 7.18 4.06
C ASP A 15 3.15 7.19 2.54
N THR A 16 3.72 6.16 1.96
CA THR A 16 3.77 6.07 0.51
C THR A 16 2.38 5.82 -0.07
N LEU A 17 1.58 5.01 0.59
CA LEU A 17 0.20 4.78 0.15
C LEU A 17 -0.61 6.08 0.24
N GLN A 18 -0.37 6.86 1.27
CA GLN A 18 -1.00 8.18 1.42
C GLN A 18 -0.52 9.13 0.33
N PHE A 19 0.68 8.92 -0.19
CA PHE A 19 1.19 9.77 -1.25
C PHE A 19 0.59 9.40 -2.62
N VAL A 20 0.57 8.12 -2.98
CA VAL A 20 0.08 7.72 -4.31
C VAL A 20 -1.45 7.81 -4.39
N CYS A 21 -2.15 7.56 -3.28
CA CYS A 21 -3.62 7.53 -3.28
C CYS A 21 -4.25 8.78 -2.69
N GLY A 22 -3.47 9.53 -1.94
CA GLY A 22 -4.00 10.60 -1.13
C GLY A 22 -4.58 9.99 0.14
N ASP A 23 -4.93 10.82 1.10
CA ASP A 23 -5.56 10.35 2.35
C ASP A 23 -7.01 9.90 2.10
N ARG A 24 -7.43 10.02 0.85
CA ARG A 24 -8.76 9.61 0.41
C ARG A 24 -9.05 8.14 0.72
N GLY A 25 -8.00 7.33 0.78
CA GLY A 25 -8.14 5.95 1.19
C GLY A 25 -7.39 4.95 0.34
N PHE A 26 -7.01 3.85 0.97
CA PHE A 26 -6.30 2.76 0.31
C PHE A 26 -6.55 1.49 1.11
N TYR A 27 -6.28 0.36 0.49
CA TYR A 27 -6.37 -0.94 1.13
C TYR A 27 -4.97 -1.32 1.57
N PHE A 28 -4.85 -2.28 2.48
CA PHE A 28 -3.54 -2.73 2.91
C PHE A 28 -3.50 -4.20 2.56
N ASN A 29 -4.57 -4.88 2.97
CA ASN A 29 -4.70 -6.31 2.69
C ASN A 29 -6.01 -6.63 2.03
N ARG A 30 -6.60 -5.60 1.46
CA ARG A 30 -7.87 -5.71 0.72
C ARG A 30 -8.90 -6.62 1.41
N PRO A 31 -9.16 -6.40 2.71
CA PRO A 31 -9.89 -7.47 3.41
C PRO A 31 -11.38 -7.55 3.11
N ALA A 32 -11.94 -6.37 2.88
CA ALA A 32 -13.37 -6.18 2.58
C ALA A 32 -14.28 -6.83 3.64
N SER A 33 -13.79 -6.89 4.86
CA SER A 33 -14.51 -7.52 5.96
C SER A 33 -14.08 -6.85 7.25
N ARG A 34 -14.90 -6.97 8.29
CA ARG A 34 -14.66 -6.30 9.57
C ARG A 34 -15.01 -7.20 10.75
N VAL A 35 -15.04 -8.51 10.50
CA VAL A 35 -15.48 -9.47 11.52
C VAL A 35 -14.52 -9.59 12.71
N SER A 36 -13.22 -9.49 12.45
CA SER A 36 -12.22 -9.59 13.51
C SER A 36 -10.89 -9.13 12.93
N ARG A 37 -9.85 -9.18 13.76
CA ARG A 37 -8.48 -8.93 13.30
C ARG A 37 -7.64 -10.16 13.62
N ARG A 38 -8.29 -11.32 13.65
CA ARG A 38 -7.61 -12.59 13.91
C ARG A 38 -7.21 -13.25 12.60
N SER A 39 -7.51 -12.57 11.51
CA SER A 39 -7.24 -13.08 10.16
C SER A 39 -6.24 -12.19 9.40
N PRO A 40 -4.92 -12.44 9.56
CA PRO A 40 -3.93 -11.62 8.86
C PRO A 40 -3.79 -11.97 7.36
N GLN A 41 -4.78 -11.57 6.59
CA GLN A 41 -4.80 -11.82 5.15
C GLN A 41 -3.62 -11.09 4.49
N ARG A 42 -3.01 -11.73 3.50
CA ARG A 42 -1.85 -11.15 2.80
C ARG A 42 -2.24 -9.87 2.06
N GLY A 43 -1.25 -9.03 1.79
CA GLY A 43 -1.48 -7.78 1.09
C GLY A 43 -0.21 -7.07 0.69
N ILE A 44 -0.28 -5.75 0.66
CA ILE A 44 0.81 -4.88 0.24
C ILE A 44 2.12 -5.15 0.98
N VAL A 45 2.05 -5.53 2.25
CA VAL A 45 3.25 -5.77 3.03
C VAL A 45 4.08 -6.89 2.39
N GLU A 46 3.40 -7.90 1.86
CA GLU A 46 4.08 -9.03 1.25
C GLU A 46 4.72 -8.66 -0.07
N GLU A 47 4.27 -7.57 -0.65
CA GLU A 47 4.80 -7.11 -1.93
C GLU A 47 5.85 -6.02 -1.75
N CYS A 48 5.77 -5.26 -0.67
CA CYS A 48 6.67 -4.12 -0.44
C CYS A 48 7.63 -4.22 0.75
N CYS A 49 7.40 -5.12 1.69
CA CYS A 49 8.30 -5.29 2.84
C CYS A 49 8.98 -6.65 2.76
N PHE A 50 8.20 -7.69 2.51
CA PHE A 50 8.75 -9.04 2.35
C PHE A 50 9.35 -9.20 0.95
N ARG A 51 9.06 -8.25 0.06
CA ARG A 51 9.61 -8.19 -1.30
C ARG A 51 9.73 -6.72 -1.65
N SER A 52 10.29 -6.44 -2.81
CA SER A 52 10.45 -5.09 -3.31
C SER A 52 9.28 -4.69 -4.19
N CYS A 53 8.95 -3.40 -4.22
CA CYS A 53 7.87 -2.90 -5.05
C CYS A 53 8.14 -1.47 -5.55
N ASP A 54 7.38 -1.07 -6.55
CA ASP A 54 7.45 0.28 -7.11
C ASP A 54 6.20 1.03 -6.69
N LEU A 55 6.21 2.35 -6.84
CA LEU A 55 5.04 3.18 -6.51
C LEU A 55 3.84 2.76 -7.33
N ALA A 56 4.11 2.25 -8.51
CA ALA A 56 3.08 1.87 -9.46
C ALA A 56 2.37 0.59 -9.00
N LEU A 57 3.13 -0.36 -8.48
CA LEU A 57 2.56 -1.58 -7.90
C LEU A 57 1.74 -1.19 -6.69
N LEU A 58 2.33 -0.32 -5.89
CA LEU A 58 1.72 0.14 -4.66
C LEU A 58 0.41 0.88 -4.88
N GLU A 59 0.33 1.64 -5.96
CA GLU A 59 -0.86 2.39 -6.33
C GLU A 59 -2.09 1.51 -6.63
N THR A 60 -1.87 0.25 -6.95
CA THR A 60 -2.99 -0.66 -7.24
C THR A 60 -3.87 -0.90 -6.01
N TYR A 61 -3.34 -0.59 -4.84
CA TYR A 61 -4.08 -0.75 -3.58
C TYR A 61 -4.96 0.46 -3.23
N CYS A 62 -4.99 1.49 -4.06
CA CYS A 62 -5.83 2.65 -3.74
C CYS A 62 -7.31 2.28 -3.70
N ALA A 63 -8.06 2.99 -2.87
CA ALA A 63 -9.49 2.74 -2.69
C ALA A 63 -10.30 3.69 -3.58
N THR A 64 -9.71 4.09 -4.69
CA THR A 64 -10.35 5.01 -5.62
C THR A 64 -9.80 4.59 -6.99
N PRO A 65 -10.57 4.79 -8.07
CA PRO A 65 -10.08 4.41 -9.40
C PRO A 65 -9.06 5.39 -9.93
N ALA A 66 -8.32 4.97 -10.95
CA ALA A 66 -7.39 5.85 -11.64
C ALA A 66 -8.21 6.93 -12.33
N LYS A 67 -7.68 8.15 -12.37
CA LYS A 67 -8.40 9.27 -12.99
C LYS A 67 -7.46 10.11 -13.86
N SER A 68 -6.49 9.43 -14.44
CA SER A 68 -5.53 10.06 -15.35
C SER A 68 -6.17 10.07 -16.74
N GLU A 69 -6.89 11.14 -17.04
CA GLU A 69 -7.61 11.29 -18.29
C GLU A 69 -7.78 12.79 -18.50
N ALA A 1 20.36 10.14 5.54
CA ALA A 1 20.65 10.26 4.08
C ALA A 1 19.44 9.82 3.27
N TYR A 2 19.35 10.24 2.02
CA TYR A 2 18.25 9.85 1.15
C TYR A 2 18.28 8.34 0.87
N ARG A 3 17.09 7.74 0.74
CA ARG A 3 16.96 6.33 0.35
C ARG A 3 15.94 6.37 -0.78
N PRO A 4 16.08 5.48 -1.79
CA PRO A 4 15.02 5.43 -2.81
C PRO A 4 13.72 4.87 -2.25
N SER A 5 13.83 4.12 -1.15
CA SER A 5 12.69 3.58 -0.42
C SER A 5 11.71 2.78 -1.30
N GLU A 6 12.25 1.87 -2.09
CA GLU A 6 11.45 0.98 -2.94
C GLU A 6 10.81 -0.09 -2.06
N THR A 7 11.25 -0.12 -0.80
CA THR A 7 10.71 -1.02 0.18
C THR A 7 10.37 -0.27 1.42
N LEU A 8 9.24 -0.65 1.97
CA LEU A 8 8.66 -0.02 3.11
C LEU A 8 8.10 -1.03 4.03
N CYS A 9 8.11 -0.67 5.29
CA CYS A 9 7.54 -1.51 6.32
C CYS A 9 6.82 -0.64 7.35
N GLY A 10 5.81 -1.21 8.00
CA GLY A 10 5.10 -0.49 9.04
C GLY A 10 4.49 0.82 8.55
N GLY A 11 4.78 1.88 9.28
CA GLY A 11 4.25 3.19 8.94
C GLY A 11 4.85 3.82 7.70
N GLU A 12 6.02 3.38 7.27
CA GLU A 12 6.64 3.94 6.07
C GLU A 12 5.78 3.59 4.86
N LEU A 13 5.20 2.40 4.91
CA LEU A 13 4.36 1.91 3.83
C LEU A 13 3.08 2.70 3.76
N VAL A 14 2.56 3.06 4.93
CA VAL A 14 1.37 3.90 5.02
C VAL A 14 1.68 5.26 4.41
N ASP A 15 2.85 5.78 4.71
CA ASP A 15 3.26 7.08 4.18
C ASP A 15 3.34 7.04 2.66
N THR A 16 3.94 6.00 2.10
CA THR A 16 4.05 5.88 0.65
C THR A 16 2.68 5.71 0.00
N LEU A 17 1.81 4.92 0.64
CA LEU A 17 0.44 4.75 0.14
C LEU A 17 -0.33 6.08 0.15
N GLN A 18 -0.10 6.91 1.17
CA GLN A 18 -0.69 8.25 1.21
C GLN A 18 -0.07 9.16 0.14
N PHE A 19 1.19 8.94 -0.19
CA PHE A 19 1.85 9.75 -1.21
C PHE A 19 1.24 9.50 -2.60
N VAL A 20 0.97 8.25 -2.94
CA VAL A 20 0.47 7.94 -4.30
C VAL A 20 -1.02 8.23 -4.50
N CYS A 21 -1.81 8.17 -3.43
CA CYS A 21 -3.28 8.33 -3.54
C CYS A 21 -3.94 9.28 -2.53
N GLY A 22 -3.15 9.95 -1.71
CA GLY A 22 -3.69 10.90 -0.75
C GLY A 22 -4.25 10.25 0.50
N ASP A 23 -4.93 11.07 1.30
CA ASP A 23 -5.58 10.63 2.54
C ASP A 23 -6.89 9.92 2.23
N ARG A 24 -7.21 9.84 0.94
CA ARG A 24 -8.45 9.25 0.45
C ARG A 24 -8.59 7.76 0.77
N GLY A 25 -7.50 7.17 1.23
CA GLY A 25 -7.54 5.79 1.69
C GLY A 25 -7.05 4.77 0.69
N PHE A 26 -6.73 3.61 1.23
CA PHE A 26 -6.19 2.50 0.45
C PHE A 26 -6.45 1.23 1.23
N TYR A 27 -6.27 0.12 0.56
CA TYR A 27 -6.44 -1.19 1.17
C TYR A 27 -5.05 -1.72 1.46
N PHE A 28 -4.89 -2.55 2.49
CA PHE A 28 -3.58 -3.13 2.75
C PHE A 28 -3.59 -4.55 2.23
N ASN A 29 -4.78 -5.11 2.11
CA ASN A 29 -4.95 -6.49 1.69
C ASN A 29 -6.31 -6.74 1.06
N ARG A 30 -6.91 -5.65 0.60
CA ARG A 30 -8.18 -5.68 -0.12
C ARG A 30 -9.22 -6.65 0.47
N PRO A 31 -9.50 -6.53 1.78
CA PRO A 31 -10.22 -7.65 2.38
C PRO A 31 -11.72 -7.64 2.18
N ALA A 32 -12.23 -6.42 2.10
CA ALA A 32 -13.67 -6.12 1.95
C ALA A 32 -14.56 -6.80 3.00
N SER A 33 -13.98 -7.06 4.16
CA SER A 33 -14.67 -7.76 5.24
C SER A 33 -13.92 -7.49 6.54
N ARG A 34 -14.42 -8.05 7.64
CA ARG A 34 -13.80 -7.86 8.97
C ARG A 34 -13.43 -9.19 9.61
N VAL A 35 -13.35 -10.22 8.79
CA VAL A 35 -13.07 -11.59 9.27
C VAL A 35 -11.64 -12.01 8.97
N SER A 36 -10.99 -11.21 8.15
CA SER A 36 -9.63 -11.47 7.70
C SER A 36 -8.57 -11.05 8.70
N ARG A 37 -7.30 -11.13 8.27
CA ARG A 37 -6.13 -10.84 9.10
C ARG A 37 -6.05 -11.76 10.31
N ARG A 38 -6.75 -12.88 10.21
CA ARG A 38 -6.76 -13.90 11.26
C ARG A 38 -5.72 -14.99 10.98
N SER A 39 -4.95 -14.78 9.92
CA SER A 39 -3.98 -15.76 9.45
C SER A 39 -2.97 -14.98 8.62
N PRO A 40 -1.78 -15.55 8.35
CA PRO A 40 -0.91 -14.84 7.42
C PRO A 40 -1.46 -14.88 5.99
N GLN A 41 -1.97 -13.75 5.53
CA GLN A 41 -2.50 -13.62 4.20
C GLN A 41 -1.74 -12.48 3.51
N ARG A 42 -1.66 -12.54 2.19
CA ARG A 42 -0.90 -11.54 1.46
C ARG A 42 -1.57 -10.17 1.43
N GLY A 43 -0.76 -9.17 1.13
CA GLY A 43 -1.22 -7.80 1.04
C GLY A 43 -0.08 -6.97 0.52
N ILE A 44 -0.23 -5.65 0.50
CA ILE A 44 0.83 -4.75 0.02
C ILE A 44 2.08 -4.90 0.89
N VAL A 45 1.89 -5.26 2.15
CA VAL A 45 3.02 -5.47 3.05
C VAL A 45 3.90 -6.62 2.53
N GLU A 46 3.34 -7.61 1.86
CA GLU A 46 4.16 -8.69 1.32
C GLU A 46 4.86 -8.23 0.07
N GLU A 47 4.27 -7.27 -0.62
CA GLU A 47 4.84 -6.76 -1.86
C GLU A 47 6.00 -5.80 -1.60
N CYS A 48 5.89 -5.02 -0.53
CA CYS A 48 6.87 -3.95 -0.26
C CYS A 48 7.74 -4.12 0.98
N CYS A 49 7.40 -5.03 1.89
CA CYS A 49 8.21 -5.27 3.10
C CYS A 49 8.90 -6.63 3.01
N PHE A 50 8.19 -7.63 2.52
CA PHE A 50 8.76 -8.97 2.34
C PHE A 50 9.36 -9.12 0.94
N ARG A 51 9.06 -8.15 0.07
CA ARG A 51 9.61 -8.09 -1.29
C ARG A 51 9.84 -6.63 -1.62
N SER A 52 10.27 -6.37 -2.83
CA SER A 52 10.43 -5.03 -3.34
C SER A 52 9.26 -4.71 -4.26
N CYS A 53 8.87 -3.45 -4.29
CA CYS A 53 7.74 -3.01 -5.12
C CYS A 53 8.08 -1.66 -5.73
N ASP A 54 7.15 -1.12 -6.50
CA ASP A 54 7.32 0.19 -7.12
C ASP A 54 6.04 0.97 -6.82
N LEU A 55 6.09 2.29 -6.99
CA LEU A 55 4.93 3.16 -6.75
C LEU A 55 3.74 2.72 -7.59
N ALA A 56 4.00 2.21 -8.78
CA ALA A 56 2.95 1.80 -9.69
C ALA A 56 2.24 0.55 -9.15
N LEU A 57 3.00 -0.40 -8.63
CA LEU A 57 2.44 -1.61 -8.03
C LEU A 57 1.66 -1.21 -6.78
N LEU A 58 2.25 -0.33 -6.01
CA LEU A 58 1.69 0.14 -4.77
C LEU A 58 0.36 0.87 -4.95
N GLU A 59 0.24 1.62 -6.03
CA GLU A 59 -0.97 2.36 -6.37
C GLU A 59 -2.18 1.45 -6.61
N THR A 60 -1.95 0.21 -7.03
CA THR A 60 -3.04 -0.73 -7.31
C THR A 60 -3.85 -1.08 -6.06
N TYR A 61 -3.31 -0.81 -4.90
CA TYR A 61 -3.99 -1.08 -3.64
C TYR A 61 -4.87 0.10 -3.16
N CYS A 62 -4.90 1.20 -3.90
CA CYS A 62 -5.68 2.37 -3.49
C CYS A 62 -7.19 2.13 -3.44
N ALA A 63 -7.89 2.93 -2.64
CA ALA A 63 -9.31 2.76 -2.41
C ALA A 63 -10.18 3.48 -3.43
N THR A 64 -9.59 4.40 -4.17
CA THR A 64 -10.33 5.24 -5.09
C THR A 64 -9.38 5.67 -6.23
N PRO A 65 -9.90 5.87 -7.45
CA PRO A 65 -9.07 6.29 -8.59
C PRO A 65 -8.74 7.78 -8.58
N ALA A 66 -7.76 8.15 -9.40
CA ALA A 66 -7.42 9.55 -9.64
C ALA A 66 -8.21 10.01 -10.86
N LYS A 67 -8.23 11.31 -11.10
CA LYS A 67 -8.76 11.86 -12.35
C LYS A 67 -7.77 12.88 -12.89
N SER A 68 -7.20 12.54 -14.04
CA SER A 68 -6.32 13.44 -14.75
C SER A 68 -7.15 13.96 -15.89
N GLU A 69 -7.35 15.27 -15.89
CA GLU A 69 -8.10 15.99 -16.93
C GLU A 69 -7.38 17.31 -17.17
N ALA A 1 24.09 4.83 7.22
CA ALA A 1 24.04 5.67 5.98
C ALA A 1 22.76 5.37 5.21
N TYR A 2 22.34 6.31 4.38
CA TYR A 2 21.12 6.14 3.57
C TYR A 2 21.29 5.00 2.56
N ARG A 3 20.18 4.36 2.21
CA ARG A 3 20.14 3.34 1.17
C ARG A 3 18.95 3.72 0.30
N PRO A 4 18.94 3.34 -0.98
CA PRO A 4 17.79 3.72 -1.82
C PRO A 4 16.48 3.06 -1.39
N SER A 5 16.60 1.94 -0.68
CA SER A 5 15.47 1.30 -0.01
C SER A 5 14.23 1.05 -0.88
N GLU A 6 14.36 0.14 -1.84
CA GLU A 6 13.23 -0.30 -2.70
C GLU A 6 12.20 -1.17 -1.95
N THR A 7 12.13 -1.01 -0.64
CA THR A 7 11.26 -1.79 0.23
C THR A 7 10.66 -0.85 1.26
N LEU A 8 9.40 -1.08 1.57
CA LEU A 8 8.69 -0.30 2.57
C LEU A 8 8.02 -1.22 3.55
N CYS A 9 8.01 -0.78 4.78
CA CYS A 9 7.44 -1.55 5.87
C CYS A 9 6.57 -0.62 6.71
N GLY A 10 6.04 -1.12 7.82
CA GLY A 10 5.12 -0.34 8.65
C GLY A 10 5.50 1.12 8.85
N GLY A 11 4.51 1.98 8.73
CA GLY A 11 4.75 3.42 8.80
C GLY A 11 5.15 4.01 7.46
N GLU A 12 6.30 3.60 6.95
CA GLU A 12 6.80 4.14 5.68
C GLU A 12 5.92 3.72 4.50
N LEU A 13 5.44 2.49 4.54
CA LEU A 13 4.57 1.97 3.48
C LEU A 13 3.24 2.71 3.51
N VAL A 14 2.75 3.00 4.71
CA VAL A 14 1.51 3.74 4.90
C VAL A 14 1.66 5.14 4.33
N ASP A 15 2.76 5.79 4.63
CA ASP A 15 2.98 7.15 4.17
C ASP A 15 3.06 7.21 2.65
N THR A 16 3.70 6.22 2.05
CA THR A 16 3.78 6.16 0.59
C THR A 16 2.40 5.91 -0.02
N LEU A 17 1.59 5.07 0.62
CA LEU A 17 0.22 4.84 0.15
C LEU A 17 -0.61 6.11 0.25
N GLN A 18 -0.39 6.89 1.31
CA GLN A 18 -1.06 8.19 1.47
C GLN A 18 -0.57 9.17 0.41
N PHE A 19 0.64 8.95 -0.12
CA PHE A 19 1.16 9.81 -1.19
C PHE A 19 0.57 9.45 -2.56
N VAL A 20 0.65 8.19 -2.98
CA VAL A 20 0.20 7.81 -4.33
C VAL A 20 -1.33 7.86 -4.49
N CYS A 21 -2.05 7.65 -3.39
CA CYS A 21 -3.52 7.63 -3.43
C CYS A 21 -4.08 8.95 -2.93
N GLY A 22 -3.22 9.73 -2.30
CA GLY A 22 -3.68 10.93 -1.61
C GLY A 22 -4.46 10.53 -0.38
N ASP A 23 -5.17 11.50 0.16
CA ASP A 23 -6.05 11.32 1.31
C ASP A 23 -7.30 10.46 0.98
N ARG A 24 -7.38 9.95 -0.25
CA ARG A 24 -8.58 9.24 -0.71
C ARG A 24 -8.70 7.82 -0.15
N GLY A 25 -7.66 7.37 0.52
CA GLY A 25 -7.71 6.08 1.19
C GLY A 25 -7.18 4.94 0.36
N PHE A 26 -6.87 3.84 1.03
CA PHE A 26 -6.26 2.68 0.39
C PHE A 26 -6.53 1.41 1.20
N TYR A 27 -6.28 0.28 0.55
CA TYR A 27 -6.36 -1.03 1.17
C TYR A 27 -4.94 -1.44 1.55
N PHE A 28 -4.79 -2.47 2.37
CA PHE A 28 -3.45 -2.96 2.70
C PHE A 28 -3.40 -4.41 2.30
N ASN A 29 -4.50 -5.10 2.54
CA ASN A 29 -4.64 -6.51 2.19
C ASN A 29 -6.05 -6.82 1.72
N ARG A 30 -6.69 -5.79 1.17
CA ARG A 30 -8.01 -5.91 0.51
C ARG A 30 -8.99 -6.84 1.22
N PRO A 31 -9.23 -6.62 2.52
CA PRO A 31 -9.91 -7.70 3.23
C PRO A 31 -11.41 -7.74 3.07
N ALA A 32 -11.98 -6.54 3.00
CA ALA A 32 -13.43 -6.31 2.89
C ALA A 32 -14.25 -7.04 3.97
N SER A 33 -13.62 -7.27 5.12
CA SER A 33 -14.23 -8.01 6.22
C SER A 33 -13.61 -7.59 7.55
N ARG A 34 -14.32 -7.89 8.64
CA ARG A 34 -13.86 -7.54 10.00
C ARG A 34 -12.93 -8.61 10.57
N VAL A 35 -12.03 -9.11 9.74
CA VAL A 35 -11.10 -10.17 10.16
C VAL A 35 -10.10 -9.65 11.22
N SER A 36 -9.88 -8.34 11.21
CA SER A 36 -8.96 -7.64 12.12
C SER A 36 -7.49 -8.04 11.89
N ARG A 37 -6.60 -7.34 12.58
CA ARG A 37 -5.15 -7.53 12.40
C ARG A 37 -4.66 -8.86 12.99
N ARG A 38 -5.53 -9.55 13.72
CA ARG A 38 -5.20 -10.84 14.32
C ARG A 38 -4.90 -11.90 13.26
N SER A 39 -5.41 -11.68 12.05
CA SER A 39 -5.21 -12.60 10.94
C SER A 39 -4.55 -11.85 9.79
N PRO A 40 -3.21 -11.76 9.80
CA PRO A 40 -2.65 -11.11 8.61
C PRO A 40 -2.82 -11.99 7.39
N GLN A 41 -3.29 -11.37 6.31
CA GLN A 41 -3.49 -12.03 5.03
C GLN A 41 -2.66 -11.26 4.03
N ARG A 42 -2.42 -11.88 2.86
CA ARG A 42 -1.54 -11.30 1.85
C ARG A 42 -1.98 -9.91 1.42
N GLY A 43 -1.01 -9.06 1.16
CA GLY A 43 -1.28 -7.69 0.77
C GLY A 43 0.00 -6.99 0.41
N ILE A 44 -0.09 -5.67 0.26
CA ILE A 44 1.05 -4.83 -0.13
C ILE A 44 2.25 -5.01 0.81
N VAL A 45 2.01 -5.31 2.06
CA VAL A 45 3.10 -5.56 2.99
C VAL A 45 3.96 -6.76 2.56
N GLU A 46 3.37 -7.79 1.98
CA GLU A 46 4.17 -8.93 1.53
C GLU A 46 4.89 -8.56 0.24
N GLU A 47 4.30 -7.64 -0.51
CA GLU A 47 4.85 -7.24 -1.80
C GLU A 47 5.93 -6.16 -1.68
N CYS A 48 5.90 -5.38 -0.61
CA CYS A 48 6.87 -4.30 -0.43
C CYS A 48 7.76 -4.36 0.82
N CYS A 49 7.41 -5.16 1.82
CA CYS A 49 8.27 -5.32 3.01
C CYS A 49 9.02 -6.64 2.94
N PHE A 50 8.32 -7.70 2.54
CA PHE A 50 8.92 -9.02 2.39
C PHE A 50 9.50 -9.20 0.98
N ARG A 51 9.12 -8.29 0.09
CA ARG A 51 9.65 -8.24 -1.29
C ARG A 51 9.81 -6.77 -1.60
N SER A 52 10.20 -6.45 -2.82
CA SER A 52 10.36 -5.09 -3.27
C SER A 52 9.17 -4.68 -4.13
N CYS A 53 8.78 -3.41 -4.06
CA CYS A 53 7.68 -2.91 -4.89
C CYS A 53 7.99 -1.51 -5.41
N ASP A 54 7.26 -1.11 -6.42
CA ASP A 54 7.38 0.22 -7.03
C ASP A 54 6.13 0.99 -6.68
N LEU A 55 6.16 2.32 -6.87
CA LEU A 55 4.99 3.17 -6.62
C LEU A 55 3.80 2.72 -7.46
N ALA A 56 4.12 2.13 -8.59
CA ALA A 56 3.12 1.71 -9.55
C ALA A 56 2.37 0.46 -9.05
N LEU A 57 3.11 -0.48 -8.47
CA LEU A 57 2.51 -1.67 -7.87
C LEU A 57 1.69 -1.23 -6.66
N LEU A 58 2.29 -0.33 -5.90
CA LEU A 58 1.70 0.20 -4.69
C LEU A 58 0.38 0.95 -4.92
N GLU A 59 0.30 1.67 -6.03
CA GLU A 59 -0.89 2.42 -6.40
C GLU A 59 -2.13 1.55 -6.62
N THR A 60 -1.92 0.29 -6.98
CA THR A 60 -3.05 -0.62 -7.22
C THR A 60 -3.91 -0.84 -5.97
N TYR A 61 -3.33 -0.56 -4.81
CA TYR A 61 -4.05 -0.71 -3.54
C TYR A 61 -4.90 0.50 -3.16
N CYS A 62 -4.95 1.55 -3.98
CA CYS A 62 -5.78 2.71 -3.67
C CYS A 62 -7.25 2.31 -3.58
N ALA A 63 -8.01 2.98 -2.71
CA ALA A 63 -9.40 2.63 -2.50
C ALA A 63 -10.29 3.14 -3.65
N THR A 64 -9.77 4.10 -4.38
CA THR A 64 -10.44 4.67 -5.54
C THR A 64 -9.30 5.21 -6.40
N PRO A 65 -9.46 5.27 -7.73
CA PRO A 65 -8.38 5.76 -8.59
C PRO A 65 -8.20 7.26 -8.53
N ALA A 66 -7.02 7.72 -8.96
CA ALA A 66 -6.75 9.15 -9.08
C ALA A 66 -7.55 9.68 -10.27
N LYS A 67 -7.83 10.97 -10.26
CA LYS A 67 -8.45 11.61 -11.42
C LYS A 67 -7.87 12.98 -11.67
N SER A 68 -7.18 13.10 -12.80
CA SER A 68 -6.64 14.38 -13.28
C SER A 68 -5.66 14.92 -12.26
N GLU A 69 -4.98 13.97 -11.64
CA GLU A 69 -3.91 14.21 -10.67
C GLU A 69 -2.74 13.42 -11.23
N ALA A 1 24.21 8.06 2.79
CA ALA A 1 24.58 6.86 1.98
C ALA A 1 23.40 6.42 1.13
N TYR A 2 23.66 5.91 -0.06
CA TYR A 2 22.58 5.45 -0.94
C TYR A 2 22.00 4.14 -0.43
N ARG A 3 20.70 3.95 -0.67
CA ARG A 3 20.01 2.69 -0.37
C ARG A 3 19.16 2.45 -1.60
N PRO A 4 18.94 1.19 -2.02
CA PRO A 4 18.10 0.98 -3.19
C PRO A 4 16.64 1.35 -2.92
N SER A 5 16.24 1.29 -1.66
CA SER A 5 14.94 1.76 -1.18
C SER A 5 13.70 1.25 -1.94
N GLU A 6 13.79 0.03 -2.43
CA GLU A 6 12.68 -0.60 -3.15
C GLU A 6 11.74 -1.31 -2.17
N THR A 7 11.95 -1.08 -0.89
CA THR A 7 11.15 -1.72 0.16
C THR A 7 10.68 -0.71 1.18
N LEU A 8 9.48 -0.93 1.67
CA LEU A 8 8.87 -0.08 2.70
C LEU A 8 8.26 -0.98 3.73
N CYS A 9 8.17 -0.48 4.94
CA CYS A 9 7.50 -1.22 6.00
C CYS A 9 7.00 -0.28 7.08
N GLY A 10 6.02 -0.75 7.84
CA GLY A 10 5.46 0.06 8.91
C GLY A 10 4.90 1.37 8.38
N GLY A 11 5.20 2.45 9.07
CA GLY A 11 4.73 3.77 8.67
C GLY A 11 5.27 4.26 7.35
N GLU A 12 6.38 3.72 6.87
CA GLU A 12 6.93 4.14 5.58
C GLU A 12 6.00 3.72 4.46
N LEU A 13 5.43 2.53 4.62
CA LEU A 13 4.56 1.98 3.60
C LEU A 13 3.26 2.76 3.60
N VAL A 14 2.78 3.08 4.80
CA VAL A 14 1.57 3.89 4.96
C VAL A 14 1.78 5.27 4.34
N ASP A 15 2.92 5.89 4.61
CA ASP A 15 3.24 7.21 4.06
C ASP A 15 3.18 7.22 2.53
N THR A 16 3.74 6.20 1.91
CA THR A 16 3.72 6.13 0.45
C THR A 16 2.31 5.88 -0.07
N LEU A 17 1.53 5.07 0.62
CA LEU A 17 0.13 4.82 0.21
C LEU A 17 -0.69 6.10 0.35
N GLN A 18 -0.44 6.89 1.38
CA GLN A 18 -1.09 8.19 1.57
C GLN A 18 -0.68 9.15 0.46
N PHE A 19 0.49 8.96 -0.11
CA PHE A 19 0.94 9.80 -1.22
C PHE A 19 0.30 9.39 -2.56
N VAL A 20 0.39 8.13 -2.94
CA VAL A 20 -0.10 7.71 -4.27
C VAL A 20 -1.64 7.69 -4.36
N CYS A 21 -2.31 7.46 -3.23
CA CYS A 21 -3.78 7.36 -3.20
C CYS A 21 -4.47 8.52 -2.51
N GLY A 22 -3.69 9.33 -1.80
CA GLY A 22 -4.25 10.32 -0.91
C GLY A 22 -4.55 9.67 0.43
N ASP A 23 -4.60 10.49 1.47
CA ASP A 23 -4.87 10.00 2.84
C ASP A 23 -6.31 9.49 3.00
N ARG A 24 -7.12 9.73 1.97
CA ARG A 24 -8.55 9.42 2.03
C ARG A 24 -8.85 7.92 2.13
N GLY A 25 -7.89 7.08 1.78
CA GLY A 25 -8.05 5.64 1.95
C GLY A 25 -7.34 4.77 0.95
N PHE A 26 -6.91 3.61 1.41
CA PHE A 26 -6.19 2.64 0.59
C PHE A 26 -6.37 1.27 1.23
N TYR A 27 -6.05 0.23 0.47
CA TYR A 27 -6.12 -1.15 0.93
C TYR A 27 -4.75 -1.47 1.53
N PHE A 28 -4.71 -2.34 2.53
CA PHE A 28 -3.44 -2.78 3.09
C PHE A 28 -3.36 -4.30 3.05
N ASN A 29 -4.53 -4.92 3.12
CA ASN A 29 -4.63 -6.38 3.20
C ASN A 29 -5.82 -6.87 2.40
N ARG A 30 -6.20 -6.07 1.42
CA ARG A 30 -7.26 -6.43 0.47
C ARG A 30 -8.54 -6.90 1.12
N PRO A 31 -9.12 -6.05 1.99
CA PRO A 31 -10.18 -6.63 2.81
C PRO A 31 -11.51 -6.83 2.10
N ALA A 32 -11.86 -5.83 1.30
CA ALA A 32 -13.13 -5.78 0.54
C ALA A 32 -14.39 -6.01 1.39
N SER A 33 -14.26 -5.74 2.68
CA SER A 33 -15.33 -5.94 3.65
C SER A 33 -15.03 -5.07 4.85
N ARG A 34 -16.05 -4.78 5.64
CA ARG A 34 -15.89 -3.94 6.84
C ARG A 34 -16.28 -4.70 8.11
N VAL A 35 -16.30 -6.01 8.00
CA VAL A 35 -16.67 -6.89 9.13
C VAL A 35 -15.55 -7.89 9.48
N SER A 36 -14.61 -8.02 8.57
CA SER A 36 -13.53 -8.98 8.71
C SER A 36 -12.54 -8.50 9.75
N ARG A 37 -12.05 -9.44 10.56
CA ARG A 37 -11.06 -9.16 11.61
C ARG A 37 -9.64 -8.99 11.07
N ARG A 38 -9.51 -8.52 9.84
CA ARG A 38 -8.21 -8.29 9.18
C ARG A 38 -7.33 -9.55 9.24
N SER A 39 -7.91 -10.67 8.87
CA SER A 39 -7.25 -11.97 8.92
C SER A 39 -5.92 -11.96 8.13
N PRO A 40 -4.94 -12.78 8.56
CA PRO A 40 -3.64 -12.78 7.87
C PRO A 40 -3.70 -13.42 6.47
N GLN A 41 -3.82 -12.57 5.47
CA GLN A 41 -3.88 -12.97 4.08
C GLN A 41 -2.94 -12.01 3.36
N ARG A 42 -2.47 -12.36 2.17
CA ARG A 42 -1.48 -11.53 1.46
C ARG A 42 -1.99 -10.12 1.22
N GLY A 43 -1.12 -9.16 1.48
CA GLY A 43 -1.44 -7.75 1.36
C GLY A 43 -0.27 -6.95 0.81
N ILE A 44 -0.32 -5.63 0.90
CA ILE A 44 0.73 -4.76 0.36
C ILE A 44 2.07 -5.01 1.04
N VAL A 45 2.04 -5.41 2.30
CA VAL A 45 3.26 -5.68 3.06
C VAL A 45 4.05 -6.82 2.38
N GLU A 46 3.32 -7.76 1.79
CA GLU A 46 3.95 -8.91 1.15
C GLU A 46 4.57 -8.54 -0.16
N GLU A 47 4.12 -7.45 -0.76
CA GLU A 47 4.69 -6.97 -2.01
C GLU A 47 5.85 -6.00 -1.75
N CYS A 48 5.72 -5.19 -0.71
CA CYS A 48 6.66 -4.09 -0.46
C CYS A 48 7.62 -4.23 0.73
N CYS A 49 7.39 -5.16 1.63
CA CYS A 49 8.27 -5.36 2.78
C CYS A 49 8.91 -6.74 2.75
N PHE A 50 8.10 -7.77 2.51
CA PHE A 50 8.61 -9.13 2.37
C PHE A 50 9.23 -9.30 0.97
N ARG A 51 8.86 -8.40 0.06
CA ARG A 51 9.40 -8.35 -1.30
C ARG A 51 9.61 -6.88 -1.61
N SER A 52 10.07 -6.59 -2.81
CA SER A 52 10.31 -5.22 -3.25
C SER A 52 9.22 -4.77 -4.20
N CYS A 53 8.87 -3.49 -4.16
CA CYS A 53 7.81 -2.94 -5.00
C CYS A 53 8.12 -1.51 -5.43
N ASP A 54 7.38 -1.02 -6.41
CA ASP A 54 7.47 0.36 -6.88
C ASP A 54 6.20 1.07 -6.52
N LEU A 55 6.19 2.41 -6.63
CA LEU A 55 4.99 3.21 -6.37
C LEU A 55 3.85 2.78 -7.27
N ALA A 56 4.20 2.27 -8.43
CA ALA A 56 3.27 1.88 -9.45
C ALA A 56 2.53 0.60 -9.05
N LEU A 57 3.24 -0.34 -8.44
CA LEU A 57 2.63 -1.56 -7.92
C LEU A 57 1.78 -1.17 -6.73
N LEU A 58 2.34 -0.32 -5.89
CA LEU A 58 1.70 0.14 -4.68
C LEU A 58 0.38 0.89 -4.93
N GLU A 59 0.32 1.62 -6.02
CA GLU A 59 -0.88 2.36 -6.43
C GLU A 59 -2.09 1.44 -6.69
N THR A 60 -1.85 0.19 -7.06
CA THR A 60 -2.95 -0.74 -7.33
C THR A 60 -3.81 -1.02 -6.08
N TYR A 61 -3.26 -0.69 -4.91
CA TYR A 61 -3.97 -0.86 -3.65
C TYR A 61 -4.81 0.37 -3.26
N CYS A 62 -4.95 1.37 -4.13
CA CYS A 62 -5.80 2.52 -3.79
C CYS A 62 -7.26 2.08 -3.58
N ALA A 63 -7.95 2.75 -2.66
CA ALA A 63 -9.31 2.34 -2.30
C ALA A 63 -10.31 2.50 -3.43
N THR A 64 -10.13 3.55 -4.22
CA THR A 64 -11.02 3.86 -5.34
C THR A 64 -10.22 4.81 -6.24
N PRO A 65 -10.51 4.82 -7.56
CA PRO A 65 -9.79 5.73 -8.46
C PRO A 65 -10.29 7.18 -8.38
N ALA A 66 -9.57 8.08 -9.02
CA ALA A 66 -9.95 9.49 -9.12
C ALA A 66 -10.28 9.79 -10.58
N LYS A 67 -10.93 10.92 -10.83
CA LYS A 67 -11.14 11.39 -12.19
C LYS A 67 -10.46 12.73 -12.37
N SER A 68 -9.42 12.74 -13.18
CA SER A 68 -8.74 13.98 -13.56
C SER A 68 -8.35 13.82 -15.03
N GLU A 69 -8.79 14.75 -15.86
CA GLU A 69 -8.52 14.75 -17.30
C GLU A 69 -8.85 16.16 -17.76
N ALA A 1 24.52 8.71 2.90
CA ALA A 1 24.37 8.32 1.46
C ALA A 1 22.97 7.77 1.21
N TYR A 2 22.42 8.07 0.04
CA TYR A 2 21.07 7.64 -0.30
C TYR A 2 21.06 6.16 -0.76
N ARG A 3 19.88 5.54 -0.67
CA ARG A 3 19.66 4.19 -1.21
C ARG A 3 18.33 4.27 -1.93
N PRO A 4 18.13 3.53 -3.03
CA PRO A 4 16.84 3.61 -3.73
C PRO A 4 15.67 3.08 -2.91
N SER A 5 15.96 2.17 -1.97
CA SER A 5 14.99 1.72 -0.97
C SER A 5 13.61 1.32 -1.50
N GLU A 6 13.56 0.37 -2.43
CA GLU A 6 12.29 -0.13 -2.98
C GLU A 6 11.57 -1.09 -2.02
N THR A 7 11.79 -0.92 -0.73
CA THR A 7 11.15 -1.73 0.29
C THR A 7 10.60 -0.83 1.38
N LEU A 8 9.40 -1.15 1.83
CA LEU A 8 8.69 -0.36 2.82
C LEU A 8 8.02 -1.25 3.82
N CYS A 9 7.87 -0.73 5.02
CA CYS A 9 7.17 -1.46 6.06
C CYS A 9 6.65 -0.48 7.11
N GLY A 10 5.65 -0.89 7.85
CA GLY A 10 5.09 -0.04 8.90
C GLY A 10 4.60 1.29 8.37
N GLY A 11 4.90 2.35 9.11
CA GLY A 11 4.48 3.69 8.72
C GLY A 11 5.09 4.19 7.42
N GLU A 12 6.24 3.66 7.01
CA GLU A 12 6.86 4.09 5.76
C GLU A 12 6.00 3.65 4.58
N LEU A 13 5.39 2.48 4.72
CA LEU A 13 4.53 1.96 3.66
C LEU A 13 3.25 2.78 3.63
N VAL A 14 2.72 3.10 4.80
CA VAL A 14 1.53 3.94 4.92
C VAL A 14 1.75 5.30 4.30
N ASP A 15 2.89 5.92 4.58
CA ASP A 15 3.21 7.24 4.04
C ASP A 15 3.20 7.23 2.51
N THR A 16 3.77 6.18 1.93
CA THR A 16 3.81 6.07 0.48
C THR A 16 2.42 5.82 -0.11
N LEU A 17 1.61 5.00 0.57
CA LEU A 17 0.24 4.76 0.13
C LEU A 17 -0.60 6.04 0.22
N GLN A 18 -0.36 6.85 1.24
CA GLN A 18 -1.04 8.13 1.39
C GLN A 18 -0.61 9.11 0.29
N PHE A 19 0.56 8.90 -0.29
CA PHE A 19 1.00 9.73 -1.40
C PHE A 19 0.32 9.32 -2.71
N VAL A 20 0.43 8.05 -3.09
CA VAL A 20 -0.08 7.60 -4.40
C VAL A 20 -1.60 7.62 -4.50
N CYS A 21 -2.28 7.43 -3.36
CA CYS A 21 -3.75 7.39 -3.32
C CYS A 21 -4.34 8.66 -2.77
N GLY A 22 -3.49 9.51 -2.21
CA GLY A 22 -3.95 10.64 -1.45
C GLY A 22 -4.41 10.13 -0.09
N ASP A 23 -4.88 11.06 0.74
CA ASP A 23 -5.40 10.74 2.08
C ASP A 23 -6.74 10.00 2.02
N ARG A 24 -7.20 9.70 0.81
CA ARG A 24 -8.53 9.10 0.61
C ARG A 24 -8.60 7.65 1.04
N GLY A 25 -7.45 7.08 1.36
CA GLY A 25 -7.40 5.74 1.89
C GLY A 25 -6.97 4.71 0.89
N PHE A 26 -6.53 3.58 1.42
CA PHE A 26 -5.96 2.51 0.63
C PHE A 26 -6.26 1.22 1.35
N TYR A 27 -6.08 0.12 0.66
CA TYR A 27 -6.26 -1.20 1.22
C TYR A 27 -4.88 -1.71 1.56
N PHE A 28 -4.70 -2.40 2.67
CA PHE A 28 -3.41 -3.02 2.97
C PHE A 28 -3.46 -4.48 2.56
N ASN A 29 -4.68 -4.99 2.54
CA ASN A 29 -4.92 -6.42 2.53
C ASN A 29 -6.19 -6.74 1.82
N ARG A 30 -6.60 -5.83 0.96
CA ARG A 30 -7.77 -6.02 0.11
C ARG A 30 -9.00 -6.52 0.87
N PRO A 31 -9.38 -5.82 1.95
CA PRO A 31 -10.40 -6.46 2.77
C PRO A 31 -11.80 -6.39 2.18
N ALA A 32 -12.07 -5.27 1.53
CA ALA A 32 -13.36 -4.97 0.88
C ALA A 32 -14.56 -5.20 1.80
N SER A 33 -14.35 -5.03 3.10
CA SER A 33 -15.37 -5.30 4.09
C SER A 33 -15.00 -4.56 5.36
N ARG A 34 -15.95 -4.45 6.29
CA ARG A 34 -15.74 -3.70 7.54
C ARG A 34 -15.99 -4.62 8.73
N VAL A 35 -15.91 -5.92 8.47
CA VAL A 35 -16.19 -6.95 9.49
C VAL A 35 -15.16 -6.96 10.62
N SER A 36 -14.00 -6.37 10.36
CA SER A 36 -12.95 -6.13 11.38
C SER A 36 -12.58 -7.33 12.27
N ARG A 37 -12.64 -8.54 11.74
CA ARG A 37 -12.37 -9.76 12.51
C ARG A 37 -10.90 -9.98 12.93
N ARG A 38 -10.04 -9.00 12.69
CA ARG A 38 -8.60 -9.05 13.02
C ARG A 38 -7.88 -10.23 12.38
N SER A 39 -8.46 -10.75 11.32
CA SER A 39 -7.89 -11.87 10.59
C SER A 39 -6.57 -11.41 9.94
N PRO A 40 -5.52 -12.27 9.94
CA PRO A 40 -4.22 -11.90 9.35
C PRO A 40 -4.19 -11.94 7.80
N GLN A 41 -5.15 -11.27 7.20
CA GLN A 41 -5.26 -11.17 5.75
C GLN A 41 -4.07 -10.35 5.24
N ARG A 42 -3.54 -10.72 4.09
CA ARG A 42 -2.28 -10.15 3.57
C ARG A 42 -2.47 -9.36 2.29
N GLY A 43 -1.46 -8.59 1.93
CA GLY A 43 -1.53 -7.75 0.74
C GLY A 43 -0.26 -6.99 0.43
N ILE A 44 -0.34 -5.66 0.44
CA ILE A 44 0.78 -4.79 0.05
C ILE A 44 2.03 -5.01 0.90
N VAL A 45 1.86 -5.36 2.17
CA VAL A 45 2.99 -5.62 3.05
C VAL A 45 3.85 -6.78 2.51
N GLU A 46 3.26 -7.76 1.88
CA GLU A 46 4.03 -8.88 1.33
C GLU A 46 4.71 -8.48 0.04
N GLU A 47 4.18 -7.46 -0.62
CA GLU A 47 4.75 -6.98 -1.87
C GLU A 47 5.88 -6.00 -1.62
N CYS A 48 5.80 -5.23 -0.54
CA CYS A 48 6.76 -4.17 -0.26
C CYS A 48 7.71 -4.38 0.93
N CYS A 49 7.36 -5.25 1.88
CA CYS A 49 8.21 -5.48 3.04
C CYS A 49 8.93 -6.81 2.91
N PHE A 50 8.21 -7.82 2.44
CA PHE A 50 8.80 -9.15 2.22
C PHE A 50 9.39 -9.27 0.83
N ARG A 51 9.06 -8.31 -0.04
CA ARG A 51 9.59 -8.22 -1.40
C ARG A 51 9.77 -6.76 -1.70
N SER A 52 10.32 -6.45 -2.86
CA SER A 52 10.48 -5.09 -3.31
C SER A 52 9.29 -4.65 -4.15
N CYS A 53 8.95 -3.37 -4.09
CA CYS A 53 7.85 -2.82 -4.89
C CYS A 53 8.18 -1.39 -5.27
N ASP A 54 7.42 -0.86 -6.22
CA ASP A 54 7.57 0.52 -6.68
C ASP A 54 6.22 1.20 -6.55
N LEU A 55 6.19 2.52 -6.66
CA LEU A 55 4.94 3.31 -6.52
C LEU A 55 3.81 2.82 -7.40
N ALA A 56 4.17 2.30 -8.57
CA ALA A 56 3.20 1.88 -9.55
C ALA A 56 2.47 0.61 -9.10
N LEU A 57 3.22 -0.34 -8.54
CA LEU A 57 2.65 -1.56 -7.99
C LEU A 57 1.81 -1.19 -6.78
N LEU A 58 2.36 -0.30 -5.98
CA LEU A 58 1.76 0.14 -4.74
C LEU A 58 0.42 0.86 -4.94
N GLU A 59 0.30 1.62 -6.00
CA GLU A 59 -0.92 2.37 -6.33
C GLU A 59 -2.13 1.48 -6.61
N THR A 60 -1.91 0.24 -6.98
CA THR A 60 -3.01 -0.68 -7.27
C THR A 60 -3.89 -0.94 -6.04
N TYR A 61 -3.34 -0.68 -4.86
CA TYR A 61 -4.03 -0.93 -3.61
C TYR A 61 -4.91 0.26 -3.11
N CYS A 62 -5.11 1.29 -3.91
CA CYS A 62 -5.96 2.42 -3.47
C CYS A 62 -7.41 2.00 -3.18
N ALA A 63 -8.04 2.67 -2.21
CA ALA A 63 -9.39 2.31 -1.76
C ALA A 63 -10.47 3.01 -2.56
N THR A 64 -10.34 4.32 -2.62
CA THR A 64 -11.33 5.19 -3.26
C THR A 64 -10.60 6.41 -3.84
N PRO A 65 -11.11 6.99 -4.95
CA PRO A 65 -10.48 8.15 -5.59
C PRO A 65 -10.69 9.48 -4.86
N ALA A 66 -9.97 10.50 -5.31
CA ALA A 66 -10.10 11.84 -4.76
C ALA A 66 -11.33 12.56 -5.33
N LYS A 67 -11.93 13.39 -4.50
CA LYS A 67 -13.07 14.22 -4.89
C LYS A 67 -12.74 15.68 -4.56
N SER A 68 -11.51 16.09 -4.86
CA SER A 68 -11.03 17.43 -4.53
C SER A 68 -11.56 18.51 -5.47
N GLU A 69 -12.87 18.73 -5.42
CA GLU A 69 -13.56 19.71 -6.23
C GLU A 69 -14.79 20.13 -5.43
N ALA A 1 15.54 3.83 -11.23
CA ALA A 1 16.91 4.00 -10.65
C ALA A 1 17.03 3.20 -9.36
N TYR A 2 18.24 2.80 -8.99
CA TYR A 2 18.46 2.05 -7.76
C TYR A 2 18.06 2.89 -6.55
N ARG A 3 17.50 2.26 -5.53
CA ARG A 3 17.18 2.93 -4.28
C ARG A 3 17.85 2.11 -3.19
N PRO A 4 18.45 2.76 -2.18
CA PRO A 4 19.00 1.97 -1.07
C PRO A 4 17.88 1.37 -0.21
N SER A 5 16.70 1.95 -0.33
CA SER A 5 15.51 1.47 0.37
C SER A 5 14.40 1.31 -0.65
N GLU A 6 14.39 0.16 -1.32
CA GLU A 6 13.38 -0.14 -2.34
C GLU A 6 12.27 -1.00 -1.72
N THR A 7 12.28 -1.06 -0.40
CA THR A 7 11.31 -1.81 0.38
C THR A 7 10.72 -0.84 1.39
N LEU A 8 9.49 -1.11 1.80
CA LEU A 8 8.79 -0.30 2.79
C LEU A 8 8.14 -1.17 3.80
N CYS A 9 8.06 -0.67 5.01
CA CYS A 9 7.36 -1.38 6.07
C CYS A 9 6.83 -0.41 7.11
N GLY A 10 5.82 -0.83 7.85
CA GLY A 10 5.25 0.02 8.88
C GLY A 10 4.75 1.35 8.34
N GLY A 11 5.07 2.43 9.05
CA GLY A 11 4.65 3.75 8.64
C GLY A 11 5.23 4.23 7.32
N GLU A 12 6.36 3.65 6.89
CA GLU A 12 6.97 4.04 5.62
C GLU A 12 6.03 3.67 4.49
N LEU A 13 5.45 2.48 4.62
CA LEU A 13 4.57 1.96 3.60
C LEU A 13 3.27 2.75 3.59
N VAL A 14 2.78 3.06 4.79
CA VAL A 14 1.56 3.85 4.94
C VAL A 14 1.73 5.24 4.31
N ASP A 15 2.85 5.89 4.59
CA ASP A 15 3.09 7.23 4.04
C ASP A 15 3.11 7.21 2.53
N THR A 16 3.73 6.19 1.94
CA THR A 16 3.76 6.06 0.49
C THR A 16 2.36 5.79 -0.07
N LEU A 17 1.59 4.94 0.60
CA LEU A 17 0.22 4.66 0.16
C LEU A 17 -0.64 5.91 0.23
N GLN A 18 -0.44 6.75 1.24
CA GLN A 18 -1.16 8.02 1.34
C GLN A 18 -0.76 8.94 0.20
N PHE A 19 0.50 8.90 -0.22
CA PHE A 19 0.97 9.74 -1.31
C PHE A 19 0.38 9.33 -2.68
N VAL A 20 0.42 8.05 -3.01
CA VAL A 20 -0.03 7.61 -4.35
C VAL A 20 -1.55 7.60 -4.50
N CYS A 21 -2.27 7.59 -3.37
CA CYS A 21 -3.74 7.52 -3.37
C CYS A 21 -4.40 8.83 -2.94
N GLY A 22 -3.63 9.69 -2.29
CA GLY A 22 -4.20 10.89 -1.72
C GLY A 22 -5.07 10.55 -0.51
N ASP A 23 -5.88 11.52 -0.10
CA ASP A 23 -6.81 11.36 1.02
C ASP A 23 -7.95 10.37 0.73
N ARG A 24 -7.95 9.80 -0.46
CA ARG A 24 -9.04 8.92 -0.89
C ARG A 24 -8.91 7.52 -0.33
N GLY A 25 -7.76 7.25 0.29
CA GLY A 25 -7.60 6.00 1.02
C GLY A 25 -7.07 4.84 0.21
N PHE A 26 -6.77 3.76 0.92
CA PHE A 26 -6.17 2.58 0.33
C PHE A 26 -6.46 1.37 1.20
N TYR A 27 -6.15 0.20 0.66
CA TYR A 27 -6.26 -1.06 1.39
C TYR A 27 -4.86 -1.52 1.71
N PHE A 28 -4.69 -2.43 2.67
CA PHE A 28 -3.38 -3.02 2.91
C PHE A 28 -3.48 -4.40 2.35
N ASN A 29 -4.59 -5.04 2.66
CA ASN A 29 -4.83 -6.42 2.30
C ASN A 29 -6.24 -6.67 1.78
N ARG A 30 -6.81 -5.61 1.22
CA ARG A 30 -8.11 -5.66 0.53
C ARG A 30 -9.19 -6.48 1.23
N PRO A 31 -9.44 -6.16 2.51
CA PRO A 31 -10.31 -7.09 3.24
C PRO A 31 -11.78 -6.99 2.89
N ALA A 32 -12.13 -5.77 2.51
CA ALA A 32 -13.47 -5.39 2.05
C ALA A 32 -14.60 -5.81 3.01
N SER A 33 -14.29 -5.82 4.30
CA SER A 33 -15.26 -6.22 5.31
C SER A 33 -15.02 -5.40 6.56
N ARG A 34 -16.07 -5.21 7.35
CA ARG A 34 -16.01 -4.34 8.54
C ARG A 34 -16.61 -5.00 9.78
N VAL A 35 -16.76 -6.30 9.72
CA VAL A 35 -17.42 -7.06 10.80
C VAL A 35 -16.46 -7.94 11.59
N SER A 36 -15.30 -8.22 11.02
CA SER A 36 -14.31 -9.09 11.66
C SER A 36 -12.93 -8.78 11.13
N ARG A 37 -11.91 -9.02 11.95
CA ARG A 37 -10.51 -8.87 11.54
C ARG A 37 -9.74 -10.13 11.90
N ARG A 38 -10.46 -11.26 11.98
CA ARG A 38 -9.85 -12.52 12.43
C ARG A 38 -9.04 -13.23 11.35
N SER A 39 -9.09 -12.70 10.14
CA SER A 39 -8.41 -13.32 9.00
C SER A 39 -7.41 -12.36 8.37
N PRO A 40 -6.14 -12.36 8.84
CA PRO A 40 -5.15 -11.46 8.26
C PRO A 40 -4.64 -11.94 6.88
N GLN A 41 -5.42 -11.68 5.84
CA GLN A 41 -5.04 -12.08 4.49
C GLN A 41 -3.82 -11.27 4.03
N ARG A 42 -3.04 -11.84 3.12
CA ARG A 42 -1.86 -11.19 2.56
C ARG A 42 -2.18 -9.91 1.80
N GLY A 43 -1.19 -9.05 1.65
CA GLY A 43 -1.40 -7.78 1.00
C GLY A 43 -0.13 -7.04 0.58
N ILE A 44 -0.23 -5.72 0.52
CA ILE A 44 0.86 -4.84 0.10
C ILE A 44 2.11 -5.02 0.96
N VAL A 45 1.93 -5.40 2.21
CA VAL A 45 3.07 -5.64 3.10
C VAL A 45 3.92 -6.78 2.56
N GLU A 46 3.34 -7.78 1.92
CA GLU A 46 4.14 -8.85 1.34
C GLU A 46 4.82 -8.36 0.09
N GLU A 47 4.17 -7.45 -0.62
CA GLU A 47 4.70 -6.93 -1.87
C GLU A 47 5.87 -5.95 -1.64
N CYS A 48 5.82 -5.21 -0.54
CA CYS A 48 6.80 -4.14 -0.29
C CYS A 48 7.74 -4.35 0.90
N CYS A 49 7.41 -5.24 1.83
CA CYS A 49 8.28 -5.48 2.99
C CYS A 49 8.97 -6.83 2.86
N PHE A 50 8.22 -7.85 2.45
CA PHE A 50 8.79 -9.18 2.24
C PHE A 50 9.35 -9.30 0.82
N ARG A 51 9.02 -8.33 -0.03
CA ARG A 51 9.49 -8.26 -1.42
C ARG A 51 9.74 -6.80 -1.73
N SER A 52 10.27 -6.53 -2.91
CA SER A 52 10.50 -5.16 -3.35
C SER A 52 9.31 -4.73 -4.21
N CYS A 53 8.96 -3.45 -4.15
CA CYS A 53 7.85 -2.92 -4.95
C CYS A 53 8.21 -1.52 -5.42
N ASP A 54 7.41 -0.98 -6.33
CA ASP A 54 7.59 0.40 -6.81
C ASP A 54 6.25 1.10 -6.67
N LEU A 55 6.24 2.42 -6.81
CA LEU A 55 5.01 3.23 -6.59
C LEU A 55 3.84 2.77 -7.42
N ALA A 56 4.13 2.27 -8.60
CA ALA A 56 3.10 1.88 -9.55
C ALA A 56 2.38 0.61 -9.09
N LEU A 57 3.13 -0.33 -8.54
CA LEU A 57 2.55 -1.55 -7.97
C LEU A 57 1.74 -1.16 -6.76
N LEU A 58 2.32 -0.29 -5.96
CA LEU A 58 1.75 0.15 -4.71
C LEU A 58 0.42 0.89 -4.89
N GLU A 59 0.32 1.68 -5.94
CA GLU A 59 -0.90 2.42 -6.26
C GLU A 59 -2.11 1.55 -6.57
N THR A 60 -1.89 0.29 -6.93
CA THR A 60 -3.01 -0.61 -7.22
C THR A 60 -3.87 -0.90 -5.98
N TYR A 61 -3.31 -0.64 -4.81
CA TYR A 61 -4.04 -0.86 -3.56
C TYR A 61 -4.91 0.34 -3.15
N CYS A 62 -4.96 1.38 -3.96
CA CYS A 62 -5.80 2.54 -3.64
C CYS A 62 -7.29 2.16 -3.58
N ALA A 63 -8.04 2.88 -2.76
CA ALA A 63 -9.46 2.62 -2.58
C ALA A 63 -10.30 3.48 -3.54
N THR A 64 -9.71 3.89 -4.64
CA THR A 64 -10.38 4.77 -5.59
C THR A 64 -9.78 4.51 -6.98
N PRO A 65 -10.56 4.69 -8.05
CA PRO A 65 -10.06 4.48 -9.40
C PRO A 65 -9.15 5.62 -9.88
N ALA A 66 -8.40 5.35 -10.93
CA ALA A 66 -7.52 6.36 -11.54
C ALA A 66 -8.37 7.49 -12.11
N LYS A 67 -7.85 8.71 -12.04
CA LYS A 67 -8.54 9.90 -12.53
C LYS A 67 -7.60 10.71 -13.38
N SER A 68 -7.57 10.37 -14.67
CA SER A 68 -6.73 11.05 -15.64
C SER A 68 -7.58 12.05 -16.42
N GLU A 69 -8.53 12.65 -15.72
CA GLU A 69 -9.47 13.61 -16.30
C GLU A 69 -9.85 14.56 -15.18
N ALA A 1 25.21 3.97 6.04
CA ALA A 1 25.15 4.68 4.73
C ALA A 1 23.70 4.86 4.32
N TYR A 2 23.45 5.81 3.42
CA TYR A 2 22.10 6.06 2.93
C TYR A 2 21.59 4.86 2.13
N ARG A 3 20.29 4.63 2.17
CA ARG A 3 19.64 3.60 1.37
C ARG A 3 18.47 4.28 0.68
N PRO A 4 18.15 3.89 -0.57
CA PRO A 4 17.00 4.48 -1.26
C PRO A 4 15.66 3.95 -0.73
N SER A 5 15.73 2.86 0.03
CA SER A 5 14.58 2.18 0.61
C SER A 5 13.69 1.58 -0.49
N GLU A 6 14.21 0.54 -1.11
CA GLU A 6 13.47 -0.22 -2.13
C GLU A 6 12.35 -1.04 -1.50
N THR A 7 12.30 -1.01 -0.17
CA THR A 7 11.31 -1.75 0.60
C THR A 7 10.71 -0.79 1.62
N LEU A 8 9.47 -1.07 2.02
CA LEU A 8 8.75 -0.29 3.02
C LEU A 8 8.05 -1.23 3.93
N CYS A 9 7.82 -0.79 5.15
CA CYS A 9 7.10 -1.62 6.12
C CYS A 9 6.20 -0.73 6.97
N GLY A 10 5.77 -1.21 8.12
CA GLY A 10 4.83 -0.46 8.96
C GLY A 10 5.18 1.01 9.11
N GLY A 11 4.18 1.87 8.94
CA GLY A 11 4.39 3.31 9.00
C GLY A 11 4.87 3.88 7.67
N GLU A 12 6.04 3.48 7.22
CA GLU A 12 6.63 4.00 5.98
C GLU A 12 5.81 3.65 4.75
N LEU A 13 5.26 2.43 4.75
CA LEU A 13 4.46 1.97 3.63
C LEU A 13 3.16 2.75 3.57
N VAL A 14 2.61 3.05 4.74
CA VAL A 14 1.40 3.86 4.86
C VAL A 14 1.66 5.26 4.33
N ASP A 15 2.80 5.81 4.67
CA ASP A 15 3.16 7.15 4.21
C ASP A 15 3.22 7.20 2.69
N THR A 16 3.81 6.18 2.09
CA THR A 16 3.88 6.12 0.63
C THR A 16 2.50 5.88 -0.01
N LEU A 17 1.66 5.09 0.63
CA LEU A 17 0.29 4.87 0.13
C LEU A 17 -0.49 6.19 0.17
N GLN A 18 -0.26 7.02 1.18
CA GLN A 18 -0.86 8.36 1.23
C GLN A 18 -0.23 9.25 0.16
N PHE A 19 1.04 9.05 -0.16
CA PHE A 19 1.70 9.86 -1.19
C PHE A 19 1.10 9.60 -2.60
N VAL A 20 0.88 8.34 -2.95
CA VAL A 20 0.41 8.01 -4.31
C VAL A 20 -1.08 8.31 -4.53
N CYS A 21 -1.88 8.24 -3.47
CA CYS A 21 -3.35 8.39 -3.58
C CYS A 21 -4.04 9.36 -2.62
N GLY A 22 -3.30 9.91 -1.67
CA GLY A 22 -3.89 10.84 -0.73
C GLY A 22 -4.78 10.18 0.31
N ASP A 23 -5.57 11.00 0.99
CA ASP A 23 -6.51 10.55 2.02
C ASP A 23 -7.71 9.81 1.41
N ARG A 24 -7.70 9.62 0.10
CA ARG A 24 -8.78 8.92 -0.59
C ARG A 24 -8.88 7.46 -0.14
N GLY A 25 -7.86 6.99 0.56
CA GLY A 25 -7.90 5.68 1.17
C GLY A 25 -7.25 4.61 0.33
N PHE A 26 -6.91 3.51 0.98
CA PHE A 26 -6.27 2.39 0.35
C PHE A 26 -6.50 1.15 1.19
N TYR A 27 -6.21 0.00 0.61
CA TYR A 27 -6.33 -1.28 1.28
C TYR A 27 -4.92 -1.69 1.65
N PHE A 28 -4.76 -2.58 2.62
CA PHE A 28 -3.45 -3.13 2.91
C PHE A 28 -3.47 -4.55 2.45
N ASN A 29 -4.58 -5.20 2.78
CA ASN A 29 -4.75 -6.63 2.58
C ASN A 29 -6.13 -6.96 2.08
N ARG A 30 -6.73 -5.98 1.41
CA ARG A 30 -8.02 -6.14 0.71
C ARG A 30 -9.07 -6.96 1.47
N PRO A 31 -9.36 -6.58 2.72
CA PRO A 31 -10.18 -7.51 3.50
C PRO A 31 -11.63 -7.60 3.05
N ALA A 32 -12.13 -6.45 2.62
CA ALA A 32 -13.49 -6.29 2.07
C ALA A 32 -14.62 -6.89 2.92
N SER A 33 -14.41 -6.92 4.23
CA SER A 33 -15.37 -7.49 5.16
C SER A 33 -15.14 -6.85 6.51
N ARG A 34 -16.16 -6.87 7.37
CA ARG A 34 -16.06 -6.24 8.69
C ARG A 34 -16.44 -7.15 9.84
N VAL A 35 -16.58 -8.43 9.54
CA VAL A 35 -16.95 -9.41 10.56
C VAL A 35 -15.69 -9.83 11.33
N SER A 36 -14.59 -9.92 10.58
CA SER A 36 -13.29 -10.22 11.13
C SER A 36 -12.38 -9.87 9.97
N ARG A 37 -11.10 -9.67 10.23
CA ARG A 37 -10.13 -9.38 9.17
C ARG A 37 -8.79 -10.04 9.47
N ARG A 38 -8.87 -11.19 10.13
CA ARG A 38 -7.68 -11.98 10.47
C ARG A 38 -7.36 -12.98 9.35
N SER A 39 -8.27 -13.10 8.39
CA SER A 39 -8.13 -14.07 7.31
C SER A 39 -6.87 -13.83 6.49
N PRO A 40 -6.09 -14.89 6.21
CA PRO A 40 -4.90 -14.64 5.40
C PRO A 40 -5.22 -14.37 3.93
N GLN A 41 -4.66 -13.28 3.44
CA GLN A 41 -4.68 -12.93 2.03
C GLN A 41 -3.44 -12.08 1.91
N ARG A 42 -2.71 -12.17 0.80
CA ARG A 42 -1.51 -11.34 0.66
C ARG A 42 -1.90 -9.88 0.68
N GLY A 43 -0.96 -9.05 1.06
CA GLY A 43 -1.20 -7.63 1.12
C GLY A 43 -0.01 -6.87 0.61
N ILE A 44 -0.12 -5.55 0.58
CA ILE A 44 0.95 -4.67 0.12
C ILE A 44 2.21 -4.88 0.97
N VAL A 45 2.03 -5.28 2.21
CA VAL A 45 3.16 -5.59 3.08
C VAL A 45 3.98 -6.77 2.53
N GLU A 46 3.35 -7.72 1.83
CA GLU A 46 4.10 -8.83 1.25
C GLU A 46 4.82 -8.37 0.01
N GLU A 47 4.25 -7.37 -0.66
CA GLU A 47 4.82 -6.85 -1.89
C GLU A 47 5.98 -5.89 -1.64
N CYS A 48 5.90 -5.14 -0.56
CA CYS A 48 6.87 -4.07 -0.28
C CYS A 48 7.76 -4.29 0.93
N CYS A 49 7.43 -5.21 1.83
CA CYS A 49 8.29 -5.47 3.00
C CYS A 49 8.95 -6.85 2.87
N PHE A 50 8.20 -7.84 2.39
CA PHE A 50 8.75 -9.18 2.18
C PHE A 50 9.30 -9.30 0.74
N ARG A 51 9.02 -8.29 -0.07
CA ARG A 51 9.52 -8.17 -1.44
C ARG A 51 9.77 -6.69 -1.63
N SER A 52 10.19 -6.29 -2.83
CA SER A 52 10.38 -4.88 -3.16
C SER A 52 9.28 -4.55 -4.17
N CYS A 53 8.81 -3.30 -4.16
CA CYS A 53 7.71 -2.89 -5.02
C CYS A 53 7.94 -1.51 -5.60
N ASP A 54 7.23 -1.22 -6.67
CA ASP A 54 7.26 0.10 -7.31
C ASP A 54 6.07 0.91 -6.84
N LEU A 55 6.13 2.22 -7.03
CA LEU A 55 4.98 3.10 -6.72
C LEU A 55 3.78 2.69 -7.55
N ALA A 56 4.08 2.14 -8.71
CA ALA A 56 3.06 1.72 -9.66
C ALA A 56 2.30 0.49 -9.14
N LEU A 57 3.05 -0.45 -8.57
CA LEU A 57 2.45 -1.64 -7.95
C LEU A 57 1.66 -1.19 -6.73
N LEU A 58 2.27 -0.31 -5.95
CA LEU A 58 1.70 0.19 -4.74
C LEU A 58 0.37 0.92 -4.93
N GLU A 59 0.27 1.67 -6.02
CA GLU A 59 -0.94 2.41 -6.36
C GLU A 59 -2.15 1.48 -6.60
N THR A 60 -1.91 0.24 -6.95
CA THR A 60 -3.02 -0.70 -7.22
C THR A 60 -3.84 -1.02 -5.96
N TYR A 61 -3.25 -0.79 -4.79
CA TYR A 61 -3.93 -1.02 -3.53
C TYR A 61 -4.82 0.14 -3.11
N CYS A 62 -4.85 1.22 -3.88
CA CYS A 62 -5.67 2.37 -3.53
C CYS A 62 -7.16 2.04 -3.58
N ALA A 63 -7.93 2.76 -2.80
CA ALA A 63 -9.36 2.52 -2.68
C ALA A 63 -10.12 3.06 -3.89
N THR A 64 -9.49 3.95 -4.63
CA THR A 64 -10.09 4.55 -5.80
C THR A 64 -8.95 5.07 -6.68
N PRO A 65 -9.12 5.09 -8.02
CA PRO A 65 -8.08 5.60 -8.93
C PRO A 65 -8.04 7.11 -9.03
N ALA A 66 -7.00 7.62 -9.68
CA ALA A 66 -6.88 9.05 -9.94
C ALA A 66 -7.86 9.46 -11.06
N LYS A 67 -8.13 10.76 -11.17
CA LYS A 67 -8.96 11.30 -12.24
C LYS A 67 -8.19 12.43 -12.94
N SER A 68 -7.70 12.15 -14.13
CA SER A 68 -6.93 13.12 -14.92
C SER A 68 -7.61 13.38 -16.26
N GLU A 69 -8.92 13.20 -16.28
CA GLU A 69 -9.75 13.42 -17.47
C GLU A 69 -11.08 13.89 -16.91
N ALA A 1 25.12 5.28 4.64
CA ALA A 1 24.94 3.98 3.93
C ALA A 1 23.86 4.11 2.87
N TYR A 2 23.82 3.19 1.92
CA TYR A 2 22.84 3.26 0.84
C TYR A 2 22.21 1.90 0.59
N ARG A 3 20.96 1.90 0.15
CA ARG A 3 20.23 0.71 -0.27
C ARG A 3 19.42 1.22 -1.45
N PRO A 4 19.02 0.36 -2.40
CA PRO A 4 18.16 0.88 -3.47
C PRO A 4 16.77 1.26 -2.95
N SER A 5 16.42 0.73 -1.79
CA SER A 5 15.20 1.10 -1.06
C SER A 5 13.90 0.91 -1.84
N GLU A 6 13.80 -0.18 -2.60
CA GLU A 6 12.56 -0.55 -3.29
C GLU A 6 11.61 -1.24 -2.31
N THR A 7 11.81 -0.99 -1.03
CA THR A 7 11.10 -1.67 0.04
C THR A 7 10.64 -0.67 1.09
N LEU A 8 9.45 -0.93 1.64
CA LEU A 8 8.88 -0.10 2.69
C LEU A 8 8.30 -0.99 3.73
N CYS A 9 8.23 -0.49 4.95
CA CYS A 9 7.58 -1.23 6.02
C CYS A 9 7.05 -0.32 7.11
N GLY A 10 6.06 -0.78 7.84
CA GLY A 10 5.48 0.02 8.91
C GLY A 10 4.90 1.31 8.38
N GLY A 11 5.17 2.41 9.09
CA GLY A 11 4.66 3.70 8.69
C GLY A 11 5.20 4.21 7.37
N GLU A 12 6.34 3.70 6.91
CA GLU A 12 6.91 4.13 5.63
C GLU A 12 5.99 3.71 4.49
N LEU A 13 5.41 2.53 4.64
CA LEU A 13 4.55 1.98 3.61
C LEU A 13 3.24 2.76 3.59
N VAL A 14 2.74 3.07 4.78
CA VAL A 14 1.53 3.86 4.94
C VAL A 14 1.70 5.25 4.35
N ASP A 15 2.85 5.87 4.61
CA ASP A 15 3.14 7.20 4.10
C ASP A 15 3.11 7.21 2.58
N THR A 16 3.75 6.24 1.96
CA THR A 16 3.76 6.15 0.51
C THR A 16 2.38 5.84 -0.05
N LEU A 17 1.61 5.01 0.63
CA LEU A 17 0.23 4.70 0.20
C LEU A 17 -0.64 5.96 0.24
N GLN A 18 -0.43 6.82 1.23
CA GLN A 18 -1.14 8.11 1.28
C GLN A 18 -0.66 9.01 0.14
N PHE A 19 0.61 8.92 -0.21
CA PHE A 19 1.15 9.75 -1.29
C PHE A 19 0.58 9.38 -2.66
N VAL A 20 0.55 8.09 -3.00
CA VAL A 20 0.09 7.68 -4.34
C VAL A 20 -1.44 7.72 -4.49
N CYS A 21 -2.16 7.61 -3.38
CA CYS A 21 -3.62 7.55 -3.40
C CYS A 21 -4.29 8.84 -2.95
N GLY A 22 -3.51 9.72 -2.36
CA GLY A 22 -4.07 10.92 -1.75
C GLY A 22 -4.75 10.56 -0.44
N ASP A 23 -5.51 11.50 0.08
CA ASP A 23 -6.27 11.32 1.33
C ASP A 23 -7.50 10.45 1.12
N ARG A 24 -7.70 9.99 -0.12
CA ARG A 24 -8.87 9.19 -0.49
C ARG A 24 -8.81 7.77 0.08
N GLY A 25 -7.65 7.37 0.57
CA GLY A 25 -7.52 6.08 1.24
C GLY A 25 -7.08 4.93 0.35
N PHE A 26 -6.80 3.81 1.00
CA PHE A 26 -6.25 2.63 0.34
C PHE A 26 -6.57 1.37 1.14
N TYR A 27 -6.29 0.23 0.53
CA TYR A 27 -6.43 -1.07 1.19
C TYR A 27 -5.03 -1.56 1.53
N PHE A 28 -4.90 -2.51 2.44
CA PHE A 28 -3.59 -3.11 2.72
C PHE A 28 -3.56 -4.51 2.12
N ASN A 29 -4.70 -5.17 2.14
CA ASN A 29 -4.80 -6.54 1.63
C ASN A 29 -6.15 -6.79 0.99
N ARG A 30 -6.80 -5.71 0.60
CA ARG A 30 -8.09 -5.76 -0.09
C ARG A 30 -9.09 -6.76 0.50
N PRO A 31 -9.28 -6.71 1.84
CA PRO A 31 -9.97 -7.87 2.40
C PRO A 31 -11.47 -7.88 2.24
N ALA A 32 -12.02 -6.68 2.25
CA ALA A 32 -13.47 -6.41 2.16
C ALA A 32 -14.28 -7.15 3.23
N SER A 33 -13.62 -7.49 4.32
CA SER A 33 -14.23 -8.20 5.44
C SER A 33 -13.43 -7.90 6.68
N ARG A 34 -14.09 -7.78 7.83
CA ARG A 34 -13.40 -7.46 9.08
C ARG A 34 -12.99 -8.71 9.87
N VAL A 35 -13.03 -9.84 9.19
CA VAL A 35 -12.73 -11.13 9.83
C VAL A 35 -11.48 -11.80 9.29
N SER A 36 -10.98 -11.26 8.18
CA SER A 36 -9.74 -11.70 7.52
C SER A 36 -9.34 -13.17 7.73
N ARG A 37 -10.18 -14.09 7.28
CA ARG A 37 -9.99 -15.54 7.53
C ARG A 37 -8.95 -16.20 6.62
N ARG A 38 -7.78 -15.58 6.53
CA ARG A 38 -6.60 -16.12 5.83
C ARG A 38 -6.87 -16.78 4.49
N SER A 39 -7.52 -16.02 3.63
CA SER A 39 -7.65 -16.39 2.23
C SER A 39 -6.21 -16.39 1.68
N PRO A 40 -5.86 -17.35 0.80
CA PRO A 40 -4.47 -17.47 0.33
C PRO A 40 -4.05 -16.46 -0.75
N GLN A 41 -4.14 -15.17 -0.42
CA GLN A 41 -3.71 -14.11 -1.30
C GLN A 41 -2.83 -13.16 -0.50
N ARG A 42 -2.02 -12.38 -1.20
CA ARG A 42 -1.11 -11.42 -0.56
C ARG A 42 -1.68 -10.02 -0.57
N GLY A 43 -1.20 -9.22 0.37
CA GLY A 43 -1.45 -7.80 0.40
C GLY A 43 -0.17 -7.04 0.11
N ILE A 44 -0.20 -5.75 0.39
CA ILE A 44 0.90 -4.84 0.08
C ILE A 44 2.17 -5.05 0.93
N VAL A 45 2.05 -5.45 2.18
CA VAL A 45 3.24 -5.51 3.04
C VAL A 45 4.06 -6.71 2.58
N GLU A 46 3.37 -7.69 2.05
CA GLU A 46 3.99 -8.87 1.51
C GLU A 46 4.72 -8.58 0.21
N GLU A 47 4.19 -7.62 -0.54
CA GLU A 47 4.83 -7.20 -1.80
C GLU A 47 5.94 -6.16 -1.60
N CYS A 48 5.78 -5.27 -0.63
CA CYS A 48 6.72 -4.15 -0.43
C CYS A 48 7.69 -4.28 0.74
N CYS A 49 7.46 -5.18 1.68
CA CYS A 49 8.37 -5.36 2.82
C CYS A 49 9.04 -6.73 2.77
N PHE A 50 8.26 -7.77 2.51
CA PHE A 50 8.81 -9.12 2.38
C PHE A 50 9.43 -9.29 0.98
N ARG A 51 9.08 -8.39 0.07
CA ARG A 51 9.64 -8.34 -1.27
C ARG A 51 9.78 -6.88 -1.64
N SER A 52 10.26 -6.62 -2.84
CA SER A 52 10.45 -5.29 -3.36
C SER A 52 9.28 -4.91 -4.26
N CYS A 53 8.92 -3.62 -4.26
CA CYS A 53 7.84 -3.12 -5.10
C CYS A 53 8.21 -1.73 -5.65
N ASP A 54 7.26 -1.10 -6.32
CA ASP A 54 7.43 0.24 -6.88
C ASP A 54 6.14 1.02 -6.59
N LEU A 55 6.17 2.34 -6.74
CA LEU A 55 4.99 3.19 -6.50
C LEU A 55 3.81 2.78 -7.35
N ALA A 56 4.09 2.27 -8.54
CA ALA A 56 3.06 1.90 -9.48
C ALA A 56 2.33 0.63 -9.01
N LEU A 57 3.10 -0.32 -8.49
CA LEU A 57 2.53 -1.55 -7.93
C LEU A 57 1.72 -1.17 -6.69
N LEU A 58 2.30 -0.29 -5.90
CA LEU A 58 1.73 0.17 -4.67
C LEU A 58 0.39 0.90 -4.87
N GLU A 59 0.30 1.67 -5.93
CA GLU A 59 -0.91 2.42 -6.29
C GLU A 59 -2.11 1.53 -6.60
N THR A 60 -1.88 0.27 -6.95
CA THR A 60 -2.99 -0.64 -7.26
C THR A 60 -3.88 -0.92 -6.04
N TYR A 61 -3.36 -0.62 -4.85
CA TYR A 61 -4.10 -0.81 -3.62
C TYR A 61 -4.96 0.40 -3.21
N CYS A 62 -4.99 1.45 -4.02
CA CYS A 62 -5.81 2.63 -3.69
C CYS A 62 -7.29 2.28 -3.61
N ALA A 63 -8.02 3.02 -2.79
CA ALA A 63 -9.45 2.76 -2.57
C ALA A 63 -10.33 3.44 -3.63
N THR A 64 -9.71 4.16 -4.55
CA THR A 64 -10.41 4.87 -5.60
C THR A 64 -9.49 4.81 -6.82
N PRO A 65 -10.04 4.84 -8.05
CA PRO A 65 -9.20 4.79 -9.25
C PRO A 65 -8.51 6.12 -9.54
N ALA A 66 -7.49 6.08 -10.38
CA ALA A 66 -6.78 7.29 -10.79
C ALA A 66 -7.69 8.17 -11.65
N LYS A 67 -7.48 9.48 -11.58
CA LYS A 67 -8.24 10.41 -12.41
C LYS A 67 -7.65 10.46 -13.80
N SER A 68 -8.25 9.70 -14.71
CA SER A 68 -7.83 9.66 -16.11
C SER A 68 -8.38 10.87 -16.86
N GLU A 69 -7.77 12.02 -16.58
CA GLU A 69 -8.18 13.35 -17.10
C GLU A 69 -9.56 13.77 -16.60
N ALA A 1 23.18 6.97 6.13
CA ALA A 1 23.23 7.44 4.72
C ALA A 1 22.03 6.93 3.95
N TYR A 2 21.63 7.65 2.91
CA TYR A 2 20.48 7.28 2.09
C TYR A 2 20.70 5.98 1.34
N ARG A 3 19.63 5.23 1.11
CA ARG A 3 19.62 4.05 0.27
C ARG A 3 18.37 4.23 -0.58
N PRO A 4 18.32 3.64 -1.79
CA PRO A 4 17.09 3.82 -2.59
C PRO A 4 15.85 3.24 -1.93
N SER A 5 16.04 2.28 -1.04
CA SER A 5 14.98 1.73 -0.19
C SER A 5 13.79 1.21 -1.01
N GLU A 6 14.08 0.18 -1.79
CA GLU A 6 13.09 -0.48 -2.66
C GLU A 6 12.03 -1.23 -1.85
N THR A 7 12.15 -1.20 -0.53
CA THR A 7 11.25 -1.87 0.38
C THR A 7 10.67 -0.90 1.40
N LEU A 8 9.42 -1.13 1.76
CA LEU A 8 8.72 -0.37 2.80
C LEU A 8 8.01 -1.31 3.70
N CYS A 9 7.96 -0.94 4.97
CA CYS A 9 7.28 -1.74 5.97
C CYS A 9 6.32 -0.87 6.78
N GLY A 10 5.93 -1.33 7.96
CA GLY A 10 4.93 -0.63 8.76
C GLY A 10 5.24 0.85 8.95
N GLY A 11 4.22 1.69 8.73
CA GLY A 11 4.39 3.14 8.84
C GLY A 11 4.95 3.77 7.57
N GLU A 12 6.08 3.29 7.11
CA GLU A 12 6.74 3.81 5.90
C GLU A 12 5.85 3.58 4.68
N LEU A 13 5.30 2.38 4.63
CA LEU A 13 4.44 1.96 3.53
C LEU A 13 3.15 2.77 3.54
N VAL A 14 2.65 3.06 4.73
CA VAL A 14 1.44 3.86 4.89
C VAL A 14 1.69 5.26 4.34
N ASP A 15 2.85 5.83 4.65
CA ASP A 15 3.16 7.18 4.16
C ASP A 15 3.18 7.21 2.65
N THR A 16 3.76 6.19 2.03
CA THR A 16 3.81 6.13 0.57
C THR A 16 2.44 5.87 -0.06
N LEU A 17 1.61 5.06 0.58
CA LEU A 17 0.25 4.84 0.09
C LEU A 17 -0.56 6.13 0.16
N GLN A 18 -0.33 6.92 1.19
CA GLN A 18 -0.95 8.24 1.31
C GLN A 18 -0.38 9.20 0.26
N PHE A 19 0.86 8.99 -0.17
CA PHE A 19 1.45 9.85 -1.20
C PHE A 19 0.83 9.59 -2.59
N VAL A 20 0.69 8.32 -2.99
CA VAL A 20 0.24 8.02 -4.35
C VAL A 20 -1.26 8.27 -4.59
N CYS A 21 -2.04 8.28 -3.51
CA CYS A 21 -3.50 8.43 -3.63
C CYS A 21 -4.17 9.39 -2.62
N GLY A 22 -3.37 10.06 -1.81
CA GLY A 22 -3.90 11.00 -0.85
C GLY A 22 -4.53 10.35 0.37
N ASP A 23 -5.05 11.18 1.25
CA ASP A 23 -5.73 10.74 2.49
C ASP A 23 -7.07 10.07 2.19
N ARG A 24 -7.40 9.97 0.91
CA ARG A 24 -8.67 9.40 0.45
C ARG A 24 -8.85 7.95 0.87
N GLY A 25 -7.73 7.29 1.16
CA GLY A 25 -7.76 5.93 1.67
C GLY A 25 -7.31 4.89 0.67
N PHE A 26 -6.95 3.74 1.20
CA PHE A 26 -6.43 2.64 0.41
C PHE A 26 -6.65 1.36 1.20
N TYR A 27 -6.48 0.25 0.53
CA TYR A 27 -6.57 -1.06 1.14
C TYR A 27 -5.15 -1.47 1.48
N PHE A 28 -4.97 -2.39 2.42
CA PHE A 28 -3.62 -2.92 2.68
C PHE A 28 -3.62 -4.32 2.13
N ASN A 29 -4.80 -4.94 2.12
CA ASN A 29 -4.93 -6.32 1.69
C ASN A 29 -6.27 -6.66 1.11
N ARG A 30 -6.97 -5.62 0.67
CA ARG A 30 -8.26 -5.75 0.00
C ARG A 30 -9.21 -6.73 0.70
N PRO A 31 -9.45 -6.53 2.02
CA PRO A 31 -10.14 -7.63 2.71
C PRO A 31 -11.63 -7.76 2.42
N ALA A 32 -12.30 -6.61 2.40
CA ALA A 32 -13.76 -6.52 2.26
C ALA A 32 -14.46 -7.42 3.31
N SER A 33 -13.82 -7.59 4.46
CA SER A 33 -14.26 -8.53 5.49
C SER A 33 -14.01 -7.97 6.89
N ARG A 34 -14.64 -8.62 7.86
CA ARG A 34 -14.56 -8.23 9.29
C ARG A 34 -13.27 -8.71 9.97
N VAL A 35 -12.17 -8.54 9.25
CA VAL A 35 -10.84 -8.91 9.73
C VAL A 35 -10.41 -8.11 10.97
N SER A 36 -11.02 -6.94 11.15
CA SER A 36 -10.79 -6.07 12.31
C SER A 36 -9.32 -5.64 12.42
N ARG A 37 -9.00 -5.05 13.56
CA ARG A 37 -7.64 -4.55 13.85
C ARG A 37 -6.70 -5.67 14.30
N ARG A 38 -6.75 -6.82 13.62
CA ARG A 38 -5.83 -7.94 13.90
C ARG A 38 -4.52 -7.77 13.14
N SER A 39 -4.24 -6.52 12.75
CA SER A 39 -3.08 -6.12 11.94
C SER A 39 -3.14 -6.63 10.49
N PRO A 40 -2.77 -5.80 9.51
CA PRO A 40 -2.76 -6.32 8.14
C PRO A 40 -1.52 -7.19 7.87
N GLN A 41 -1.58 -8.44 8.31
CA GLN A 41 -0.43 -9.35 8.22
C GLN A 41 0.03 -9.61 6.79
N ARG A 42 -0.90 -9.57 5.84
CA ARG A 42 -0.57 -9.81 4.44
C ARG A 42 -0.98 -8.63 3.57
N GLY A 43 -0.72 -8.73 2.27
CA GLY A 43 -1.18 -7.73 1.31
C GLY A 43 -0.03 -6.97 0.72
N ILE A 44 -0.14 -5.65 0.68
CA ILE A 44 0.90 -4.78 0.14
C ILE A 44 2.19 -4.95 0.95
N VAL A 45 2.06 -5.28 2.23
CA VAL A 45 3.24 -5.52 3.07
C VAL A 45 4.02 -6.73 2.55
N GLU A 46 3.35 -7.70 1.94
CA GLU A 46 4.04 -8.84 1.37
C GLU A 46 4.73 -8.46 0.07
N GLU A 47 4.22 -7.43 -0.59
CA GLU A 47 4.82 -6.97 -1.83
C GLU A 47 5.96 -5.99 -1.60
N CYS A 48 5.87 -5.20 -0.54
CA CYS A 48 6.85 -4.13 -0.29
C CYS A 48 7.80 -4.36 0.88
N CYS A 49 7.49 -5.23 1.83
CA CYS A 49 8.41 -5.49 2.95
C CYS A 49 9.05 -6.87 2.81
N PHE A 50 8.24 -7.87 2.43
CA PHE A 50 8.77 -9.23 2.22
C PHE A 50 9.37 -9.35 0.81
N ARG A 51 9.12 -8.35 -0.03
CA ARG A 51 9.69 -8.26 -1.39
C ARG A 51 9.85 -6.78 -1.64
N SER A 52 10.42 -6.44 -2.79
CA SER A 52 10.55 -5.06 -3.21
C SER A 52 9.36 -4.68 -4.08
N CYS A 53 9.05 -3.40 -4.15
CA CYS A 53 7.92 -2.92 -4.95
C CYS A 53 8.22 -1.53 -5.53
N ASP A 54 7.29 -1.02 -6.33
CA ASP A 54 7.41 0.30 -6.95
C ASP A 54 6.12 1.04 -6.68
N LEU A 55 6.12 2.36 -6.87
CA LEU A 55 4.93 3.20 -6.65
C LEU A 55 3.76 2.75 -7.50
N ALA A 56 4.04 2.23 -8.67
CA ALA A 56 2.99 1.81 -9.59
C ALA A 56 2.29 0.56 -9.06
N LEU A 57 3.08 -0.37 -8.54
CA LEU A 57 2.55 -1.60 -7.93
C LEU A 57 1.73 -1.20 -6.70
N LEU A 58 2.30 -0.29 -5.94
CA LEU A 58 1.71 0.19 -4.71
C LEU A 58 0.37 0.91 -4.93
N GLU A 59 0.28 1.66 -6.01
CA GLU A 59 -0.94 2.40 -6.35
C GLU A 59 -2.15 1.48 -6.61
N THR A 60 -1.91 0.23 -6.98
CA THR A 60 -3.01 -0.70 -7.25
C THR A 60 -3.84 -1.03 -6.01
N TYR A 61 -3.30 -0.74 -4.83
CA TYR A 61 -4.00 -0.98 -3.57
C TYR A 61 -4.89 0.19 -3.15
N CYS A 62 -4.92 1.27 -3.91
CA CYS A 62 -5.74 2.43 -3.56
C CYS A 62 -7.23 2.11 -3.55
N ALA A 63 -7.99 2.87 -2.77
CA ALA A 63 -9.41 2.62 -2.60
C ALA A 63 -10.24 3.10 -3.79
N THR A 64 -9.74 4.12 -4.45
CA THR A 64 -10.43 4.74 -5.59
C THR A 64 -9.35 5.47 -6.40
N PRO A 65 -9.54 5.63 -7.72
CA PRO A 65 -8.57 6.35 -8.54
C PRO A 65 -8.68 7.87 -8.39
N ALA A 66 -7.67 8.57 -8.88
CA ALA A 66 -7.68 10.03 -8.90
C ALA A 66 -8.68 10.49 -9.98
N LYS A 67 -9.18 11.71 -9.82
CA LYS A 67 -10.07 12.31 -10.81
C LYS A 67 -9.60 13.74 -11.11
N SER A 68 -9.00 13.92 -12.27
CA SER A 68 -8.54 15.24 -12.70
C SER A 68 -8.84 15.37 -14.18
N GLU A 69 -9.58 16.42 -14.53
CA GLU A 69 -9.98 16.72 -15.90
C GLU A 69 -10.35 18.19 -15.89
N ALA A 1 15.15 6.97 -12.08
CA ALA A 1 16.28 7.29 -11.16
C ALA A 1 16.16 6.47 -9.89
N TYR A 2 17.29 6.05 -9.33
CA TYR A 2 17.30 5.22 -8.12
C TYR A 2 16.84 6.01 -6.90
N ARG A 3 16.12 5.33 -6.00
CA ARG A 3 15.76 5.87 -4.70
C ARG A 3 16.05 4.74 -3.72
N PRO A 4 16.59 5.05 -2.53
CA PRO A 4 16.85 3.98 -1.58
C PRO A 4 15.57 3.40 -0.97
N SER A 5 14.52 4.21 -0.96
CA SER A 5 13.22 3.82 -0.39
C SER A 5 12.41 2.98 -1.38
N GLU A 6 13.04 1.93 -1.89
CA GLU A 6 12.43 1.02 -2.86
C GLU A 6 11.58 -0.02 -2.13
N THR A 7 11.64 0.01 -0.81
CA THR A 7 10.87 -0.88 0.04
C THR A 7 10.44 -0.16 1.27
N LEU A 8 9.30 -0.59 1.77
CA LEU A 8 8.69 0.01 2.93
C LEU A 8 8.16 -1.03 3.84
N CYS A 9 8.18 -0.67 5.10
CA CYS A 9 7.64 -1.51 6.16
C CYS A 9 6.97 -0.62 7.19
N GLY A 10 6.01 -1.15 7.93
CA GLY A 10 5.36 -0.38 8.98
C GLY A 10 4.71 0.90 8.47
N GLY A 11 4.89 1.97 9.24
CA GLY A 11 4.32 3.26 8.87
C GLY A 11 4.91 3.89 7.62
N GLU A 12 6.08 3.44 7.19
CA GLU A 12 6.68 4.00 5.97
C GLU A 12 5.82 3.63 4.77
N LEU A 13 5.26 2.42 4.83
CA LEU A 13 4.39 1.92 3.78
C LEU A 13 3.10 2.72 3.75
N VAL A 14 2.58 3.04 4.92
CA VAL A 14 1.38 3.86 5.04
C VAL A 14 1.65 5.22 4.42
N ASP A 15 2.81 5.79 4.70
CA ASP A 15 3.17 7.09 4.14
C ASP A 15 3.24 7.05 2.62
N THR A 16 3.83 5.99 2.06
CA THR A 16 3.93 5.88 0.61
C THR A 16 2.53 5.67 -0.02
N LEU A 17 1.70 4.87 0.62
CA LEU A 17 0.33 4.68 0.16
C LEU A 17 -0.47 5.99 0.19
N GLN A 18 -0.27 6.79 1.22
CA GLN A 18 -0.92 8.11 1.30
C GLN A 18 -0.41 9.03 0.21
N PHE A 19 0.82 8.84 -0.24
CA PHE A 19 1.37 9.67 -1.29
C PHE A 19 0.80 9.31 -2.67
N VAL A 20 0.73 8.02 -3.00
CA VAL A 20 0.26 7.63 -4.34
C VAL A 20 -1.26 7.72 -4.49
N CYS A 21 -1.99 7.54 -3.38
CA CYS A 21 -3.45 7.55 -3.41
C CYS A 21 -4.03 8.87 -2.95
N GLY A 22 -3.20 9.69 -2.32
CA GLY A 22 -3.69 10.92 -1.71
C GLY A 22 -4.57 10.59 -0.52
N ASP A 23 -5.38 11.55 -0.15
CA ASP A 23 -6.34 11.44 0.96
C ASP A 23 -7.52 10.49 0.61
N ARG A 24 -7.50 9.92 -0.58
CA ARG A 24 -8.64 9.13 -1.07
C ARG A 24 -8.68 7.72 -0.47
N GLY A 25 -7.64 7.34 0.24
CA GLY A 25 -7.63 6.09 0.97
C GLY A 25 -7.11 4.91 0.16
N PHE A 26 -6.87 3.81 0.87
CA PHE A 26 -6.26 2.62 0.28
C PHE A 26 -6.57 1.40 1.13
N TYR A 27 -6.23 0.24 0.58
CA TYR A 27 -6.36 -1.04 1.26
C TYR A 27 -4.95 -1.49 1.61
N PHE A 28 -4.79 -2.37 2.60
CA PHE A 28 -3.47 -2.94 2.88
C PHE A 28 -3.51 -4.34 2.36
N ASN A 29 -4.63 -4.98 2.60
CA ASN A 29 -4.79 -6.40 2.36
C ASN A 29 -6.15 -6.73 1.80
N ARG A 30 -6.77 -5.72 1.22
CA ARG A 30 -8.05 -5.86 0.49
C ARG A 30 -9.04 -6.77 1.21
N PRO A 31 -9.35 -6.45 2.48
CA PRO A 31 -10.06 -7.47 3.25
C PRO A 31 -11.53 -7.59 2.93
N ALA A 32 -12.05 -6.44 2.52
CA ALA A 32 -13.46 -6.25 2.14
C ALA A 32 -14.45 -6.61 3.27
N SER A 33 -13.93 -6.55 4.48
CA SER A 33 -14.71 -6.82 5.68
C SER A 33 -14.00 -6.09 6.81
N ARG A 34 -14.72 -5.78 7.89
CA ARG A 34 -14.15 -5.03 9.01
C ARG A 34 -14.13 -5.84 10.29
N VAL A 35 -14.33 -7.13 10.14
CA VAL A 35 -14.36 -8.06 11.29
C VAL A 35 -12.98 -8.29 11.88
N SER A 36 -11.95 -7.91 11.13
CA SER A 36 -10.56 -8.00 11.56
C SER A 36 -10.19 -9.35 12.20
N ARG A 37 -10.46 -10.43 11.48
CA ARG A 37 -10.22 -11.78 12.01
C ARG A 37 -8.75 -12.12 12.23
N ARG A 38 -7.86 -11.29 11.71
CA ARG A 38 -6.39 -11.45 11.88
C ARG A 38 -5.90 -12.80 11.37
N SER A 39 -6.61 -13.34 10.40
CA SER A 39 -6.22 -14.57 9.73
C SER A 39 -5.14 -14.20 8.73
N PRO A 40 -4.30 -15.16 8.33
CA PRO A 40 -3.29 -14.80 7.33
C PRO A 40 -3.92 -14.47 5.98
N GLN A 41 -3.68 -13.24 5.52
CA GLN A 41 -4.22 -12.75 4.27
C GLN A 41 -3.17 -11.87 3.63
N ARG A 42 -2.82 -12.16 2.39
CA ARG A 42 -1.73 -11.46 1.71
C ARG A 42 -2.10 -10.03 1.38
N GLY A 43 -1.11 -9.16 1.37
CA GLY A 43 -1.35 -7.75 1.10
C GLY A 43 -0.13 -7.00 0.61
N ILE A 44 -0.24 -5.68 0.58
CA ILE A 44 0.82 -4.78 0.11
C ILE A 44 2.10 -4.94 0.93
N VAL A 45 1.96 -5.26 2.20
CA VAL A 45 3.12 -5.45 3.07
C VAL A 45 3.98 -6.61 2.54
N GLU A 46 3.36 -7.62 1.95
CA GLU A 46 4.15 -8.72 1.39
C GLU A 46 4.79 -8.33 0.08
N GLU A 47 4.23 -7.33 -0.59
CA GLU A 47 4.76 -6.90 -1.88
C GLU A 47 5.89 -5.88 -1.69
N CYS A 48 5.83 -5.09 -0.63
CA CYS A 48 6.77 -3.99 -0.43
C CYS A 48 7.71 -4.09 0.78
N CYS A 49 7.44 -5.02 1.71
CA CYS A 49 8.32 -5.22 2.88
C CYS A 49 9.02 -6.58 2.77
N PHE A 50 8.26 -7.61 2.45
CA PHE A 50 8.84 -8.96 2.27
C PHE A 50 9.41 -9.12 0.87
N ARG A 51 9.06 -8.20 -0.02
CA ARG A 51 9.55 -8.16 -1.40
C ARG A 51 9.73 -6.70 -1.71
N SER A 52 10.11 -6.39 -2.94
CA SER A 52 10.26 -5.00 -3.39
C SER A 52 9.15 -4.70 -4.36
N CYS A 53 8.72 -3.45 -4.40
CA CYS A 53 7.61 -3.03 -5.24
C CYS A 53 7.91 -1.64 -5.79
N ASP A 54 7.17 -1.27 -6.82
CA ASP A 54 7.28 0.06 -7.41
C ASP A 54 6.11 0.88 -6.90
N LEU A 55 6.19 2.21 -7.06
CA LEU A 55 5.08 3.09 -6.66
C LEU A 55 3.83 2.72 -7.42
N ALA A 56 4.04 2.21 -8.62
CA ALA A 56 2.97 1.86 -9.53
C ALA A 56 2.25 0.59 -9.07
N LEU A 57 3.01 -0.38 -8.55
CA LEU A 57 2.42 -1.59 -7.98
C LEU A 57 1.67 -1.20 -6.73
N LEU A 58 2.28 -0.35 -5.94
CA LEU A 58 1.74 0.11 -4.70
C LEU A 58 0.41 0.86 -4.89
N GLU A 59 0.34 1.63 -5.96
CA GLU A 59 -0.86 2.39 -6.31
C GLU A 59 -2.08 1.51 -6.63
N THR A 60 -1.87 0.25 -6.96
CA THR A 60 -2.99 -0.65 -7.24
C THR A 60 -3.84 -0.93 -6.00
N TYR A 61 -3.28 -0.65 -4.83
CA TYR A 61 -4.00 -0.85 -3.57
C TYR A 61 -4.84 0.38 -3.18
N CYS A 62 -4.84 1.43 -3.99
CA CYS A 62 -5.65 2.61 -3.69
C CYS A 62 -7.14 2.26 -3.69
N ALA A 63 -7.92 3.01 -2.94
CA ALA A 63 -9.35 2.74 -2.80
C ALA A 63 -10.16 3.29 -3.97
N THR A 64 -9.51 4.05 -4.84
CA THR A 64 -10.14 4.66 -6.00
C THR A 64 -9.00 4.93 -6.99
N PRO A 65 -9.28 4.98 -8.31
CA PRO A 65 -8.22 5.24 -9.29
C PRO A 65 -7.78 6.71 -9.35
N ALA A 66 -6.69 6.94 -10.06
CA ALA A 66 -6.15 8.29 -10.23
C ALA A 66 -7.06 9.18 -11.08
N LYS A 67 -6.86 10.48 -10.96
CA LYS A 67 -7.55 11.47 -11.78
C LYS A 67 -6.49 12.32 -12.46
N SER A 68 -6.35 12.17 -13.78
CA SER A 68 -5.35 12.90 -14.55
C SER A 68 -5.98 14.11 -15.26
N GLU A 69 -7.03 14.64 -14.65
CA GLU A 69 -7.77 15.79 -15.19
C GLU A 69 -8.18 16.60 -13.97
N ALA A 1 22.03 10.09 4.04
CA ALA A 1 22.41 9.47 2.74
C ALA A 1 21.17 8.93 2.05
N TYR A 2 21.04 9.16 0.76
CA TYR A 2 19.88 8.71 -0.01
C TYR A 2 19.93 7.19 -0.22
N ARG A 3 18.75 6.58 -0.29
CA ARG A 3 18.60 5.16 -0.63
C ARG A 3 17.44 5.13 -1.60
N PRO A 4 17.43 4.20 -2.57
CA PRO A 4 16.28 4.14 -3.47
C PRO A 4 14.99 3.72 -2.76
N SER A 5 15.13 3.05 -1.63
CA SER A 5 14.01 2.67 -0.76
C SER A 5 12.93 1.90 -1.52
N GLU A 6 13.38 0.85 -2.21
CA GLU A 6 12.53 0.00 -3.03
C GLU A 6 11.68 -0.95 -2.16
N THR A 7 11.95 -0.92 -0.87
CA THR A 7 11.19 -1.69 0.10
C THR A 7 10.65 -0.76 1.16
N LEU A 8 9.43 -1.04 1.61
CA LEU A 8 8.78 -0.25 2.64
C LEU A 8 8.13 -1.14 3.65
N CYS A 9 8.24 -0.72 4.89
CA CYS A 9 7.70 -1.49 6.00
C CYS A 9 7.03 -0.57 7.03
N GLY A 10 6.01 -1.09 7.70
CA GLY A 10 5.33 -0.34 8.74
C GLY A 10 4.75 0.97 8.24
N GLY A 11 4.99 2.03 8.99
CA GLY A 11 4.48 3.35 8.63
C GLY A 11 5.08 3.93 7.36
N GLU A 12 6.24 3.45 6.95
CA GLU A 12 6.87 3.96 5.71
C GLU A 12 5.99 3.59 4.52
N LEU A 13 5.39 2.41 4.62
CA LEU A 13 4.53 1.93 3.55
C LEU A 13 3.23 2.72 3.55
N VAL A 14 2.73 3.01 4.73
CA VAL A 14 1.51 3.81 4.89
C VAL A 14 1.70 5.20 4.30
N ASP A 15 2.84 5.80 4.60
CA ASP A 15 3.12 7.16 4.13
C ASP A 15 3.10 7.22 2.60
N THR A 16 3.74 6.23 1.97
CA THR A 16 3.75 6.17 0.52
C THR A 16 2.35 5.88 -0.06
N LEU A 17 1.59 5.03 0.62
CA LEU A 17 0.22 4.75 0.18
C LEU A 17 -0.65 6.00 0.26
N GLN A 18 -0.43 6.81 1.28
CA GLN A 18 -1.15 8.09 1.40
C GLN A 18 -0.73 9.01 0.25
N PHE A 19 0.53 8.99 -0.14
CA PHE A 19 0.98 9.83 -1.24
C PHE A 19 0.44 9.43 -2.62
N VAL A 20 0.53 8.15 -2.98
CA VAL A 20 0.10 7.73 -4.33
C VAL A 20 -1.42 7.80 -4.49
N CYS A 21 -2.15 7.65 -3.39
CA CYS A 21 -3.62 7.63 -3.44
C CYS A 21 -4.27 8.94 -3.03
N GLY A 22 -3.66 9.68 -2.14
CA GLY A 22 -4.31 10.85 -1.58
C GLY A 22 -5.40 10.42 -0.62
N ASP A 23 -6.21 11.37 -0.20
CA ASP A 23 -7.24 11.16 0.82
C ASP A 23 -8.38 10.20 0.43
N ARG A 24 -8.36 9.64 -0.77
CA ARG A 24 -9.41 8.70 -1.18
C ARG A 24 -9.23 7.34 -0.51
N GLY A 25 -8.11 7.16 0.17
CA GLY A 25 -7.86 5.95 0.94
C GLY A 25 -7.26 4.81 0.15
N PHE A 26 -6.91 3.75 0.86
CA PHE A 26 -6.25 2.59 0.28
C PHE A 26 -6.51 1.34 1.13
N TYR A 27 -6.23 0.19 0.55
CA TYR A 27 -6.32 -1.10 1.22
C TYR A 27 -4.92 -1.49 1.67
N PHE A 28 -4.78 -2.39 2.64
CA PHE A 28 -3.46 -2.91 2.98
C PHE A 28 -3.47 -4.36 2.60
N ASN A 29 -4.52 -5.03 3.04
CA ASN A 29 -4.65 -6.46 2.88
C ASN A 29 -6.04 -6.82 2.40
N ARG A 30 -6.63 -5.86 1.70
CA ARG A 30 -7.96 -6.04 1.08
C ARG A 30 -8.97 -6.70 2.01
N PRO A 31 -9.16 -6.14 3.22
CA PRO A 31 -9.90 -6.95 4.20
C PRO A 31 -11.38 -7.15 3.95
N ALA A 32 -12.06 -6.05 3.62
CA ALA A 32 -13.50 -5.99 3.38
C ALA A 32 -14.38 -6.60 4.50
N SER A 33 -13.82 -6.66 5.69
CA SER A 33 -14.48 -7.27 6.85
C SER A 33 -13.72 -6.90 8.12
N ARG A 34 -14.33 -7.12 9.27
CA ARG A 34 -13.71 -6.84 10.58
C ARG A 34 -12.80 -7.99 11.04
N VAL A 35 -12.08 -8.59 10.11
CA VAL A 35 -11.19 -9.72 10.41
C VAL A 35 -9.97 -9.34 11.22
N SER A 36 -9.73 -8.03 11.34
CA SER A 36 -8.63 -7.48 12.15
C SER A 36 -7.26 -8.10 11.81
N ARG A 37 -7.09 -8.47 10.54
CA ARG A 37 -5.88 -9.14 10.05
C ARG A 37 -5.49 -10.41 10.84
N ARG A 38 -6.49 -11.08 11.42
CA ARG A 38 -6.24 -12.35 12.10
C ARG A 38 -6.21 -13.46 11.07
N SER A 39 -7.04 -13.32 10.05
CA SER A 39 -7.05 -14.25 8.93
C SER A 39 -5.78 -14.02 8.12
N PRO A 40 -5.25 -15.06 7.45
CA PRO A 40 -4.01 -14.93 6.64
C PRO A 40 -4.22 -14.21 5.30
N GLN A 41 -4.70 -12.98 5.37
CA GLN A 41 -4.89 -12.16 4.18
C GLN A 41 -3.59 -11.48 3.82
N ARG A 42 -3.04 -11.83 2.68
CA ARG A 42 -1.83 -11.18 2.20
C ARG A 42 -2.18 -9.78 1.72
N GLY A 43 -1.16 -8.96 1.57
CA GLY A 43 -1.40 -7.58 1.15
C GLY A 43 -0.17 -6.90 0.63
N ILE A 44 -0.25 -5.57 0.56
CA ILE A 44 0.83 -4.72 0.07
C ILE A 44 2.10 -4.92 0.89
N VAL A 45 1.94 -5.23 2.17
CA VAL A 45 3.08 -5.50 3.04
C VAL A 45 3.90 -6.69 2.53
N GLU A 46 3.26 -7.68 1.92
CA GLU A 46 4.02 -8.81 1.37
C GLU A 46 4.71 -8.41 0.08
N GLU A 47 4.18 -7.41 -0.59
CA GLU A 47 4.73 -6.98 -1.87
C GLU A 47 5.88 -5.98 -1.68
N CYS A 48 5.82 -5.18 -0.62
CA CYS A 48 6.81 -4.12 -0.39
C CYS A 48 7.75 -4.30 0.81
N CYS A 49 7.41 -5.17 1.76
CA CYS A 49 8.28 -5.37 2.93
C CYS A 49 8.96 -6.74 2.85
N PHE A 50 8.22 -7.75 2.42
CA PHE A 50 8.78 -9.09 2.24
C PHE A 50 9.32 -9.26 0.82
N ARG A 51 9.02 -8.31 -0.04
CA ARG A 51 9.49 -8.27 -1.43
C ARG A 51 9.71 -6.81 -1.74
N SER A 52 10.20 -6.52 -2.94
CA SER A 52 10.42 -5.15 -3.40
C SER A 52 9.24 -4.74 -4.27
N CYS A 53 8.91 -3.45 -4.31
CA CYS A 53 7.78 -2.98 -5.12
C CYS A 53 8.02 -1.58 -5.67
N ASP A 54 7.25 -1.24 -6.69
CA ASP A 54 7.29 0.09 -7.29
C ASP A 54 6.14 0.91 -6.71
N LEU A 55 6.20 2.23 -6.84
CA LEU A 55 5.08 3.10 -6.46
C LEU A 55 3.86 2.75 -7.29
N ALA A 56 4.14 2.23 -8.48
CA ALA A 56 3.12 1.86 -9.43
C ALA A 56 2.38 0.60 -8.98
N LEU A 57 3.12 -0.38 -8.48
CA LEU A 57 2.52 -1.60 -7.91
C LEU A 57 1.74 -1.20 -6.68
N LEU A 58 2.33 -0.33 -5.90
CA LEU A 58 1.76 0.16 -4.66
C LEU A 58 0.43 0.90 -4.88
N GLU A 59 0.36 1.66 -5.96
CA GLU A 59 -0.84 2.41 -6.32
C GLU A 59 -2.06 1.52 -6.58
N THR A 60 -1.84 0.27 -6.94
CA THR A 60 -2.96 -0.63 -7.23
C THR A 60 -3.80 -0.92 -5.99
N TYR A 61 -3.26 -0.64 -4.81
CA TYR A 61 -3.98 -0.82 -3.56
C TYR A 61 -4.85 0.38 -3.19
N CYS A 62 -4.90 1.42 -4.00
CA CYS A 62 -5.78 2.57 -3.71
C CYS A 62 -7.23 2.10 -3.66
N ALA A 63 -8.03 2.73 -2.83
CA ALA A 63 -9.39 2.28 -2.59
C ALA A 63 -10.34 2.54 -3.75
N THR A 64 -10.01 3.51 -4.59
CA THR A 64 -10.82 3.87 -5.74
C THR A 64 -9.85 4.58 -6.71
N PRO A 65 -10.13 4.55 -8.03
CA PRO A 65 -9.22 5.18 -8.99
C PRO A 65 -9.30 6.72 -9.01
N ALA A 66 -8.36 7.34 -9.69
CA ALA A 66 -8.35 8.80 -9.84
C ALA A 66 -9.27 9.20 -11.01
N LYS A 67 -9.93 10.34 -10.87
CA LYS A 67 -10.78 10.89 -11.94
C LYS A 67 -9.94 11.70 -12.95
N SER A 68 -8.82 11.12 -13.37
CA SER A 68 -7.88 11.81 -14.26
C SER A 68 -8.27 11.65 -15.73
N GLU A 69 -9.42 12.21 -16.09
CA GLU A 69 -9.92 12.17 -17.47
C GLU A 69 -10.82 13.39 -17.64
N ALA A 1 23.83 7.77 6.19
CA ALA A 1 23.81 8.09 4.73
C ALA A 1 22.44 7.78 4.14
N TYR A 2 22.10 8.42 3.03
CA TYR A 2 20.82 8.19 2.38
C TYR A 2 20.77 6.80 1.77
N ARG A 3 19.57 6.21 1.72
CA ARG A 3 19.33 4.93 1.05
C ARG A 3 18.09 5.13 0.21
N PRO A 4 17.92 4.37 -0.88
CA PRO A 4 16.72 4.52 -1.70
C PRO A 4 15.43 4.03 -1.04
N SER A 5 15.58 3.21 -0.01
CA SER A 5 14.45 2.58 0.71
C SER A 5 13.62 1.78 -0.28
N GLU A 6 14.28 0.78 -0.86
CA GLU A 6 13.70 -0.08 -1.88
C GLU A 6 12.59 -0.97 -1.32
N THR A 7 12.46 -0.96 0.00
CA THR A 7 11.42 -1.70 0.68
C THR A 7 10.76 -0.78 1.68
N LEU A 8 9.51 -1.08 1.98
CA LEU A 8 8.72 -0.29 2.90
C LEU A 8 8.04 -1.17 3.88
N CYS A 9 7.90 -0.66 5.08
CA CYS A 9 7.21 -1.39 6.13
C CYS A 9 6.69 -0.42 7.16
N GLY A 10 5.70 -0.85 7.93
CA GLY A 10 5.14 0.00 8.98
C GLY A 10 4.64 1.32 8.44
N GLY A 11 5.00 2.39 9.15
CA GLY A 11 4.59 3.73 8.75
C GLY A 11 5.15 4.19 7.42
N GLU A 12 6.30 3.68 7.00
CA GLU A 12 6.88 4.08 5.72
C GLU A 12 5.99 3.64 4.57
N LEU A 13 5.43 2.44 4.70
CA LEU A 13 4.57 1.90 3.65
C LEU A 13 3.28 2.70 3.63
N VAL A 14 2.75 2.99 4.81
CA VAL A 14 1.53 3.79 4.94
C VAL A 14 1.73 5.18 4.34
N ASP A 15 2.85 5.82 4.63
CA ASP A 15 3.09 7.17 4.11
C ASP A 15 3.21 7.18 2.61
N THR A 16 3.79 6.14 2.03
CA THR A 16 3.88 6.06 0.58
C THR A 16 2.50 5.83 -0.04
N LEU A 17 1.68 5.02 0.60
CA LEU A 17 0.31 4.80 0.13
C LEU A 17 -0.50 6.11 0.22
N GLN A 18 -0.26 6.89 1.26
CA GLN A 18 -0.86 8.20 1.41
C GLN A 18 -0.32 9.19 0.37
N PHE A 19 0.86 8.94 -0.15
CA PHE A 19 1.44 9.82 -1.17
C PHE A 19 0.85 9.57 -2.56
N VAL A 20 0.80 8.31 -2.98
CA VAL A 20 0.37 7.98 -4.35
C VAL A 20 -1.11 8.26 -4.61
N CYS A 21 -1.92 8.21 -3.55
CA CYS A 21 -3.37 8.39 -3.68
C CYS A 21 -3.97 9.42 -2.73
N GLY A 22 -3.12 10.11 -1.99
CA GLY A 22 -3.60 11.13 -1.07
C GLY A 22 -4.37 10.55 0.10
N ASP A 23 -5.17 11.41 0.70
CA ASP A 23 -6.03 11.07 1.83
C ASP A 23 -7.22 10.17 1.42
N ARG A 24 -7.29 9.78 0.16
CA ARG A 24 -8.45 9.04 -0.36
C ARG A 24 -8.48 7.59 0.12
N GLY A 25 -7.41 7.17 0.76
CA GLY A 25 -7.39 5.88 1.42
C GLY A 25 -6.97 4.74 0.53
N PHE A 26 -6.74 3.60 1.16
CA PHE A 26 -6.22 2.42 0.46
C PHE A 26 -6.51 1.15 1.24
N TYR A 27 -6.36 0.05 0.55
CA TYR A 27 -6.50 -1.28 1.09
C TYR A 27 -5.09 -1.74 1.49
N PHE A 28 -4.97 -2.84 2.20
CA PHE A 28 -3.65 -3.40 2.50
C PHE A 28 -3.65 -4.83 2.02
N ASN A 29 -4.68 -5.55 2.41
CA ASN A 29 -4.86 -6.95 1.99
C ASN A 29 -6.20 -7.11 1.31
N ARG A 30 -6.60 -6.04 0.64
CA ARG A 30 -7.84 -6.01 -0.15
C ARG A 30 -9.04 -6.67 0.48
N PRO A 31 -9.35 -6.34 1.75
CA PRO A 31 -10.39 -7.18 2.34
C PRO A 31 -11.79 -6.92 1.82
N ALA A 32 -12.05 -5.65 1.54
CA ALA A 32 -13.33 -5.14 1.05
C ALA A 32 -14.53 -5.51 1.93
N SER A 33 -14.21 -5.83 3.17
CA SER A 33 -15.21 -6.33 4.14
C SER A 33 -15.28 -5.47 5.38
N ARG A 34 -14.59 -4.35 5.28
CA ARG A 34 -14.46 -3.27 6.26
C ARG A 34 -14.18 -3.76 7.67
N VAL A 35 -13.47 -4.87 7.73
CA VAL A 35 -13.22 -5.54 8.99
C VAL A 35 -12.25 -4.78 9.90
N SER A 36 -11.37 -4.00 9.29
CA SER A 36 -10.39 -3.23 10.03
C SER A 36 -10.02 -2.03 9.18
N ARG A 37 -9.41 -1.02 9.81
CA ARG A 37 -9.04 0.22 9.11
C ARG A 37 -7.55 0.50 9.14
N ARG A 38 -6.79 -0.29 9.90
CA ARG A 38 -5.34 -0.08 10.04
C ARG A 38 -4.61 -1.35 10.51
N SER A 39 -4.94 -2.47 9.90
CA SER A 39 -4.31 -3.76 10.24
C SER A 39 -3.55 -4.29 9.02
N PRO A 40 -2.20 -4.20 9.02
CA PRO A 40 -1.40 -4.63 7.87
C PRO A 40 -1.17 -6.15 7.80
N GLN A 41 -2.24 -6.92 7.63
CA GLN A 41 -2.13 -8.37 7.63
C GLN A 41 -1.23 -8.92 6.51
N ARG A 42 -1.70 -8.81 5.27
CA ARG A 42 -1.00 -9.35 4.11
C ARG A 42 -1.13 -8.37 2.94
N GLY A 43 -0.93 -8.84 1.71
CA GLY A 43 -1.12 -8.01 0.55
C GLY A 43 0.06 -7.12 0.27
N ILE A 44 -0.16 -5.82 0.33
CA ILE A 44 0.89 -4.84 0.00
C ILE A 44 2.11 -4.98 0.90
N VAL A 45 1.92 -5.35 2.16
CA VAL A 45 3.06 -5.52 3.06
C VAL A 45 3.92 -6.69 2.56
N GLU A 46 3.31 -7.67 1.92
CA GLU A 46 4.07 -8.79 1.37
C GLU A 46 4.75 -8.40 0.07
N GLU A 47 4.20 -7.42 -0.62
CA GLU A 47 4.80 -6.93 -1.87
C GLU A 47 5.96 -5.98 -1.59
N CYS A 48 5.84 -5.18 -0.56
CA CYS A 48 6.80 -4.09 -0.31
C CYS A 48 7.73 -4.27 0.90
N CYS A 49 7.40 -5.15 1.85
CA CYS A 49 8.26 -5.37 3.02
C CYS A 49 8.97 -6.73 2.92
N PHE A 50 8.22 -7.75 2.53
CA PHE A 50 8.79 -9.10 2.37
C PHE A 50 9.46 -9.20 1.00
N ARG A 51 9.15 -8.25 0.12
CA ARG A 51 9.71 -8.16 -1.23
C ARG A 51 9.87 -6.68 -1.49
N SER A 52 10.21 -6.29 -2.70
CA SER A 52 10.35 -4.89 -3.08
C SER A 52 9.25 -4.56 -4.08
N CYS A 53 8.82 -3.30 -4.12
CA CYS A 53 7.72 -2.88 -4.99
C CYS A 53 7.96 -1.47 -5.51
N ASP A 54 7.25 -1.13 -6.57
CA ASP A 54 7.31 0.22 -7.16
C ASP A 54 6.08 1.00 -6.74
N LEU A 55 6.12 2.32 -6.90
CA LEU A 55 4.96 3.18 -6.62
C LEU A 55 3.77 2.77 -7.49
N ALA A 56 4.07 2.25 -8.65
CA ALA A 56 3.06 1.84 -9.60
C ALA A 56 2.32 0.59 -9.12
N LEU A 57 3.09 -0.36 -8.57
CA LEU A 57 2.53 -1.58 -8.00
C LEU A 57 1.71 -1.19 -6.76
N LEU A 58 2.28 -0.31 -5.98
CA LEU A 58 1.70 0.17 -4.75
C LEU A 58 0.36 0.89 -4.94
N GLU A 59 0.25 1.66 -6.01
CA GLU A 59 -0.98 2.39 -6.34
C GLU A 59 -2.19 1.47 -6.57
N THR A 60 -1.94 0.24 -6.99
CA THR A 60 -3.04 -0.71 -7.26
C THR A 60 -3.89 -1.04 -6.03
N TYR A 61 -3.35 -0.75 -4.85
CA TYR A 61 -4.07 -1.01 -3.60
C TYR A 61 -4.93 0.17 -3.14
N CYS A 62 -4.99 1.26 -3.89
CA CYS A 62 -5.77 2.42 -3.47
C CYS A 62 -7.28 2.16 -3.41
N ALA A 63 -7.97 2.97 -2.61
CA ALA A 63 -9.40 2.76 -2.36
C ALA A 63 -10.29 3.40 -3.40
N THR A 64 -9.98 4.64 -3.74
CA THR A 64 -10.80 5.46 -4.63
C THR A 64 -9.90 6.60 -5.12
N PRO A 65 -10.15 7.15 -6.33
CA PRO A 65 -9.31 8.23 -6.86
C PRO A 65 -9.60 9.61 -6.23
N ALA A 66 -8.73 10.57 -6.55
CA ALA A 66 -8.93 11.94 -6.13
C ALA A 66 -9.83 12.64 -7.16
N LYS A 67 -10.46 13.73 -6.77
CA LYS A 67 -11.31 14.53 -7.69
C LYS A 67 -10.46 15.52 -8.50
N SER A 68 -9.33 15.04 -9.01
CA SER A 68 -8.39 15.87 -9.76
C SER A 68 -8.84 16.03 -11.21
N GLU A 69 -9.84 16.89 -11.41
CA GLU A 69 -10.37 17.21 -12.74
C GLU A 69 -10.68 18.69 -12.73
N ALA A 1 23.56 8.15 6.36
CA ALA A 1 23.63 8.18 4.87
C ALA A 1 22.30 7.70 4.29
N TYR A 2 21.96 8.21 3.12
CA TYR A 2 20.73 7.83 2.43
C TYR A 2 20.80 6.38 1.95
N ARG A 3 19.64 5.73 1.81
CA ARG A 3 19.54 4.39 1.25
C ARG A 3 18.46 4.49 0.19
N PRO A 4 18.58 3.76 -0.93
CA PRO A 4 17.53 3.84 -1.95
C PRO A 4 16.19 3.29 -1.48
N SER A 5 16.23 2.42 -0.47
CA SER A 5 15.03 1.93 0.22
C SER A 5 13.91 1.45 -0.71
N GLU A 6 14.21 0.45 -1.54
CA GLU A 6 13.23 -0.13 -2.47
C GLU A 6 12.20 -1.03 -1.76
N THR A 7 12.18 -0.97 -0.44
CA THR A 7 11.26 -1.73 0.39
C THR A 7 10.67 -0.80 1.43
N LEU A 8 9.43 -1.06 1.81
CA LEU A 8 8.73 -0.26 2.82
C LEU A 8 8.06 -1.17 3.80
N CYS A 9 7.96 -0.70 5.02
CA CYS A 9 7.27 -1.46 6.05
C CYS A 9 6.63 -0.54 7.09
N GLY A 10 5.59 -1.04 7.75
CA GLY A 10 4.93 -0.25 8.78
C GLY A 10 4.47 1.10 8.30
N GLY A 11 4.79 2.13 9.06
CA GLY A 11 4.39 3.49 8.72
C GLY A 11 5.01 4.03 7.44
N GLU A 12 6.15 3.49 7.02
CA GLU A 12 6.79 3.96 5.79
C GLU A 12 5.89 3.62 4.61
N LEU A 13 5.30 2.43 4.68
CA LEU A 13 4.45 1.95 3.61
C LEU A 13 3.16 2.75 3.59
N VAL A 14 2.63 3.04 4.77
CA VAL A 14 1.43 3.88 4.91
C VAL A 14 1.68 5.26 4.34
N ASP A 15 2.83 5.86 4.65
CA ASP A 15 3.16 7.20 4.16
C ASP A 15 3.20 7.22 2.64
N THR A 16 3.73 6.18 2.04
CA THR A 16 3.81 6.11 0.58
C THR A 16 2.43 5.88 -0.04
N LEU A 17 1.59 5.07 0.60
CA LEU A 17 0.23 4.83 0.12
C LEU A 17 -0.58 6.14 0.19
N GLN A 18 -0.35 6.93 1.22
CA GLN A 18 -0.96 8.25 1.34
C GLN A 18 -0.41 9.19 0.25
N PHE A 19 0.86 9.05 -0.09
CA PHE A 19 1.47 9.89 -1.11
C PHE A 19 0.93 9.63 -2.53
N VAL A 20 0.80 8.37 -2.92
CA VAL A 20 0.39 8.05 -4.29
C VAL A 20 -1.09 8.32 -4.57
N CYS A 21 -1.91 8.32 -3.53
CA CYS A 21 -3.38 8.45 -3.71
C CYS A 21 -4.11 9.45 -2.80
N GLY A 22 -3.44 10.01 -1.81
CA GLY A 22 -4.07 10.96 -0.90
C GLY A 22 -4.77 10.29 0.27
N ASP A 23 -5.20 11.12 1.22
CA ASP A 23 -5.85 10.66 2.45
C ASP A 23 -7.25 10.07 2.25
N ARG A 24 -7.73 10.08 1.01
CA ARG A 24 -9.01 9.47 0.66
C ARG A 24 -9.05 7.97 1.00
N GLY A 25 -7.87 7.39 1.19
CA GLY A 25 -7.78 6.02 1.66
C GLY A 25 -7.33 4.99 0.64
N PHE A 26 -6.95 3.84 1.18
CA PHE A 26 -6.43 2.74 0.40
C PHE A 26 -6.65 1.49 1.24
N TYR A 27 -6.40 0.34 0.63
CA TYR A 27 -6.52 -0.94 1.30
C TYR A 27 -5.11 -1.45 1.53
N PHE A 28 -4.93 -2.37 2.45
CA PHE A 28 -3.63 -3.00 2.64
C PHE A 28 -3.67 -4.38 2.02
N ASN A 29 -4.84 -5.00 2.04
CA ASN A 29 -5.01 -6.36 1.54
C ASN A 29 -6.34 -6.56 0.85
N ARG A 30 -6.94 -5.45 0.45
CA ARG A 30 -8.20 -5.45 -0.31
C ARG A 30 -9.24 -6.48 0.14
N PRO A 31 -9.53 -6.54 1.45
CA PRO A 31 -10.28 -7.73 1.88
C PRO A 31 -11.77 -7.66 1.66
N ALA A 32 -12.28 -6.45 1.81
CA ALA A 32 -13.71 -6.11 1.75
C ALA A 32 -14.59 -6.95 2.68
N SER A 33 -13.96 -7.53 3.67
CA SER A 33 -14.62 -8.45 4.61
C SER A 33 -14.94 -7.81 5.94
N ARG A 34 -14.65 -6.53 5.97
CA ARG A 34 -14.87 -5.63 7.11
C ARG A 34 -14.17 -6.11 8.37
N VAL A 35 -13.12 -6.89 8.19
CA VAL A 35 -12.43 -7.51 9.31
C VAL A 35 -11.75 -6.49 10.22
N SER A 36 -11.04 -5.54 9.62
CA SER A 36 -10.35 -4.51 10.37
C SER A 36 -9.97 -3.40 9.42
N ARG A 37 -9.93 -2.17 9.93
CA ARG A 37 -9.49 -1.02 9.12
C ARG A 37 -8.00 -0.78 9.29
N ARG A 38 -7.34 -1.60 10.10
CA ARG A 38 -5.89 -1.47 10.33
C ARG A 38 -5.22 -2.80 10.68
N SER A 39 -5.32 -3.76 9.77
CA SER A 39 -4.62 -5.05 9.94
C SER A 39 -3.60 -5.24 8.81
N PRO A 40 -2.38 -4.69 8.97
CA PRO A 40 -1.37 -4.78 7.91
C PRO A 40 -0.58 -6.09 7.92
N GLN A 41 -1.29 -7.20 8.06
CA GLN A 41 -0.65 -8.51 8.13
C GLN A 41 -0.17 -8.99 6.76
N ARG A 42 -1.07 -8.95 5.79
CA ARG A 42 -0.78 -9.42 4.43
C ARG A 42 -1.13 -8.38 3.37
N GLY A 43 -0.92 -8.71 2.10
CA GLY A 43 -1.25 -7.81 1.01
C GLY A 43 -0.05 -7.04 0.52
N ILE A 44 -0.19 -5.72 0.50
CA ILE A 44 0.87 -4.82 0.02
C ILE A 44 2.16 -4.99 0.84
N VAL A 45 2.03 -5.35 2.11
CA VAL A 45 3.20 -5.55 2.97
C VAL A 45 4.01 -6.76 2.47
N GLU A 46 3.34 -7.74 1.90
CA GLU A 46 4.04 -8.91 1.35
C GLU A 46 4.76 -8.53 0.08
N GLU A 47 4.24 -7.52 -0.61
CA GLU A 47 4.85 -7.06 -1.86
C GLU A 47 5.97 -6.04 -1.63
N CYS A 48 5.85 -5.23 -0.59
CA CYS A 48 6.80 -4.12 -0.37
C CYS A 48 7.75 -4.29 0.81
N CYS A 49 7.44 -5.17 1.76
CA CYS A 49 8.34 -5.39 2.91
C CYS A 49 9.05 -6.73 2.79
N PHE A 50 8.29 -7.77 2.46
CA PHE A 50 8.88 -9.10 2.28
C PHE A 50 9.46 -9.25 0.87
N ARG A 51 9.09 -8.33 -0.01
CA ARG A 51 9.60 -8.26 -1.38
C ARG A 51 9.79 -6.79 -1.66
N SER A 52 10.23 -6.46 -2.87
CA SER A 52 10.42 -5.06 -3.27
C SER A 52 9.28 -4.69 -4.22
N CYS A 53 8.88 -3.42 -4.20
CA CYS A 53 7.78 -2.96 -5.04
C CYS A 53 8.03 -1.54 -5.55
N ASP A 54 7.27 -1.17 -6.57
CA ASP A 54 7.35 0.17 -7.17
C ASP A 54 6.12 0.97 -6.74
N LEU A 55 6.16 2.28 -6.92
CA LEU A 55 5.01 3.14 -6.64
C LEU A 55 3.81 2.73 -7.47
N ALA A 56 4.10 2.18 -8.64
CA ALA A 56 3.07 1.78 -9.58
C ALA A 56 2.35 0.54 -9.06
N LEU A 57 3.10 -0.40 -8.53
CA LEU A 57 2.53 -1.61 -7.93
C LEU A 57 1.73 -1.20 -6.70
N LEU A 58 2.31 -0.31 -5.93
CA LEU A 58 1.73 0.18 -4.71
C LEU A 58 0.39 0.91 -4.91
N GLU A 59 0.28 1.66 -5.99
CA GLU A 59 -0.94 2.39 -6.32
C GLU A 59 -2.15 1.46 -6.55
N THR A 60 -1.90 0.22 -6.96
CA THR A 60 -3.00 -0.72 -7.22
C THR A 60 -3.84 -1.05 -5.97
N TYR A 61 -3.30 -0.76 -4.79
CA TYR A 61 -4.00 -1.01 -3.55
C TYR A 61 -4.86 0.17 -3.08
N CYS A 62 -4.90 1.26 -3.85
CA CYS A 62 -5.70 2.42 -3.49
C CYS A 62 -7.20 2.10 -3.49
N ALA A 63 -7.96 2.91 -2.77
CA ALA A 63 -9.38 2.64 -2.57
C ALA A 63 -10.21 2.87 -3.84
N THR A 64 -9.86 3.89 -4.59
CA THR A 64 -10.56 4.25 -5.82
C THR A 64 -9.63 5.21 -6.59
N PRO A 65 -9.70 5.22 -7.94
CA PRO A 65 -8.83 6.10 -8.73
C PRO A 65 -9.24 7.56 -8.71
N ALA A 66 -8.36 8.44 -9.17
CA ALA A 66 -8.60 9.87 -9.18
C ALA A 66 -8.75 10.40 -10.60
N LYS A 67 -9.45 11.53 -10.72
CA LYS A 67 -9.54 12.29 -11.96
C LYS A 67 -9.39 13.73 -11.53
N SER A 68 -8.30 14.37 -11.93
CA SER A 68 -8.00 15.74 -11.48
C SER A 68 -7.44 16.58 -12.63
N GLU A 69 -7.97 16.36 -13.82
CA GLU A 69 -7.58 17.13 -15.00
C GLU A 69 -8.52 18.33 -15.16
N ALA A 1 24.60 8.31 2.23
CA ALA A 1 24.47 7.98 0.79
C ALA A 1 23.01 7.70 0.45
N TYR A 2 22.64 7.92 -0.81
CA TYR A 2 21.28 7.68 -1.27
C TYR A 2 20.99 6.17 -1.26
N ARG A 3 19.73 5.80 -1.04
CA ARG A 3 19.28 4.41 -1.11
C ARG A 3 18.05 4.41 -1.99
N PRO A 4 17.87 3.38 -2.83
CA PRO A 4 16.69 3.36 -3.71
C PRO A 4 15.39 3.17 -2.94
N SER A 5 15.49 2.63 -1.74
CA SER A 5 14.35 2.46 -0.83
C SER A 5 13.14 1.76 -1.48
N GLU A 6 13.43 0.76 -2.29
CA GLU A 6 12.40 -0.01 -3.03
C GLU A 6 11.64 -1.00 -2.13
N THR A 7 11.86 -0.89 -0.83
CA THR A 7 11.18 -1.71 0.15
C THR A 7 10.64 -0.81 1.22
N LEU A 8 9.44 -1.11 1.68
CA LEU A 8 8.77 -0.32 2.70
C LEU A 8 8.13 -1.19 3.72
N CYS A 9 8.23 -0.72 4.95
CA CYS A 9 7.68 -1.45 6.08
C CYS A 9 7.05 -0.49 7.08
N GLY A 10 6.04 -0.97 7.80
CA GLY A 10 5.39 -0.15 8.82
C GLY A 10 4.85 1.17 8.29
N GLY A 11 5.13 2.23 9.02
CA GLY A 11 4.67 3.56 8.64
C GLY A 11 5.25 4.09 7.34
N GLU A 12 6.36 3.54 6.89
CA GLU A 12 6.95 3.98 5.62
C GLU A 12 6.00 3.62 4.49
N LEU A 13 5.43 2.44 4.60
CA LEU A 13 4.53 1.93 3.57
C LEU A 13 3.25 2.73 3.59
N VAL A 14 2.77 3.02 4.79
CA VAL A 14 1.56 3.83 4.97
C VAL A 14 1.75 5.22 4.37
N ASP A 15 2.89 5.84 4.64
CA ASP A 15 3.15 7.18 4.12
C ASP A 15 3.15 7.19 2.60
N THR A 16 3.77 6.18 2.00
CA THR A 16 3.80 6.09 0.54
C THR A 16 2.41 5.82 -0.05
N LEU A 17 1.62 4.98 0.62
CA LEU A 17 0.26 4.70 0.15
C LEU A 17 -0.59 5.96 0.22
N GLN A 18 -0.40 6.75 1.26
CA GLN A 18 -1.10 8.04 1.38
C GLN A 18 -0.65 8.99 0.27
N PHE A 19 0.60 8.90 -0.14
CA PHE A 19 1.12 9.76 -1.21
C PHE A 19 0.53 9.41 -2.58
N VAL A 20 0.52 8.14 -2.96
CA VAL A 20 0.05 7.76 -4.31
C VAL A 20 -1.49 7.82 -4.42
N CYS A 21 -2.18 7.64 -3.30
CA CYS A 21 -3.66 7.60 -3.30
C CYS A 21 -4.34 8.89 -2.83
N GLY A 22 -3.59 9.73 -2.12
CA GLY A 22 -4.18 10.92 -1.54
C GLY A 22 -5.12 10.56 -0.39
N ASP A 23 -5.96 11.51 -0.02
CA ASP A 23 -6.93 11.34 1.09
C ASP A 23 -8.01 10.30 0.80
N ARG A 24 -7.96 9.69 -0.37
CA ARG A 24 -8.98 8.74 -0.79
C ARG A 24 -8.87 7.43 -0.03
N GLY A 25 -7.71 7.21 0.57
CA GLY A 25 -7.48 6.00 1.33
C GLY A 25 -7.02 4.87 0.46
N PHE A 26 -6.72 3.75 1.09
CA PHE A 26 -6.14 2.59 0.43
C PHE A 26 -6.45 1.35 1.22
N TYR A 27 -6.15 0.22 0.61
CA TYR A 27 -6.31 -1.08 1.23
C TYR A 27 -4.91 -1.61 1.51
N PHE A 28 -4.75 -2.47 2.52
CA PHE A 28 -3.46 -3.10 2.74
C PHE A 28 -3.54 -4.47 2.13
N ASN A 29 -4.72 -5.03 2.22
CA ASN A 29 -4.96 -6.42 1.92
C ASN A 29 -6.28 -6.66 1.26
N ARG A 30 -6.78 -5.59 0.67
CA ARG A 30 -8.00 -5.61 -0.16
C ARG A 30 -9.10 -6.56 0.30
N PRO A 31 -9.50 -6.46 1.58
CA PRO A 31 -10.39 -7.53 2.06
C PRO A 31 -11.82 -7.41 1.58
N ALA A 32 -12.20 -6.15 1.40
CA ALA A 32 -13.52 -5.73 0.91
C ALA A 32 -14.71 -6.33 1.68
N SER A 33 -14.47 -6.64 2.94
CA SER A 33 -15.48 -7.26 3.79
C SER A 33 -15.26 -6.81 5.22
N ARG A 34 -16.31 -6.85 6.02
CA ARG A 34 -16.27 -6.38 7.41
C ARG A 34 -16.80 -7.44 8.37
N VAL A 35 -16.85 -8.68 7.88
CA VAL A 35 -17.44 -9.80 8.63
C VAL A 35 -16.51 -10.39 9.68
N SER A 36 -15.26 -10.01 9.60
CA SER A 36 -14.23 -10.49 10.53
C SER A 36 -13.60 -9.28 11.19
N ARG A 37 -12.58 -9.49 12.02
CA ARG A 37 -11.90 -8.39 12.73
C ARG A 37 -11.05 -7.50 11.81
N ARG A 38 -11.04 -7.81 10.51
CA ARG A 38 -10.39 -6.98 9.46
C ARG A 38 -8.90 -6.75 9.70
N SER A 39 -8.27 -7.72 10.33
CA SER A 39 -6.85 -7.64 10.60
C SER A 39 -6.07 -7.54 9.27
N PRO A 40 -4.99 -6.74 9.24
CA PRO A 40 -4.23 -6.59 7.99
C PRO A 40 -3.37 -7.82 7.66
N GLN A 41 -3.95 -8.75 6.92
CA GLN A 41 -3.25 -9.97 6.51
C GLN A 41 -2.36 -9.68 5.29
N ARG A 42 -2.00 -10.73 4.55
CA ARG A 42 -1.12 -10.58 3.39
C ARG A 42 -1.70 -9.62 2.36
N GLY A 43 -0.81 -8.93 1.67
CA GLY A 43 -1.21 -7.91 0.73
C GLY A 43 -0.02 -7.04 0.39
N ILE A 44 -0.18 -5.72 0.38
CA ILE A 44 0.89 -4.78 0.04
C ILE A 44 2.11 -4.96 0.94
N VAL A 45 1.91 -5.34 2.19
CA VAL A 45 3.04 -5.55 3.09
C VAL A 45 3.92 -6.69 2.58
N GLU A 46 3.34 -7.71 1.96
CA GLU A 46 4.15 -8.78 1.42
C GLU A 46 4.80 -8.35 0.11
N GLU A 47 4.18 -7.43 -0.60
CA GLU A 47 4.74 -6.95 -1.84
C GLU A 47 5.91 -5.99 -1.59
N CYS A 48 5.84 -5.21 -0.52
CA CYS A 48 6.81 -4.15 -0.27
C CYS A 48 7.76 -4.36 0.91
N CYS A 49 7.41 -5.17 1.89
CA CYS A 49 8.27 -5.39 3.07
C CYS A 49 8.96 -6.75 2.98
N PHE A 50 8.22 -7.75 2.53
CA PHE A 50 8.79 -9.10 2.34
C PHE A 50 9.38 -9.24 0.94
N ARG A 51 9.06 -8.30 0.06
CA ARG A 51 9.56 -8.29 -1.33
C ARG A 51 9.79 -6.83 -1.69
N SER A 52 10.31 -6.61 -2.89
CA SER A 52 10.55 -5.27 -3.41
C SER A 52 9.32 -4.84 -4.21
N CYS A 53 9.03 -3.54 -4.21
CA CYS A 53 7.90 -2.99 -4.95
C CYS A 53 8.23 -1.58 -5.46
N ASP A 54 7.31 -1.00 -6.19
CA ASP A 54 7.46 0.35 -6.73
C ASP A 54 6.12 1.05 -6.55
N LEU A 55 6.09 2.37 -6.70
CA LEU A 55 4.87 3.18 -6.55
C LEU A 55 3.78 2.70 -7.47
N ALA A 56 4.20 2.17 -8.60
CA ALA A 56 3.29 1.73 -9.63
C ALA A 56 2.44 0.54 -9.16
N LEU A 57 3.06 -0.42 -8.51
CA LEU A 57 2.32 -1.54 -7.92
C LEU A 57 1.57 -1.06 -6.70
N LEU A 58 2.24 -0.25 -5.91
CA LEU A 58 1.69 0.25 -4.69
C LEU A 58 0.36 1.00 -4.90
N GLU A 59 0.26 1.71 -6.02
CA GLU A 59 -0.95 2.41 -6.41
C GLU A 59 -2.15 1.48 -6.66
N THR A 60 -1.89 0.24 -7.04
CA THR A 60 -2.97 -0.74 -7.30
C THR A 60 -3.77 -1.04 -6.03
N TYR A 61 -3.20 -0.69 -4.89
CA TYR A 61 -3.85 -0.91 -3.61
C TYR A 61 -4.69 0.30 -3.14
N CYS A 62 -4.78 1.36 -3.94
CA CYS A 62 -5.61 2.51 -3.57
C CYS A 62 -7.08 2.12 -3.48
N ALA A 63 -7.83 2.86 -2.67
CA ALA A 63 -9.25 2.58 -2.49
C ALA A 63 -10.04 3.05 -3.71
N THR A 64 -9.59 4.18 -4.24
CA THR A 64 -10.17 4.82 -5.42
C THR A 64 -9.12 5.91 -5.77
N PRO A 65 -9.03 6.35 -7.03
CA PRO A 65 -8.01 7.36 -7.37
C PRO A 65 -8.33 8.77 -6.86
N ALA A 66 -7.30 9.59 -6.74
CA ALA A 66 -7.44 10.96 -6.28
C ALA A 66 -7.97 11.88 -7.39
N LYS A 67 -8.59 12.98 -6.98
CA LYS A 67 -9.01 14.05 -7.88
C LYS A 67 -8.62 15.37 -7.24
N SER A 68 -7.62 16.02 -7.83
CA SER A 68 -7.11 17.31 -7.33
C SER A 68 -7.64 18.43 -8.22
N GLU A 69 -8.85 18.25 -8.71
CA GLU A 69 -9.51 19.19 -9.62
C GLU A 69 -10.99 19.16 -9.26
N ALA A 1 15.88 1.65 -10.45
CA ALA A 1 17.33 1.75 -10.09
C ALA A 1 17.54 1.18 -8.70
N TYR A 2 18.75 0.70 -8.41
CA TYR A 2 19.06 0.13 -7.10
C TYR A 2 18.90 1.18 -6.00
N ARG A 3 18.40 0.75 -4.84
CA ARG A 3 18.27 1.61 -3.69
C ARG A 3 18.88 0.83 -2.53
N PRO A 4 19.34 1.51 -1.48
CA PRO A 4 19.72 0.75 -0.28
C PRO A 4 18.47 0.19 0.40
N SER A 5 17.33 0.75 0.06
CA SER A 5 16.03 0.31 0.57
C SER A 5 14.93 0.60 -0.46
N GLU A 6 14.57 -0.42 -1.24
CA GLU A 6 13.44 -0.32 -2.18
C GLU A 6 12.24 -1.05 -1.56
N THR A 7 12.36 -1.31 -0.27
CA THR A 7 11.30 -1.92 0.49
C THR A 7 10.73 -0.89 1.45
N LEU A 8 9.48 -1.09 1.85
CA LEU A 8 8.81 -0.21 2.79
C LEU A 8 8.18 -1.01 3.87
N CYS A 9 8.26 -0.47 5.07
CA CYS A 9 7.68 -1.12 6.23
C CYS A 9 7.59 -0.14 7.39
N GLY A 10 7.06 -0.57 8.51
CA GLY A 10 7.08 0.24 9.73
C GLY A 10 6.42 1.60 9.64
N GLY A 11 5.46 1.72 8.74
CA GLY A 11 4.75 2.98 8.55
C GLY A 11 5.22 3.77 7.33
N GLU A 12 6.41 3.47 6.81
CA GLU A 12 6.90 4.11 5.58
C GLU A 12 5.95 3.73 4.45
N LEU A 13 5.47 2.49 4.53
CA LEU A 13 4.56 1.95 3.54
C LEU A 13 3.25 2.71 3.54
N VAL A 14 2.75 3.03 4.73
CA VAL A 14 1.52 3.80 4.88
C VAL A 14 1.71 5.20 4.30
N ASP A 15 2.85 5.82 4.59
CA ASP A 15 3.10 7.16 4.09
C ASP A 15 3.18 7.18 2.57
N THR A 16 3.76 6.15 1.97
CA THR A 16 3.82 6.08 0.51
C THR A 16 2.43 5.85 -0.08
N LEU A 17 1.61 5.02 0.57
CA LEU A 17 0.24 4.79 0.11
C LEU A 17 -0.59 6.07 0.20
N GLN A 18 -0.35 6.87 1.22
CA GLN A 18 -0.99 8.18 1.37
C GLN A 18 -0.49 9.16 0.30
N PHE A 19 0.71 8.95 -0.21
CA PHE A 19 1.26 9.84 -1.24
C PHE A 19 0.68 9.55 -2.63
N VAL A 20 0.60 8.28 -3.01
CA VAL A 20 0.18 7.91 -4.37
C VAL A 20 -1.32 8.12 -4.62
N CYS A 21 -2.10 8.19 -3.55
CA CYS A 21 -3.56 8.34 -3.65
C CYS A 21 -4.20 9.37 -2.70
N GLY A 22 -3.37 10.10 -1.97
CA GLY A 22 -3.89 11.13 -1.09
C GLY A 22 -4.62 10.58 0.12
N ASP A 23 -5.48 11.41 0.69
CA ASP A 23 -6.29 11.05 1.85
C ASP A 23 -7.49 10.18 1.47
N ARG A 24 -7.62 9.87 0.19
CA ARG A 24 -8.77 9.12 -0.34
C ARG A 24 -8.79 7.68 0.17
N GLY A 25 -7.67 7.21 0.69
CA GLY A 25 -7.62 5.90 1.31
C GLY A 25 -7.13 4.78 0.42
N PHE A 26 -6.83 3.66 1.05
CA PHE A 26 -6.28 2.48 0.37
C PHE A 26 -6.52 1.24 1.22
N TYR A 27 -6.32 0.09 0.61
CA TYR A 27 -6.44 -1.20 1.27
C TYR A 27 -5.02 -1.64 1.64
N PHE A 28 -4.87 -2.67 2.45
CA PHE A 28 -3.54 -3.20 2.74
C PHE A 28 -3.53 -4.61 2.24
N ASN A 29 -4.62 -5.31 2.48
CA ASN A 29 -4.76 -6.70 2.05
C ASN A 29 -6.12 -6.98 1.44
N ARG A 30 -6.75 -5.92 0.97
CA ARG A 30 -8.02 -5.98 0.22
C ARG A 30 -9.02 -6.99 0.77
N PRO A 31 -9.35 -6.88 2.07
CA PRO A 31 -10.08 -8.01 2.64
C PRO A 31 -11.56 -8.05 2.29
N ALA A 32 -12.10 -6.86 2.12
CA ALA A 32 -13.49 -6.61 1.75
C ALA A 32 -14.50 -7.29 2.69
N SER A 33 -14.07 -7.52 3.91
CA SER A 33 -14.88 -8.18 4.92
C SER A 33 -14.34 -7.80 6.29
N ARG A 34 -15.11 -8.08 7.34
CA ARG A 34 -14.70 -7.79 8.72
C ARG A 34 -15.05 -8.96 9.63
N VAL A 35 -15.04 -10.16 9.06
CA VAL A 35 -15.47 -11.36 9.79
C VAL A 35 -14.52 -11.73 10.93
N SER A 36 -13.27 -11.30 10.83
CA SER A 36 -12.29 -11.54 11.88
C SER A 36 -11.14 -10.60 11.64
N ARG A 37 -10.28 -10.42 12.63
CA ARG A 37 -9.04 -9.66 12.45
C ARG A 37 -7.88 -10.60 12.11
N ARG A 38 -8.21 -11.85 11.82
CA ARG A 38 -7.20 -12.86 11.49
C ARG A 38 -6.82 -12.76 10.02
N SER A 39 -7.82 -12.47 9.19
CA SER A 39 -7.69 -12.29 7.73
C SER A 39 -6.41 -12.79 7.05
N PRO A 40 -6.27 -14.12 6.84
CA PRO A 40 -5.08 -14.67 6.18
C PRO A 40 -5.07 -14.43 4.66
N GLN A 41 -4.90 -13.18 4.28
CA GLN A 41 -4.91 -12.75 2.89
C GLN A 41 -3.65 -11.94 2.67
N ARG A 42 -2.93 -12.23 1.59
CA ARG A 42 -1.70 -11.50 1.31
C ARG A 42 -2.00 -10.04 1.02
N GLY A 43 -1.03 -9.19 1.26
CA GLY A 43 -1.23 -7.76 1.06
C GLY A 43 -0.03 -7.02 0.55
N ILE A 44 -0.16 -5.70 0.51
CA ILE A 44 0.90 -4.80 0.06
C ILE A 44 2.14 -4.98 0.92
N VAL A 45 1.95 -5.34 2.18
CA VAL A 45 3.09 -5.61 3.07
C VAL A 45 3.93 -6.77 2.54
N GLU A 46 3.32 -7.76 1.91
CA GLU A 46 4.12 -8.86 1.35
C GLU A 46 4.80 -8.42 0.07
N GLU A 47 4.19 -7.47 -0.63
CA GLU A 47 4.74 -7.00 -1.89
C GLU A 47 5.88 -6.01 -1.67
N CYS A 48 5.78 -5.21 -0.61
CA CYS A 48 6.72 -4.12 -0.36
C CYS A 48 7.65 -4.28 0.85
N CYS A 49 7.35 -5.17 1.79
CA CYS A 49 8.22 -5.35 2.96
C CYS A 49 8.95 -6.69 2.87
N PHE A 50 8.21 -7.75 2.56
CA PHE A 50 8.82 -9.08 2.42
C PHE A 50 9.50 -9.20 1.04
N ARG A 51 9.11 -8.33 0.12
CA ARG A 51 9.71 -8.24 -1.22
C ARG A 51 9.74 -6.77 -1.57
N SER A 52 10.33 -6.45 -2.70
CA SER A 52 10.44 -5.08 -3.17
C SER A 52 9.27 -4.73 -4.08
N CYS A 53 8.90 -3.46 -4.11
CA CYS A 53 7.81 -2.98 -4.96
C CYS A 53 8.11 -1.57 -5.45
N ASP A 54 7.36 -1.12 -6.45
CA ASP A 54 7.48 0.24 -6.97
C ASP A 54 6.19 0.98 -6.65
N LEU A 55 6.21 2.30 -6.76
CA LEU A 55 5.03 3.13 -6.49
C LEU A 55 3.84 2.73 -7.35
N ALA A 56 4.16 2.22 -8.53
CA ALA A 56 3.17 1.86 -9.50
C ALA A 56 2.42 0.59 -9.07
N LEU A 57 3.15 -0.36 -8.51
CA LEU A 57 2.55 -1.58 -7.96
C LEU A 57 1.72 -1.17 -6.74
N LEU A 58 2.30 -0.30 -5.95
CA LEU A 58 1.70 0.17 -4.72
C LEU A 58 0.37 0.91 -4.93
N GLU A 59 0.28 1.69 -5.99
CA GLU A 59 -0.92 2.47 -6.30
C GLU A 59 -2.15 1.59 -6.58
N THR A 60 -1.94 0.33 -6.95
CA THR A 60 -3.05 -0.58 -7.26
C THR A 60 -3.88 -0.95 -6.04
N TYR A 61 -3.34 -0.72 -4.84
CA TYR A 61 -4.05 -1.02 -3.60
C TYR A 61 -4.99 0.10 -3.15
N CYS A 62 -5.08 1.19 -3.90
CA CYS A 62 -5.93 2.31 -3.50
C CYS A 62 -7.42 2.02 -3.46
N ALA A 63 -8.15 2.83 -2.70
CA ALA A 63 -9.56 2.61 -2.42
C ALA A 63 -10.51 3.39 -3.33
N THR A 64 -9.98 4.06 -4.34
CA THR A 64 -10.80 4.91 -5.19
C THR A 64 -10.20 4.97 -6.60
N PRO A 65 -11.05 5.13 -7.63
CA PRO A 65 -10.57 5.26 -9.00
C PRO A 65 -9.99 6.65 -9.29
N ALA A 66 -9.26 6.78 -10.38
CA ALA A 66 -8.70 8.05 -10.78
C ALA A 66 -9.82 9.02 -11.19
N LYS A 67 -9.66 10.29 -10.85
CA LYS A 67 -10.62 11.33 -11.22
C LYS A 67 -9.85 12.50 -11.80
N SER A 68 -9.51 12.40 -13.07
CA SER A 68 -8.73 13.43 -13.75
C SER A 68 -9.63 14.51 -14.35
N GLU A 69 -10.30 15.25 -13.47
CA GLU A 69 -11.20 16.34 -13.87
C GLU A 69 -11.11 17.45 -12.83
N ALA A 1 17.53 6.40 -11.10
CA ALA A 1 18.52 6.55 -9.99
C ALA A 1 18.12 5.68 -8.82
N TYR A 2 19.09 5.12 -8.10
CA TYR A 2 18.79 4.25 -6.97
C TYR A 2 18.41 5.07 -5.73
N ARG A 3 17.49 4.54 -4.93
CA ARG A 3 17.17 5.10 -3.62
C ARG A 3 17.18 3.90 -2.67
N PRO A 4 17.68 4.07 -1.45
CA PRO A 4 17.64 2.93 -0.52
C PRO A 4 16.23 2.61 -0.04
N SER A 5 15.37 3.62 -0.04
CA SER A 5 13.97 3.47 0.37
C SER A 5 13.11 2.93 -0.77
N GLU A 6 13.58 1.87 -1.41
CA GLU A 6 12.87 1.26 -2.53
C GLU A 6 11.84 0.25 -2.01
N THR A 7 11.87 0.03 -0.71
CA THR A 7 10.92 -0.87 -0.05
C THR A 7 10.50 -0.22 1.23
N LEU A 8 9.31 -0.60 1.68
CA LEU A 8 8.71 -0.01 2.85
C LEU A 8 8.17 -1.04 3.78
N CYS A 9 8.24 -0.69 5.04
CA CYS A 9 7.70 -1.51 6.12
C CYS A 9 7.08 -0.58 7.14
N GLY A 10 6.18 -1.09 7.96
CA GLY A 10 5.58 -0.29 9.02
C GLY A 10 4.88 0.96 8.50
N GLY A 11 5.07 2.06 9.21
CA GLY A 11 4.44 3.31 8.86
C GLY A 11 4.94 3.93 7.57
N GLU A 12 6.13 3.55 7.12
CA GLU A 12 6.68 4.12 5.88
C GLU A 12 5.84 3.66 4.68
N LEU A 13 5.30 2.45 4.79
CA LEU A 13 4.44 1.91 3.76
C LEU A 13 3.14 2.70 3.70
N VAL A 14 2.62 3.03 4.88
CA VAL A 14 1.40 3.84 4.98
C VAL A 14 1.67 5.22 4.38
N ASP A 15 2.83 5.78 4.66
CA ASP A 15 3.19 7.08 4.13
C ASP A 15 3.23 7.06 2.60
N THR A 16 3.84 6.03 2.02
CA THR A 16 3.91 5.93 0.57
C THR A 16 2.52 5.74 -0.04
N LEU A 17 1.68 4.95 0.63
CA LEU A 17 0.29 4.76 0.18
C LEU A 17 -0.50 6.07 0.23
N GLN A 18 -0.25 6.90 1.24
CA GLN A 18 -0.88 8.22 1.34
C GLN A 18 -0.32 9.16 0.29
N PHE A 19 0.89 8.93 -0.18
CA PHE A 19 1.50 9.79 -1.19
C PHE A 19 0.90 9.54 -2.57
N VAL A 20 0.72 8.29 -2.96
CA VAL A 20 0.25 7.97 -4.32
C VAL A 20 -1.23 8.23 -4.55
N CYS A 21 -2.02 8.25 -3.49
CA CYS A 21 -3.48 8.43 -3.62
C CYS A 21 -4.08 9.43 -2.64
N GLY A 22 -3.24 10.15 -1.93
CA GLY A 22 -3.74 11.07 -0.92
C GLY A 22 -4.19 10.33 0.31
N ASP A 23 -4.68 11.07 1.30
CA ASP A 23 -5.19 10.49 2.54
C ASP A 23 -6.57 9.85 2.34
N ARG A 24 -7.04 9.83 1.09
CA ARG A 24 -8.41 9.39 0.77
C ARG A 24 -8.69 7.94 1.14
N GLY A 25 -7.69 7.07 1.05
CA GLY A 25 -7.85 5.69 1.47
C GLY A 25 -7.19 4.67 0.57
N PHE A 26 -6.91 3.50 1.13
CA PHE A 26 -6.25 2.42 0.41
C PHE A 26 -6.48 1.10 1.16
N TYR A 27 -6.16 0.00 0.49
CA TYR A 27 -6.25 -1.34 1.05
C TYR A 27 -4.89 -1.70 1.66
N PHE A 28 -4.85 -2.68 2.54
CA PHE A 28 -3.56 -3.18 3.07
C PHE A 28 -3.44 -4.70 2.96
N ASN A 29 -4.54 -5.41 3.16
CA ASN A 29 -4.56 -6.88 3.12
C ASN A 29 -5.77 -7.40 2.38
N ARG A 30 -6.32 -6.53 1.54
CA ARG A 30 -7.46 -6.87 0.68
C ARG A 30 -8.61 -7.61 1.38
N PRO A 31 -9.08 -7.09 2.53
CA PRO A 31 -10.03 -7.93 3.25
C PRO A 31 -11.43 -7.93 2.66
N ALA A 32 -11.72 -6.81 2.01
CA ALA A 32 -13.01 -6.53 1.36
C ALA A 32 -14.19 -6.62 2.34
N SER A 33 -13.87 -6.46 3.61
CA SER A 33 -14.83 -6.56 4.69
C SER A 33 -14.18 -5.88 5.88
N ARG A 34 -14.92 -5.71 6.97
CA ARG A 34 -14.37 -5.10 8.19
C ARG A 34 -14.54 -6.01 9.40
N VAL A 35 -14.94 -7.23 9.14
CA VAL A 35 -15.16 -8.21 10.21
C VAL A 35 -13.87 -8.96 10.51
N SER A 36 -12.92 -8.88 9.60
CA SER A 36 -11.63 -9.51 9.77
C SER A 36 -10.57 -8.69 9.07
N ARG A 37 -9.43 -8.56 9.74
CA ARG A 37 -8.26 -7.88 9.18
C ARG A 37 -7.16 -8.91 8.97
N ARG A 38 -7.51 -10.17 9.15
CA ARG A 38 -6.55 -11.28 9.11
C ARG A 38 -7.00 -12.40 8.18
N SER A 39 -7.80 -12.05 7.19
CA SER A 39 -8.24 -13.02 6.19
C SER A 39 -6.99 -13.51 5.44
N PRO A 40 -6.95 -14.80 5.06
CA PRO A 40 -5.75 -15.33 4.39
C PRO A 40 -5.58 -14.89 2.93
N GLN A 41 -4.98 -13.72 2.74
CA GLN A 41 -4.67 -13.19 1.42
C GLN A 41 -3.38 -12.42 1.57
N ARG A 42 -2.66 -12.23 0.47
CA ARG A 42 -1.47 -11.38 0.49
C ARG A 42 -1.89 -9.93 0.61
N GLY A 43 -1.03 -9.17 1.25
CA GLY A 43 -1.22 -7.73 1.35
C GLY A 43 -0.10 -6.96 0.72
N ILE A 44 -0.23 -5.64 0.76
CA ILE A 44 0.79 -4.74 0.22
C ILE A 44 2.09 -4.92 1.02
N VAL A 45 1.96 -5.29 2.28
CA VAL A 45 3.13 -5.52 3.13
C VAL A 45 3.95 -6.69 2.58
N GLU A 46 3.31 -7.70 2.01
CA GLU A 46 4.07 -8.80 1.44
C GLU A 46 4.74 -8.40 0.16
N GLU A 47 4.16 -7.41 -0.53
CA GLU A 47 4.72 -6.96 -1.79
C GLU A 47 5.83 -5.92 -1.62
N CYS A 48 5.76 -5.11 -0.56
CA CYS A 48 6.71 -4.01 -0.36
C CYS A 48 7.65 -4.13 0.83
N CYS A 49 7.39 -5.06 1.75
CA CYS A 49 8.27 -5.26 2.91
C CYS A 49 8.99 -6.61 2.80
N PHE A 50 8.24 -7.65 2.47
CA PHE A 50 8.84 -8.98 2.28
C PHE A 50 9.39 -9.13 0.86
N ARG A 51 9.03 -8.21 -0.02
CA ARG A 51 9.47 -8.21 -1.42
C ARG A 51 9.69 -6.77 -1.86
N SER A 52 10.19 -6.64 -3.07
CA SER A 52 10.36 -5.34 -3.70
C SER A 52 9.08 -4.93 -4.42
N CYS A 53 8.82 -3.63 -4.44
CA CYS A 53 7.68 -3.09 -5.17
C CYS A 53 8.11 -1.72 -5.68
N ASP A 54 7.19 -1.04 -6.36
CA ASP A 54 7.45 0.30 -6.88
C ASP A 54 6.13 1.04 -6.66
N LEU A 55 6.14 2.36 -6.82
CA LEU A 55 4.95 3.19 -6.62
C LEU A 55 3.81 2.74 -7.50
N ALA A 56 4.13 2.21 -8.66
CA ALA A 56 3.16 1.78 -9.63
C ALA A 56 2.41 0.53 -9.12
N LEU A 57 3.13 -0.41 -8.55
CA LEU A 57 2.52 -1.61 -7.97
C LEU A 57 1.70 -1.20 -6.76
N LEU A 58 2.28 -0.31 -5.96
CA LEU A 58 1.69 0.15 -4.74
C LEU A 58 0.38 0.91 -4.96
N GLU A 59 0.30 1.65 -6.06
CA GLU A 59 -0.90 2.42 -6.40
C GLU A 59 -2.12 1.52 -6.62
N THR A 60 -1.90 0.27 -7.02
CA THR A 60 -3.02 -0.64 -7.27
C THR A 60 -3.82 -0.95 -6.01
N TYR A 61 -3.22 -0.72 -4.84
CA TYR A 61 -3.92 -0.93 -3.58
C TYR A 61 -4.75 0.30 -3.19
N CYS A 62 -4.83 1.31 -4.02
CA CYS A 62 -5.65 2.49 -3.71
C CYS A 62 -7.12 2.08 -3.63
N ALA A 63 -7.89 2.85 -2.88
CA ALA A 63 -9.30 2.58 -2.67
C ALA A 63 -10.19 3.00 -3.87
N THR A 64 -9.58 3.48 -4.94
CA THR A 64 -10.32 3.86 -6.13
C THR A 64 -9.39 3.55 -7.32
N PRO A 65 -9.95 3.18 -8.48
CA PRO A 65 -9.11 2.87 -9.64
C PRO A 65 -8.59 4.12 -10.36
N ALA A 66 -7.57 3.93 -11.18
CA ALA A 66 -7.05 5.00 -12.00
C ALA A 66 -8.06 5.27 -13.13
N LYS A 67 -8.16 6.53 -13.56
CA LYS A 67 -9.16 6.91 -14.58
C LYS A 67 -8.54 7.02 -15.98
N SER A 68 -7.29 6.62 -16.09
CA SER A 68 -6.53 6.70 -17.36
C SER A 68 -6.48 8.14 -17.88
N GLU A 69 -6.31 9.07 -16.94
CA GLU A 69 -6.18 10.49 -17.27
C GLU A 69 -4.69 10.83 -17.32
N ALA A 1 21.79 4.05 -10.19
CA ALA A 1 21.83 4.82 -8.90
C ALA A 1 21.46 3.91 -7.75
N TYR A 2 21.72 4.35 -6.53
CA TYR A 2 21.42 3.54 -5.33
C TYR A 2 20.41 4.28 -4.46
N ARG A 3 19.51 3.53 -3.83
CA ARG A 3 18.59 4.07 -2.83
C ARG A 3 18.66 3.10 -1.67
N PRO A 4 18.67 3.59 -0.43
CA PRO A 4 18.70 2.68 0.72
C PRO A 4 17.35 2.00 0.99
N SER A 5 16.28 2.62 0.52
CA SER A 5 14.93 2.13 0.77
C SER A 5 14.21 1.81 -0.53
N GLU A 6 14.35 0.57 -0.99
CA GLU A 6 13.63 0.09 -2.17
C GLU A 6 12.48 -0.80 -1.70
N THR A 7 12.37 -0.91 -0.38
CA THR A 7 11.33 -1.68 0.28
C THR A 7 10.70 -0.77 1.30
N LEU A 8 9.46 -1.06 1.68
CA LEU A 8 8.74 -0.28 2.67
C LEU A 8 8.07 -1.19 3.65
N CYS A 9 8.08 -0.74 4.88
CA CYS A 9 7.50 -1.52 5.97
C CYS A 9 6.83 -0.58 6.95
N GLY A 10 5.85 -1.10 7.68
CA GLY A 10 5.19 -0.31 8.72
C GLY A 10 4.66 1.03 8.23
N GLY A 11 4.96 2.06 9.00
CA GLY A 11 4.51 3.40 8.68
C GLY A 11 5.07 3.97 7.40
N GLU A 12 6.23 3.52 6.96
CA GLU A 12 6.81 4.04 5.71
C GLU A 12 5.98 3.60 4.52
N LEU A 13 5.38 2.42 4.63
CA LEU A 13 4.53 1.91 3.56
C LEU A 13 3.23 2.69 3.53
N VAL A 14 2.72 2.98 4.72
CA VAL A 14 1.49 3.77 4.87
C VAL A 14 1.69 5.19 4.34
N ASP A 15 2.84 5.77 4.64
CA ASP A 15 3.16 7.12 4.18
C ASP A 15 3.13 7.17 2.65
N THR A 16 3.77 6.21 2.02
CA THR A 16 3.80 6.16 0.56
C THR A 16 2.41 5.91 -0.02
N LEU A 17 1.61 5.08 0.64
CA LEU A 17 0.25 4.82 0.19
C LEU A 17 -0.60 6.09 0.25
N GLN A 18 -0.37 6.93 1.25
CA GLN A 18 -1.04 8.24 1.31
C GLN A 18 -0.52 9.14 0.19
N PHE A 19 0.78 9.07 -0.10
CA PHE A 19 1.37 9.90 -1.14
C PHE A 19 0.81 9.62 -2.54
N VAL A 20 0.66 8.35 -2.92
CA VAL A 20 0.23 8.01 -4.29
C VAL A 20 -1.26 8.26 -4.55
N CYS A 21 -2.06 8.29 -3.49
CA CYS A 21 -3.53 8.39 -3.64
C CYS A 21 -4.27 9.45 -2.82
N GLY A 22 -3.63 10.06 -1.85
CA GLY A 22 -4.27 11.12 -1.09
C GLY A 22 -5.55 10.71 -0.41
N ASP A 23 -6.56 11.56 -0.52
CA ASP A 23 -7.86 11.34 0.12
C ASP A 23 -8.69 10.23 -0.53
N ARG A 24 -8.18 9.64 -1.60
CA ARG A 24 -8.87 8.53 -2.26
C ARG A 24 -8.76 7.28 -1.41
N GLY A 25 -7.80 7.28 -0.50
CA GLY A 25 -7.64 6.17 0.43
C GLY A 25 -6.96 4.97 -0.19
N PHE A 26 -6.70 3.99 0.65
CA PHE A 26 -6.02 2.76 0.23
C PHE A 26 -6.38 1.64 1.21
N TYR A 27 -5.96 0.42 0.89
CA TYR A 27 -6.11 -0.71 1.80
C TYR A 27 -4.81 -1.48 1.83
N PHE A 28 -4.62 -2.30 2.87
CA PHE A 28 -3.40 -3.09 2.97
C PHE A 28 -3.70 -4.49 2.52
N ASN A 29 -4.90 -4.95 2.85
CA ASN A 29 -5.27 -6.36 2.76
C ASN A 29 -6.40 -6.66 1.80
N ARG A 30 -6.61 -5.75 0.85
CA ARG A 30 -7.59 -5.94 -0.23
C ARG A 30 -8.94 -6.45 0.24
N PRO A 31 -9.57 -5.71 1.17
CA PRO A 31 -10.79 -6.30 1.69
C PRO A 31 -11.98 -6.21 0.76
N ALA A 32 -12.06 -5.07 0.07
CA ALA A 32 -13.13 -4.72 -0.88
C ALA A 32 -14.56 -4.94 -0.36
N SER A 33 -14.74 -4.87 0.94
CA SER A 33 -16.06 -5.03 1.58
C SER A 33 -16.16 -4.35 2.93
N ARG A 34 -15.14 -3.56 3.21
CA ARG A 34 -14.97 -2.73 4.41
C ARG A 34 -14.86 -3.54 5.68
N VAL A 35 -14.66 -4.84 5.49
CA VAL A 35 -14.57 -5.77 6.62
C VAL A 35 -13.15 -5.95 7.15
N SER A 36 -12.19 -5.45 6.38
CA SER A 36 -10.74 -5.60 6.67
C SER A 36 -10.35 -7.07 6.88
N ARG A 37 -11.14 -7.96 6.30
CA ARG A 37 -11.02 -9.42 6.39
C ARG A 37 -11.05 -10.02 7.80
N ARG A 38 -11.17 -9.17 8.82
CA ARG A 38 -11.20 -9.57 10.24
C ARG A 38 -10.05 -10.50 10.64
N SER A 39 -8.93 -10.38 9.96
CA SER A 39 -7.78 -11.25 10.21
C SER A 39 -6.53 -10.58 9.62
N PRO A 40 -5.37 -10.68 10.30
CA PRO A 40 -4.15 -10.16 9.66
C PRO A 40 -3.76 -11.05 8.47
N GLN A 41 -4.02 -10.57 7.27
CA GLN A 41 -3.87 -11.38 6.07
C GLN A 41 -2.86 -10.79 5.09
N ARG A 42 -2.68 -11.47 3.97
CA ARG A 42 -1.70 -11.08 2.97
C ARG A 42 -2.05 -9.74 2.32
N GLY A 43 -1.09 -9.12 1.65
CA GLY A 43 -1.36 -7.82 1.04
C GLY A 43 -0.12 -7.07 0.61
N ILE A 44 -0.23 -5.74 0.59
CA ILE A 44 0.85 -4.85 0.14
C ILE A 44 2.11 -5.03 0.98
N VAL A 45 1.95 -5.39 2.24
CA VAL A 45 3.10 -5.62 3.11
C VAL A 45 3.95 -6.78 2.59
N GLU A 46 3.34 -7.76 1.95
CA GLU A 46 4.12 -8.86 1.39
C GLU A 46 4.81 -8.40 0.11
N GLU A 47 4.18 -7.47 -0.60
CA GLU A 47 4.74 -6.97 -1.85
C GLU A 47 5.90 -6.00 -1.63
N CYS A 48 5.81 -5.19 -0.58
CA CYS A 48 6.79 -4.13 -0.36
C CYS A 48 7.76 -4.32 0.82
N CYS A 49 7.43 -5.18 1.78
CA CYS A 49 8.30 -5.39 2.94
C CYS A 49 9.01 -6.73 2.84
N PHE A 50 8.28 -7.77 2.48
CA PHE A 50 8.86 -9.11 2.32
C PHE A 50 9.44 -9.28 0.91
N ARG A 51 9.06 -8.37 0.01
CA ARG A 51 9.56 -8.34 -1.37
C ARG A 51 9.81 -6.88 -1.67
N SER A 52 10.21 -6.58 -2.88
CA SER A 52 10.46 -5.20 -3.31
C SER A 52 9.33 -4.78 -4.24
N CYS A 53 8.96 -3.51 -4.20
CA CYS A 53 7.86 -3.00 -5.01
C CYS A 53 8.19 -1.60 -5.53
N ASP A 54 7.29 -1.04 -6.31
CA ASP A 54 7.43 0.31 -6.86
C ASP A 54 6.12 1.05 -6.60
N LEU A 55 6.13 2.38 -6.75
CA LEU A 55 4.94 3.21 -6.54
C LEU A 55 3.79 2.78 -7.43
N ALA A 56 4.11 2.29 -8.61
CA ALA A 56 3.10 1.88 -9.57
C ALA A 56 2.38 0.62 -9.09
N LEU A 57 3.14 -0.32 -8.54
CA LEU A 57 2.57 -1.55 -7.98
C LEU A 57 1.74 -1.17 -6.76
N LEU A 58 2.29 -0.28 -5.96
CA LEU A 58 1.70 0.19 -4.74
C LEU A 58 0.37 0.91 -4.95
N GLU A 59 0.26 1.67 -6.05
CA GLU A 59 -0.96 2.41 -6.39
C GLU A 59 -2.16 1.48 -6.61
N THR A 60 -1.93 0.24 -6.98
CA THR A 60 -3.02 -0.71 -7.22
C THR A 60 -3.82 -1.02 -5.95
N TYR A 61 -3.24 -0.72 -4.80
CA TYR A 61 -3.89 -0.96 -3.51
C TYR A 61 -4.76 0.20 -3.04
N CYS A 62 -4.97 1.20 -3.90
CA CYS A 62 -5.82 2.33 -3.54
C CYS A 62 -7.30 1.92 -3.42
N ALA A 63 -8.03 2.66 -2.60
CA ALA A 63 -9.41 2.33 -2.26
C ALA A 63 -10.41 2.87 -3.28
N THR A 64 -9.91 3.30 -4.42
CA THR A 64 -10.73 3.85 -5.49
C THR A 64 -10.20 3.23 -6.78
N PRO A 65 -11.04 3.09 -7.81
CA PRO A 65 -10.61 2.45 -9.06
C PRO A 65 -9.71 3.33 -9.91
N ALA A 66 -8.96 2.69 -10.79
CA ALA A 66 -8.13 3.41 -11.74
C ALA A 66 -9.07 4.16 -12.69
N LYS A 67 -8.67 5.36 -13.09
CA LYS A 67 -9.50 6.21 -13.94
C LYS A 67 -8.87 6.36 -15.33
N SER A 68 -8.40 5.24 -15.85
CA SER A 68 -7.78 5.19 -17.17
C SER A 68 -8.86 5.11 -18.24
N GLU A 69 -9.31 6.25 -18.73
CA GLU A 69 -10.33 6.34 -19.78
C GLU A 69 -9.94 7.51 -20.65
N ALA A 1 23.66 7.20 5.66
CA ALA A 1 23.76 7.32 4.18
C ALA A 1 22.41 7.02 3.55
N TYR A 2 22.15 7.59 2.39
CA TYR A 2 20.89 7.37 1.69
C TYR A 2 20.78 5.93 1.19
N ARG A 3 19.55 5.42 1.12
CA ARG A 3 19.24 4.13 0.52
C ARG A 3 18.10 4.45 -0.42
N PRO A 4 17.96 3.72 -1.53
CA PRO A 4 16.80 3.99 -2.40
C PRO A 4 15.48 3.60 -1.79
N SER A 5 15.54 2.74 -0.78
CA SER A 5 14.37 2.28 -0.01
C SER A 5 13.30 1.71 -0.93
N GLU A 6 13.71 0.71 -1.68
CA GLU A 6 12.85 -0.02 -2.62
C GLU A 6 11.95 -1.01 -1.86
N THR A 7 12.10 -1.01 -0.54
CA THR A 7 11.27 -1.79 0.37
C THR A 7 10.75 -0.83 1.42
N LEU A 8 9.53 -1.07 1.88
CA LEU A 8 8.89 -0.24 2.88
C LEU A 8 8.25 -1.06 3.95
N CYS A 9 8.30 -0.54 5.16
CA CYS A 9 7.69 -1.22 6.31
C CYS A 9 7.56 -0.31 7.52
N GLY A 10 6.96 -0.82 8.59
CA GLY A 10 6.83 -0.09 9.86
C GLY A 10 5.83 1.04 9.92
N GLY A 11 5.86 1.85 8.90
CA GLY A 11 5.03 3.03 8.78
C GLY A 11 5.36 3.77 7.50
N GLU A 12 6.56 3.54 6.97
CA GLU A 12 7.01 4.13 5.70
C GLU A 12 6.06 3.73 4.59
N LEU A 13 5.57 2.49 4.69
CA LEU A 13 4.67 1.95 3.69
C LEU A 13 3.36 2.74 3.70
N VAL A 14 2.86 3.04 4.88
CA VAL A 14 1.59 3.77 5.00
C VAL A 14 1.75 5.18 4.45
N ASP A 15 2.89 5.81 4.71
CA ASP A 15 3.16 7.15 4.21
C ASP A 15 3.15 7.15 2.68
N THR A 16 3.81 6.18 2.08
CA THR A 16 3.83 6.07 0.62
C THR A 16 2.44 5.79 0.05
N LEU A 17 1.64 4.98 0.73
CA LEU A 17 0.28 4.70 0.28
C LEU A 17 -0.57 5.97 0.33
N GLN A 18 -0.35 6.80 1.34
CA GLN A 18 -1.05 8.08 1.44
C GLN A 18 -0.56 9.03 0.34
N PHE A 19 0.69 8.93 -0.05
CA PHE A 19 1.21 9.76 -1.13
C PHE A 19 0.61 9.40 -2.49
N VAL A 20 0.61 8.12 -2.87
CA VAL A 20 0.12 7.75 -4.21
C VAL A 20 -1.41 7.82 -4.32
N CYS A 21 -2.11 7.59 -3.21
CA CYS A 21 -3.58 7.53 -3.24
C CYS A 21 -4.24 8.80 -2.70
N GLY A 22 -3.47 9.67 -2.08
CA GLY A 22 -4.02 10.86 -1.46
C GLY A 22 -4.77 10.53 -0.18
N ASP A 23 -5.58 11.48 0.26
CA ASP A 23 -6.40 11.32 1.47
C ASP A 23 -7.58 10.39 1.20
N ARG A 24 -7.73 10.01 -0.06
CA ARG A 24 -8.89 9.22 -0.52
C ARG A 24 -8.89 7.80 0.01
N GLY A 25 -7.77 7.39 0.59
CA GLY A 25 -7.68 6.11 1.25
C GLY A 25 -7.21 4.98 0.35
N PHE A 26 -6.88 3.87 0.98
CA PHE A 26 -6.32 2.71 0.30
C PHE A 26 -6.57 1.47 1.14
N TYR A 27 -6.31 0.33 0.54
CA TYR A 27 -6.40 -0.95 1.21
C TYR A 27 -4.98 -1.41 1.52
N PHE A 28 -4.79 -2.17 2.58
CA PHE A 28 -3.46 -2.75 2.84
C PHE A 28 -3.50 -4.20 2.37
N ASN A 29 -4.66 -4.80 2.53
CA ASN A 29 -4.84 -6.22 2.28
C ASN A 29 -6.19 -6.55 1.72
N ARG A 30 -6.82 -5.51 1.16
CA ARG A 30 -8.11 -5.63 0.49
C ARG A 30 -9.11 -6.60 1.14
N PRO A 31 -9.32 -6.48 2.47
CA PRO A 31 -9.99 -7.61 3.11
C PRO A 31 -11.50 -7.58 3.09
N ALA A 32 -12.02 -6.37 3.25
CA ALA A 32 -13.46 -6.07 3.37
C ALA A 32 -14.20 -6.90 4.42
N SER A 33 -13.42 -7.46 5.33
CA SER A 33 -13.93 -8.38 6.36
C SER A 33 -13.96 -7.77 7.75
N ARG A 34 -13.69 -6.49 7.74
CA ARG A 34 -13.76 -5.59 8.89
C ARG A 34 -12.83 -5.99 10.01
N VAL A 35 -11.79 -6.70 9.62
CA VAL A 35 -10.77 -7.18 10.53
C VAL A 35 -9.95 -6.07 11.16
N SER A 36 -10.03 -4.88 10.54
CA SER A 36 -9.33 -3.68 10.97
C SER A 36 -7.82 -3.86 10.94
N ARG A 37 -7.12 -2.83 11.38
CA ARG A 37 -5.65 -2.84 11.44
C ARG A 37 -5.14 -3.71 12.60
N ARG A 38 -6.06 -4.36 13.30
CA ARG A 38 -5.68 -5.28 14.38
C ARG A 38 -5.19 -6.61 13.80
N SER A 39 -5.50 -6.86 12.53
CA SER A 39 -5.09 -8.10 11.88
C SER A 39 -4.19 -7.78 10.66
N PRO A 40 -2.88 -8.09 10.75
CA PRO A 40 -1.99 -7.83 9.62
C PRO A 40 -2.10 -8.89 8.51
N GLN A 41 -3.24 -8.91 7.82
CA GLN A 41 -3.47 -9.89 6.76
C GLN A 41 -2.57 -9.60 5.55
N ARG A 42 -2.37 -10.62 4.74
CA ARG A 42 -1.49 -10.57 3.56
C ARG A 42 -1.96 -9.54 2.54
N GLY A 43 -1.02 -8.85 1.92
CA GLY A 43 -1.35 -7.80 0.97
C GLY A 43 -0.13 -7.01 0.54
N ILE A 44 -0.23 -5.69 0.52
CA ILE A 44 0.87 -4.82 0.08
C ILE A 44 2.11 -5.03 0.95
N VAL A 45 1.91 -5.37 2.20
CA VAL A 45 3.03 -5.63 3.11
C VAL A 45 3.89 -6.79 2.59
N GLU A 46 3.30 -7.79 1.96
CA GLU A 46 4.08 -8.90 1.43
C GLU A 46 4.80 -8.49 0.16
N GLU A 47 4.26 -7.50 -0.53
CA GLU A 47 4.84 -7.05 -1.79
C GLU A 47 5.91 -5.96 -1.59
N CYS A 48 5.82 -5.21 -0.51
CA CYS A 48 6.75 -4.11 -0.25
C CYS A 48 7.66 -4.27 0.99
N CYS A 49 7.32 -5.15 1.92
CA CYS A 49 8.18 -5.36 3.11
C CYS A 49 8.91 -6.71 2.99
N PHE A 50 8.19 -7.74 2.57
CA PHE A 50 8.81 -9.06 2.38
C PHE A 50 9.45 -9.15 0.98
N ARG A 51 9.10 -8.20 0.12
CA ARG A 51 9.63 -8.11 -1.24
C ARG A 51 9.80 -6.63 -1.54
N SER A 52 10.37 -6.32 -2.70
CA SER A 52 10.53 -4.95 -3.15
C SER A 52 9.36 -4.59 -4.07
N CYS A 53 8.98 -3.33 -4.11
CA CYS A 53 7.88 -2.87 -4.95
C CYS A 53 8.18 -1.48 -5.51
N ASP A 54 7.28 -0.97 -6.34
CA ASP A 54 7.40 0.35 -6.95
C ASP A 54 6.09 1.09 -6.70
N LEU A 55 6.09 2.41 -6.87
CA LEU A 55 4.88 3.23 -6.68
C LEU A 55 3.74 2.76 -7.57
N ALA A 56 4.06 2.25 -8.75
CA ALA A 56 3.06 1.83 -9.70
C ALA A 56 2.36 0.54 -9.22
N LEU A 57 3.13 -0.36 -8.64
CA LEU A 57 2.58 -1.59 -8.05
C LEU A 57 1.73 -1.18 -6.85
N LEU A 58 2.29 -0.29 -6.05
CA LEU A 58 1.67 0.15 -4.82
C LEU A 58 0.34 0.86 -5.04
N GLU A 59 0.25 1.63 -6.11
CA GLU A 59 -0.96 2.37 -6.47
C GLU A 59 -2.18 1.49 -6.71
N THR A 60 -1.96 0.23 -7.08
CA THR A 60 -3.06 -0.70 -7.32
C THR A 60 -3.91 -0.96 -6.08
N TYR A 61 -3.37 -0.63 -4.91
CA TYR A 61 -4.09 -0.82 -3.64
C TYR A 61 -4.94 0.40 -3.24
N CYS A 62 -4.98 1.45 -4.04
CA CYS A 62 -5.81 2.63 -3.71
C CYS A 62 -7.28 2.24 -3.62
N ALA A 63 -8.03 2.94 -2.77
CA ALA A 63 -9.42 2.57 -2.51
C ALA A 63 -10.37 3.00 -3.62
N THR A 64 -9.92 3.90 -4.47
CA THR A 64 -10.71 4.40 -5.59
C THR A 64 -9.68 4.82 -6.64
N PRO A 65 -10.03 4.77 -7.93
CA PRO A 65 -9.06 5.17 -8.96
C PRO A 65 -8.88 6.68 -9.07
N ALA A 66 -7.76 7.08 -9.63
CA ALA A 66 -7.49 8.49 -9.89
C ALA A 66 -8.11 8.88 -11.22
N LYS A 67 -8.25 10.18 -11.45
CA LYS A 67 -8.66 10.69 -12.75
C LYS A 67 -7.91 12.00 -12.99
N SER A 68 -6.98 11.97 -13.91
CA SER A 68 -6.14 13.13 -14.23
C SER A 68 -6.73 13.93 -15.39
N GLU A 69 -8.06 13.98 -15.42
CA GLU A 69 -8.84 14.60 -16.50
C GLU A 69 -8.50 13.94 -17.85
N ALA A 1 22.82 9.95 5.30
CA ALA A 1 22.95 9.95 3.82
C ALA A 1 21.74 9.31 3.18
N TYR A 2 21.47 9.63 1.93
CA TYR A 2 20.32 9.06 1.21
C TYR A 2 20.55 7.56 0.95
N ARG A 3 19.46 6.80 0.93
CA ARG A 3 19.48 5.39 0.57
C ARG A 3 18.22 5.22 -0.30
N PRO A 4 18.22 4.27 -1.24
CA PRO A 4 17.06 4.20 -2.16
C PRO A 4 15.74 3.74 -1.56
N SER A 5 15.78 2.92 -0.51
CA SER A 5 14.58 2.43 0.18
C SER A 5 13.53 1.81 -0.76
N GLU A 6 13.95 0.82 -1.54
CA GLU A 6 13.06 0.11 -2.48
C GLU A 6 12.10 -0.85 -1.78
N THR A 7 12.22 -0.92 -0.46
CA THR A 7 11.36 -1.74 0.38
C THR A 7 10.74 -0.83 1.42
N LEU A 8 9.50 -1.11 1.76
CA LEU A 8 8.76 -0.34 2.75
C LEU A 8 8.03 -1.25 3.69
N CYS A 9 8.01 -0.84 4.94
CA CYS A 9 7.39 -1.61 6.00
C CYS A 9 6.43 -0.75 6.81
N GLY A 10 5.99 -1.26 7.97
CA GLY A 10 4.99 -0.58 8.77
C GLY A 10 5.32 0.86 9.11
N GLY A 11 4.55 1.78 8.53
CA GLY A 11 4.77 3.20 8.71
C GLY A 11 5.22 3.83 7.42
N GLU A 12 6.37 3.43 6.89
CA GLU A 12 6.87 4.02 5.64
C GLU A 12 5.96 3.66 4.48
N LEU A 13 5.46 2.43 4.51
CA LEU A 13 4.57 1.93 3.46
C LEU A 13 3.26 2.69 3.49
N VAL A 14 2.80 2.99 4.70
CA VAL A 14 1.55 3.73 4.89
C VAL A 14 1.72 5.14 4.34
N ASP A 15 2.85 5.77 4.62
CA ASP A 15 3.07 7.13 4.15
C ASP A 15 3.12 7.17 2.62
N THR A 16 3.76 6.19 2.02
CA THR A 16 3.82 6.11 0.57
C THR A 16 2.44 5.84 -0.03
N LEU A 17 1.63 5.01 0.63
CA LEU A 17 0.27 4.76 0.17
C LEU A 17 -0.56 6.03 0.26
N GLN A 18 -0.35 6.82 1.30
CA GLN A 18 -1.02 8.11 1.42
C GLN A 18 -0.54 9.06 0.32
N PHE A 19 0.72 8.96 -0.07
CA PHE A 19 1.23 9.80 -1.16
C PHE A 19 0.60 9.46 -2.52
N VAL A 20 0.58 8.19 -2.91
CA VAL A 20 0.07 7.82 -4.23
C VAL A 20 -1.48 7.93 -4.30
N CYS A 21 -2.15 7.69 -3.17
CA CYS A 21 -3.62 7.65 -3.14
C CYS A 21 -4.27 8.93 -2.60
N GLY A 22 -3.60 9.67 -1.73
CA GLY A 22 -4.20 10.85 -1.14
C GLY A 22 -5.49 10.52 -0.41
N ASP A 23 -6.42 11.46 -0.45
CA ASP A 23 -7.72 11.33 0.22
C ASP A 23 -8.62 10.24 -0.37
N ARG A 24 -8.19 9.62 -1.47
CA ARG A 24 -8.98 8.54 -2.09
C ARG A 24 -8.95 7.31 -1.20
N GLY A 25 -7.97 7.24 -0.31
CA GLY A 25 -7.86 6.12 0.60
C GLY A 25 -7.21 4.92 -0.06
N PHE A 26 -6.92 3.91 0.74
CA PHE A 26 -6.25 2.71 0.25
C PHE A 26 -6.57 1.49 1.10
N TYR A 27 -6.22 0.33 0.57
CA TYR A 27 -6.35 -0.94 1.27
C TYR A 27 -4.93 -1.40 1.58
N PHE A 28 -4.75 -2.32 2.52
CA PHE A 28 -3.42 -2.86 2.77
C PHE A 28 -3.43 -4.26 2.19
N ASN A 29 -4.55 -4.93 2.36
CA ASN A 29 -4.73 -6.30 1.92
C ASN A 29 -6.11 -6.57 1.39
N ARG A 30 -6.74 -5.50 0.92
CA ARG A 30 -8.07 -5.56 0.27
C ARG A 30 -9.04 -6.51 0.98
N PRO A 31 -9.20 -6.33 2.30
CA PRO A 31 -9.85 -7.44 3.01
C PRO A 31 -11.36 -7.40 2.97
N ALA A 32 -11.83 -6.18 2.77
CA ALA A 32 -13.25 -5.82 2.76
C ALA A 32 -13.97 -6.25 4.05
N SER A 33 -13.18 -6.38 5.10
CA SER A 33 -13.67 -6.81 6.40
C SER A 33 -12.78 -6.20 7.48
N ARG A 34 -13.35 -5.96 8.66
CA ARG A 34 -12.64 -5.29 9.76
C ARG A 34 -12.75 -6.09 11.05
N VAL A 35 -13.11 -7.36 10.90
CA VAL A 35 -13.52 -8.25 12.02
C VAL A 35 -12.77 -8.11 13.35
N SER A 36 -11.45 -7.97 13.31
CA SER A 36 -10.65 -7.80 14.53
C SER A 36 -9.39 -7.01 14.24
N ARG A 37 -9.47 -6.16 13.21
CA ARG A 37 -8.35 -5.37 12.68
C ARG A 37 -7.07 -6.16 12.33
N ARG A 38 -7.15 -7.48 12.29
CA ARG A 38 -6.01 -8.35 12.00
C ARG A 38 -6.21 -9.08 10.67
N SER A 39 -7.12 -8.55 9.86
CA SER A 39 -7.62 -9.20 8.64
C SER A 39 -6.58 -10.01 7.86
N PRO A 40 -6.60 -11.36 8.00
CA PRO A 40 -5.58 -12.18 7.34
C PRO A 40 -5.82 -12.39 5.84
N GLN A 41 -5.13 -11.61 5.05
CA GLN A 41 -5.17 -11.73 3.60
C GLN A 41 -3.85 -11.19 3.10
N ARG A 42 -3.42 -11.63 1.92
CA ARG A 42 -2.17 -11.12 1.36
C ARG A 42 -2.34 -9.66 1.02
N GLY A 43 -1.26 -8.92 1.12
CA GLY A 43 -1.34 -7.49 0.88
C GLY A 43 -0.04 -6.86 0.49
N ILE A 44 -0.08 -5.54 0.36
CA ILE A 44 1.07 -4.74 -0.05
C ILE A 44 2.28 -4.95 0.86
N VAL A 45 2.03 -5.26 2.12
CA VAL A 45 3.12 -5.56 3.05
C VAL A 45 3.94 -6.77 2.56
N GLU A 46 3.32 -7.75 1.92
CA GLU A 46 4.06 -8.89 1.40
C GLU A 46 4.79 -8.49 0.14
N GLU A 47 4.23 -7.53 -0.57
CA GLU A 47 4.82 -7.07 -1.84
C GLU A 47 5.96 -6.07 -1.63
N CYS A 48 5.97 -5.34 -0.52
CA CYS A 48 6.98 -4.31 -0.29
C CYS A 48 7.83 -4.40 1.00
N CYS A 49 7.44 -5.23 1.97
CA CYS A 49 8.24 -5.41 3.19
C CYS A 49 8.92 -6.78 3.15
N PHE A 50 8.23 -7.77 2.59
CA PHE A 50 8.81 -9.11 2.40
C PHE A 50 9.41 -9.24 1.00
N ARG A 51 9.13 -8.26 0.15
CA ARG A 51 9.67 -8.19 -1.22
C ARG A 51 9.91 -6.71 -1.48
N SER A 52 10.29 -6.34 -2.69
CA SER A 52 10.46 -4.96 -3.07
C SER A 52 9.30 -4.56 -3.99
N CYS A 53 8.89 -3.30 -3.97
CA CYS A 53 7.79 -2.84 -4.82
C CYS A 53 8.09 -1.48 -5.43
N ASP A 54 7.20 -1.01 -6.28
CA ASP A 54 7.33 0.29 -6.95
C ASP A 54 6.04 1.06 -6.70
N LEU A 55 6.06 2.38 -6.90
CA LEU A 55 4.87 3.23 -6.70
C LEU A 55 3.70 2.75 -7.52
N ALA A 56 3.98 2.19 -8.69
CA ALA A 56 2.93 1.77 -9.59
C ALA A 56 2.23 0.51 -9.07
N LEU A 57 3.02 -0.42 -8.54
CA LEU A 57 2.47 -1.64 -7.92
C LEU A 57 1.67 -1.22 -6.71
N LEU A 58 2.26 -0.31 -5.95
CA LEU A 58 1.69 0.21 -4.73
C LEU A 58 0.36 0.94 -4.95
N GLU A 59 0.27 1.69 -6.04
CA GLU A 59 -0.93 2.44 -6.39
C GLU A 59 -2.14 1.55 -6.62
N THR A 60 -1.93 0.30 -7.01
CA THR A 60 -3.04 -0.62 -7.25
C THR A 60 -3.83 -0.91 -5.97
N TYR A 61 -3.24 -0.62 -4.81
CA TYR A 61 -3.93 -0.80 -3.54
C TYR A 61 -4.78 0.41 -3.14
N CYS A 62 -4.81 1.46 -3.96
CA CYS A 62 -5.70 2.60 -3.67
C CYS A 62 -7.15 2.11 -3.68
N ALA A 63 -7.99 2.76 -2.88
CA ALA A 63 -9.37 2.35 -2.72
C ALA A 63 -10.23 2.79 -3.90
N THR A 64 -9.74 3.75 -4.66
CA THR A 64 -10.44 4.27 -5.83
C THR A 64 -9.39 4.94 -6.73
N PRO A 65 -9.67 5.05 -8.05
CA PRO A 65 -8.69 5.59 -9.01
C PRO A 65 -8.48 7.11 -8.91
N ALA A 66 -7.39 7.58 -9.50
CA ALA A 66 -7.04 9.00 -9.45
C ALA A 66 -7.96 9.86 -10.32
N LYS A 67 -8.28 11.05 -9.81
CA LYS A 67 -9.02 12.06 -10.56
C LYS A 67 -8.30 13.39 -10.36
N SER A 68 -7.01 13.38 -10.68
CA SER A 68 -6.14 14.55 -10.53
C SER A 68 -5.99 15.27 -11.88
N GLU A 69 -7.08 15.27 -12.65
CA GLU A 69 -7.12 15.87 -13.98
C GLU A 69 -8.52 16.43 -14.11
N ALA A 1 22.70 6.64 6.09
CA ALA A 1 22.46 7.63 4.98
C ALA A 1 21.16 7.30 4.27
N TYR A 2 20.78 8.14 3.31
CA TYR A 2 19.58 7.89 2.50
C TYR A 2 19.83 6.66 1.64
N ARG A 3 18.76 5.94 1.33
CA ARG A 3 18.82 4.74 0.50
C ARG A 3 17.65 4.88 -0.45
N PRO A 4 17.75 4.33 -1.69
CA PRO A 4 16.61 4.45 -2.61
C PRO A 4 15.38 3.67 -2.16
N SER A 5 15.61 2.66 -1.32
CA SER A 5 14.54 1.94 -0.62
C SER A 5 13.40 1.40 -1.51
N GLU A 6 13.70 0.38 -2.31
CA GLU A 6 12.69 -0.32 -3.11
C GLU A 6 11.80 -1.23 -2.25
N THR A 7 11.88 -1.05 -0.94
CA THR A 7 11.14 -1.82 0.03
C THR A 7 10.61 -0.85 1.06
N LEU A 8 9.42 -1.11 1.55
CA LEU A 8 8.78 -0.30 2.58
C LEU A 8 8.12 -1.20 3.57
N CYS A 9 8.15 -0.77 4.82
CA CYS A 9 7.54 -1.54 5.90
C CYS A 9 6.61 -0.63 6.70
N GLY A 10 6.21 -1.05 7.90
CA GLY A 10 5.24 -0.29 8.68
C GLY A 10 5.60 1.19 8.81
N GLY A 11 4.60 2.05 8.64
CA GLY A 11 4.82 3.48 8.66
C GLY A 11 5.23 4.03 7.31
N GLU A 12 6.39 3.59 6.81
CA GLU A 12 6.91 4.05 5.51
C GLU A 12 5.96 3.69 4.38
N LEU A 13 5.44 2.48 4.44
CA LEU A 13 4.54 1.96 3.41
C LEU A 13 3.23 2.72 3.45
N VAL A 14 2.80 3.05 4.65
CA VAL A 14 1.55 3.80 4.86
C VAL A 14 1.71 5.20 4.29
N ASP A 15 2.82 5.84 4.59
CA ASP A 15 3.07 7.20 4.10
C ASP A 15 3.12 7.23 2.57
N THR A 16 3.75 6.24 1.98
CA THR A 16 3.78 6.14 0.53
C THR A 16 2.39 5.87 -0.05
N LEU A 17 1.61 5.03 0.60
CA LEU A 17 0.23 4.75 0.16
C LEU A 17 -0.63 6.01 0.24
N GLN A 18 -0.43 6.83 1.26
CA GLN A 18 -1.14 8.10 1.37
C GLN A 18 -0.71 9.03 0.23
N PHE A 19 0.54 8.95 -0.19
CA PHE A 19 1.03 9.79 -1.28
C PHE A 19 0.43 9.39 -2.65
N VAL A 20 0.46 8.11 -2.99
CA VAL A 20 -0.01 7.68 -4.33
C VAL A 20 -1.54 7.69 -4.46
N CYS A 21 -2.24 7.64 -3.33
CA CYS A 21 -3.71 7.55 -3.33
C CYS A 21 -4.43 8.80 -2.80
N GLY A 22 -3.69 9.67 -2.13
CA GLY A 22 -4.27 10.80 -1.45
C GLY A 22 -4.83 10.37 -0.10
N ASP A 23 -5.37 11.34 0.64
CA ASP A 23 -5.97 11.08 1.97
C ASP A 23 -7.27 10.26 1.89
N ARG A 24 -7.64 9.89 0.68
CA ARG A 24 -8.87 9.13 0.43
C ARG A 24 -8.82 7.71 0.97
N GLY A 25 -7.63 7.27 1.33
CA GLY A 25 -7.46 5.94 1.90
C GLY A 25 -7.08 4.89 0.87
N PHE A 26 -6.72 3.72 1.38
CA PHE A 26 -6.20 2.64 0.56
C PHE A 26 -6.48 1.30 1.21
N TYR A 27 -6.27 0.24 0.45
CA TYR A 27 -6.39 -1.13 0.90
C TYR A 27 -4.98 -1.53 1.36
N PHE A 28 -4.86 -2.56 2.17
CA PHE A 28 -3.55 -3.08 2.54
C PHE A 28 -3.46 -4.54 2.14
N ASN A 29 -4.60 -5.22 2.22
CA ASN A 29 -4.65 -6.65 2.05
C ASN A 29 -5.89 -7.12 1.31
N ARG A 30 -6.38 -6.24 0.44
CA ARG A 30 -7.51 -6.54 -0.44
C ARG A 30 -8.72 -7.12 0.29
N PRO A 31 -9.19 -6.44 1.34
CA PRO A 31 -10.19 -7.14 2.15
C PRO A 31 -11.61 -7.02 1.64
N ALA A 32 -11.78 -5.98 0.84
CA ALA A 32 -13.06 -5.56 0.25
C ALA A 32 -14.13 -5.28 1.31
N SER A 33 -13.66 -5.01 2.51
CA SER A 33 -14.53 -4.72 3.64
C SER A 33 -13.73 -3.95 4.68
N ARG A 34 -14.38 -3.06 5.41
CA ARG A 34 -13.69 -2.24 6.42
C ARG A 34 -14.43 -2.25 7.75
N VAL A 35 -15.34 -3.20 7.88
CA VAL A 35 -16.31 -3.17 8.97
C VAL A 35 -15.77 -3.41 10.39
N SER A 36 -14.90 -4.40 10.57
CA SER A 36 -14.45 -4.76 11.93
C SER A 36 -13.08 -5.40 12.00
N ARG A 37 -12.22 -5.06 11.04
CA ARG A 37 -10.86 -5.64 10.88
C ARG A 37 -10.74 -7.17 11.05
N ARG A 38 -11.85 -7.90 10.86
CA ARG A 38 -11.89 -9.36 11.07
C ARG A 38 -11.37 -10.16 9.88
N SER A 39 -10.55 -9.54 9.05
CA SER A 39 -10.00 -10.20 7.87
C SER A 39 -8.51 -9.84 7.73
N PRO A 40 -7.63 -10.49 8.54
CA PRO A 40 -6.19 -10.21 8.48
C PRO A 40 -5.49 -10.91 7.29
N GLN A 41 -5.97 -10.60 6.09
CA GLN A 41 -5.42 -11.16 4.87
C GLN A 41 -4.04 -10.57 4.57
N ARG A 42 -3.42 -11.09 3.52
CA ARG A 42 -2.08 -10.66 3.09
C ARG A 42 -2.19 -9.70 1.91
N GLY A 43 -1.15 -8.91 1.66
CA GLY A 43 -1.20 -7.92 0.59
C GLY A 43 0.06 -7.12 0.34
N ILE A 44 -0.07 -5.79 0.30
CA ILE A 44 1.03 -4.89 -0.05
C ILE A 44 2.24 -5.03 0.87
N VAL A 45 2.00 -5.33 2.14
CA VAL A 45 3.11 -5.53 3.07
C VAL A 45 3.98 -6.71 2.62
N GLU A 46 3.40 -7.74 2.04
CA GLU A 46 4.19 -8.85 1.55
C GLU A 46 4.86 -8.48 0.23
N GLU A 47 4.23 -7.60 -0.52
CA GLU A 47 4.79 -7.14 -1.80
C GLU A 47 5.95 -6.17 -1.60
N CYS A 48 5.94 -5.38 -0.53
CA CYS A 48 6.96 -4.35 -0.33
C CYS A 48 7.84 -4.44 0.92
N CYS A 49 7.47 -5.22 1.93
CA CYS A 49 8.33 -5.38 3.11
C CYS A 49 9.02 -6.74 3.06
N PHE A 50 8.29 -7.76 2.62
CA PHE A 50 8.87 -9.11 2.46
C PHE A 50 9.44 -9.30 1.05
N ARG A 51 9.08 -8.41 0.14
CA ARG A 51 9.59 -8.40 -1.24
C ARG A 51 9.78 -6.95 -1.60
N SER A 52 10.18 -6.67 -2.83
CA SER A 52 10.37 -5.31 -3.31
C SER A 52 9.16 -4.85 -4.13
N CYS A 53 8.84 -3.58 -4.06
CA CYS A 53 7.73 -3.03 -4.87
C CYS A 53 8.10 -1.64 -5.41
N ASP A 54 7.21 -1.08 -6.21
CA ASP A 54 7.40 0.25 -6.81
C ASP A 54 6.10 1.02 -6.56
N LEU A 55 6.13 2.35 -6.70
CA LEU A 55 4.95 3.20 -6.48
C LEU A 55 3.78 2.79 -7.35
N ALA A 56 4.07 2.27 -8.53
CA ALA A 56 3.05 1.91 -9.48
C ALA A 56 2.31 0.64 -9.00
N LEU A 57 3.08 -0.32 -8.51
CA LEU A 57 2.51 -1.55 -7.96
C LEU A 57 1.71 -1.17 -6.71
N LEU A 58 2.28 -0.29 -5.92
CA LEU A 58 1.70 0.17 -4.70
C LEU A 58 0.38 0.91 -4.90
N GLU A 59 0.30 1.70 -5.96
CA GLU A 59 -0.91 2.45 -6.31
C GLU A 59 -2.12 1.56 -6.62
N THR A 60 -1.90 0.32 -7.00
CA THR A 60 -3.00 -0.59 -7.30
C THR A 60 -3.86 -0.86 -6.06
N TYR A 61 -3.33 -0.57 -4.88
CA TYR A 61 -4.06 -0.76 -3.64
C TYR A 61 -4.91 0.45 -3.23
N CYS A 62 -5.03 1.49 -4.06
CA CYS A 62 -5.87 2.64 -3.69
C CYS A 62 -7.34 2.22 -3.49
N ALA A 63 -8.01 2.88 -2.56
CA ALA A 63 -9.38 2.50 -2.18
C ALA A 63 -10.41 2.80 -3.27
N THR A 64 -10.07 3.75 -4.12
CA THR A 64 -10.96 4.20 -5.18
C THR A 64 -10.03 4.85 -6.23
N PRO A 65 -10.42 4.86 -7.52
CA PRO A 65 -9.54 5.42 -8.56
C PRO A 65 -9.45 6.94 -8.52
N ALA A 66 -8.43 7.50 -9.15
CA ALA A 66 -8.22 8.94 -9.21
C ALA A 66 -9.37 9.63 -9.96
N LYS A 67 -9.58 10.91 -9.68
CA LYS A 67 -10.64 11.71 -10.31
C LYS A 67 -10.01 12.62 -11.36
N SER A 68 -9.00 12.10 -12.04
CA SER A 68 -8.13 12.85 -12.97
C SER A 68 -7.34 13.90 -12.17
N GLU A 69 -7.29 13.66 -10.87
CA GLU A 69 -6.59 14.47 -9.88
C GLU A 69 -6.49 13.48 -8.73
#